data_8F0Z
# 
_entry.id   8F0Z 
# 
_audit_conform.dict_name       mmcif_pdbx.dic 
_audit_conform.dict_version    5.398 
_audit_conform.dict_location   http://mmcif.pdb.org/dictionaries/ascii/mmcif_pdbx.dic 
# 
loop_
_database_2.database_id 
_database_2.database_code 
_database_2.pdbx_database_accession 
_database_2.pdbx_DOI 
PDB   8F0Z         pdb_00008f0z 10.2210/pdb8f0z/pdb 
WWPDB D_1000269621 ?            ?                   
# 
loop_
_pdbx_audit_revision_history.ordinal 
_pdbx_audit_revision_history.data_content_type 
_pdbx_audit_revision_history.major_revision 
_pdbx_audit_revision_history.minor_revision 
_pdbx_audit_revision_history.revision_date 
1 'Structure model' 1 0 2023-02-15 
2 'Structure model' 1 1 2023-10-25 
3 'Structure model' 1 2 2023-11-15 
4 'Structure model' 1 3 2024-11-06 
# 
_pdbx_audit_revision_details.ordinal             1 
_pdbx_audit_revision_details.revision_ordinal    1 
_pdbx_audit_revision_details.data_content_type   'Structure model' 
_pdbx_audit_revision_details.provider            repository 
_pdbx_audit_revision_details.type                'Initial release' 
_pdbx_audit_revision_details.description         ? 
_pdbx_audit_revision_details.details             ? 
# 
loop_
_pdbx_audit_revision_group.ordinal 
_pdbx_audit_revision_group.revision_ordinal 
_pdbx_audit_revision_group.data_content_type 
_pdbx_audit_revision_group.group 
1 2 'Structure model' 'Data collection'        
2 2 'Structure model' 'Refinement description' 
3 3 'Structure model' 'Data collection'        
4 4 'Structure model' 'Structure summary'      
# 
loop_
_pdbx_audit_revision_category.ordinal 
_pdbx_audit_revision_category.revision_ordinal 
_pdbx_audit_revision_category.data_content_type 
_pdbx_audit_revision_category.category 
1 2 'Structure model' chem_comp_atom                
2 2 'Structure model' chem_comp_bond                
3 2 'Structure model' pdbx_initial_refinement_model 
4 3 'Structure model' chem_comp_atom                
5 3 'Structure model' chem_comp_bond                
6 4 'Structure model' pdbx_entry_details            
7 4 'Structure model' pdbx_modification_feature     
# 
loop_
_pdbx_audit_revision_item.ordinal 
_pdbx_audit_revision_item.revision_ordinal 
_pdbx_audit_revision_item.data_content_type 
_pdbx_audit_revision_item.item 
1 3 'Structure model' '_chem_comp_atom.atom_id'                      
2 3 'Structure model' '_chem_comp_bond.atom_id_2'                    
3 4 'Structure model' '_pdbx_entry_details.has_protein_modification' 
# 
_pdbx_database_status.status_code                     REL 
_pdbx_database_status.status_code_sf                  REL 
_pdbx_database_status.status_code_mr                  ? 
_pdbx_database_status.entry_id                        8F0Z 
_pdbx_database_status.recvd_initial_deposition_date   2022-11-04 
_pdbx_database_status.SG_entry                        N 
_pdbx_database_status.deposit_site                    RCSB 
_pdbx_database_status.process_site                    RCSB 
_pdbx_database_status.status_code_cs                  ? 
_pdbx_database_status.status_code_nmr_data            ? 
_pdbx_database_status.methods_development_category    ? 
_pdbx_database_status.pdb_format_compatible           Y 
# 
_pdbx_contact_author.id                 2 
_pdbx_contact_author.email              jmcgee@fogpharma.com 
_pdbx_contact_author.name_first         John 
_pdbx_contact_author.name_last          McGee 
_pdbx_contact_author.name_mi            H 
_pdbx_contact_author.role               'principal investigator/group leader' 
_pdbx_contact_author.identifier_ORCID   0000-0002-3440-5247 
# 
loop_
_audit_author.name 
_audit_author.pdbx_ordinal 
_audit_author.identifier_ORCID 
'Li, K.'           1 0000-0002-9139-4257 
'Callahan, A.J.'   2 0000-0002-8414-1382 
'Travaline, T.L.'  3 0000-0002-7218-8650 
'Tokareva, O.S.'   4 0000-0002-5413-1650 
'Swiecicki, J.-M.' 5 0000-0002-7139-8621 
'Verdine, G.L.'    6 0000-0002-2195-364X 
'Pentelute, B.L.'  7 0000-0002-7242-801X 
'McGee, J.H.'      8 0000-0002-3440-5247 
# 
_citation.abstract                  ? 
_citation.abstract_id_CAS           ? 
_citation.book_id_ISBN              ? 
_citation.book_publisher            ? 
_citation.book_publisher_city       ? 
_citation.book_title                ? 
_citation.coordinate_linkage        ? 
_citation.country                   US 
_citation.database_id_Medline       ? 
_citation.details                   ? 
_citation.id                        primary 
_citation.journal_abbrev            Chemrxiv 
_citation.journal_id_ASTM           ? 
_citation.journal_id_CSD            ? 
_citation.journal_id_ISSN           2573-2293 
_citation.journal_full              ? 
_citation.journal_issue             ? 
_citation.journal_volume            ? 
_citation.language                  ? 
_citation.page_first                ? 
_citation.page_last                 ? 
_citation.title                     'Single-Shot Flow Synthesis of D-Proteins for Mirror-Image Phage Display' 
_citation.year                      2023 
_citation.database_id_CSD           ? 
_citation.pdbx_database_id_DOI      10.26434/chemrxiv-2023-x86xp 
_citation.pdbx_database_id_PubMed   ? 
_citation.pdbx_database_id_patent   ? 
_citation.unpublished_flag          ? 
# 
loop_
_citation_author.citation_id 
_citation_author.name 
_citation_author.ordinal 
_citation_author.identifier_ORCID 
primary 'Callahan, A.J.'     1  0000-0002-8414-1382 
primary 'Gandhesiri, S.'     2  ?                   
primary 'Travaline, T.L.'    3  0000-0002-7218-8650 
primary 'Lozano Salazar, L.' 4  ?                   
primary 'Hanna, S.'          5  ?                   
primary 'Lee, Y.-C.'         6  ?                   
primary 'Li, K.'             7  0000-0002-9139-4257 
primary 'Tokareva, O.S.'     8  0000-0002-5413-1650 
primary 'Swiecicki, J.-M.'   9  0000-0002-7139-8621 
primary 'Loas, A.'           10 ?                   
primary 'Verdine, G.L.'      11 0000-0002-2195-364X 
primary 'McGee, J.H.'        12 0000-0002-3440-5247 
primary 'Pentelute, B.L.'    13 0000-0002-7242-801X 
# 
loop_
_entity.id 
_entity.type 
_entity.src_method 
_entity.pdbx_description 
_entity.formula_weight 
_entity.pdbx_number_of_molecules 
_entity.pdbx_ec 
_entity.pdbx_mutation 
_entity.pdbx_fragment 
_entity.details 
1 polymer     man 'E3 ubiquitin-protein ligase Mdm2' 11099.000 1  2.3.2.27 ? ? ? 
2 polymer     syn H101                               1999.189  1  ?        ? ? ? 
3 non-polymer syn 'CHLORIDE ION'                     35.453    1  ?        ? ? ? 
4 non-polymer syn "N,N'-(1,4-phenylene)diacetamide"  192.214   1  ?        ? ? ? 
5 water       nat water                              18.015    67 ?        ? ? ? 
# 
_entity_name_com.entity_id   1 
_entity_name_com.name        
'Double minute 2 protein,Hdm2,Oncoprotein Mdm2,RING-type E3 ubiquitin transferase Mdm2,p53-binding protein Mdm2' 
# 
loop_
_entity_poly.entity_id 
_entity_poly.type 
_entity_poly.nstd_linkage 
_entity_poly.nstd_monomer 
_entity_poly.pdbx_seq_one_letter_code 
_entity_poly.pdbx_seq_one_letter_code_can 
_entity_poly.pdbx_strand_id 
_entity_poly.pdbx_target_identifier 
1 'polypeptide(L)' no no  
;SQIPASEQETLVRPKPLLLKLLKSVGAQKDTYTMKEVLFYLGQYIMTKRLYDEKQQHIVYCSNDLLGDLFGVPSFSVKEH
RKIYTMIYRNLVVVN
;
;SQIPASEQETLVRPKPLLLKLLKSVGAQKDTYTMKEVLFYLGQYIMTKRLYDEKQQHIVYCSNDLLGDLFGVPSFSVKEH
RKIYTMIYRNLVVVN
;
A ? 
2 'polypeptide(D)' no yes 
;(ACE)(DAS)(DPR)(DAL)(DHI)(DTR)(DTY)(DCY)(DAS)(DPN)(DAL)(DAL)(DGN)(DVA)(DCY)(DSG)
(DPN)(DSN)(NH2)
;
XDPAHWYCDFAAQVCNFSX                                                                                B ? 
# 
loop_
_pdbx_entity_nonpoly.entity_id 
_pdbx_entity_nonpoly.name 
_pdbx_entity_nonpoly.comp_id 
3 'CHLORIDE ION'                    CL  
4 "N,N'-(1,4-phenylene)diacetamide" WHL 
5 water                             HOH 
# 
loop_
_entity_poly_seq.entity_id 
_entity_poly_seq.num 
_entity_poly_seq.mon_id 
_entity_poly_seq.hetero 
1 1  SER n 
1 2  GLN n 
1 3  ILE n 
1 4  PRO n 
1 5  ALA n 
1 6  SER n 
1 7  GLU n 
1 8  GLN n 
1 9  GLU n 
1 10 THR n 
1 11 LEU n 
1 12 VAL n 
1 13 ARG n 
1 14 PRO n 
1 15 LYS n 
1 16 PRO n 
1 17 LEU n 
1 18 LEU n 
1 19 LEU n 
1 20 LYS n 
1 21 LEU n 
1 22 LEU n 
1 23 LYS n 
1 24 SER n 
1 25 VAL n 
1 26 GLY n 
1 27 ALA n 
1 28 GLN n 
1 29 LYS n 
1 30 ASP n 
1 31 THR n 
1 32 TYR n 
1 33 THR n 
1 34 MET n 
1 35 LYS n 
1 36 GLU n 
1 37 VAL n 
1 38 LEU n 
1 39 PHE n 
1 40 TYR n 
1 41 LEU n 
1 42 GLY n 
1 43 GLN n 
1 44 TYR n 
1 45 ILE n 
1 46 MET n 
1 47 THR n 
1 48 LYS n 
1 49 ARG n 
1 50 LEU n 
1 51 TYR n 
1 52 ASP n 
1 53 GLU n 
1 54 LYS n 
1 55 GLN n 
1 56 GLN n 
1 57 HIS n 
1 58 ILE n 
1 59 VAL n 
1 60 TYR n 
1 61 CYS n 
1 62 SER n 
1 63 ASN n 
1 64 ASP n 
1 65 LEU n 
1 66 LEU n 
1 67 GLY n 
1 68 ASP n 
1 69 LEU n 
1 70 PHE n 
1 71 GLY n 
1 72 VAL n 
1 73 PRO n 
1 74 SER n 
1 75 PHE n 
1 76 SER n 
1 77 VAL n 
1 78 LYS n 
1 79 GLU n 
1 80 HIS n 
1 81 ARG n 
1 82 LYS n 
1 83 ILE n 
1 84 TYR n 
1 85 THR n 
1 86 MET n 
1 87 ILE n 
1 88 TYR n 
1 89 ARG n 
1 90 ASN n 
1 91 LEU n 
1 92 VAL n 
1 93 VAL n 
1 94 VAL n 
1 95 ASN n 
2 1  ACE n 
2 2  DAS n 
2 3  DPR n 
2 4  DAL n 
2 5  DHI n 
2 6  DTR n 
2 7  DTY n 
2 8  DCY n 
2 9  DAS n 
2 10 DPN n 
2 11 DAL n 
2 12 DAL n 
2 13 DGN n 
2 14 DVA n 
2 15 DCY n 
2 16 DSG n 
2 17 DPN n 
2 18 DSN n 
2 19 NH2 n 
# 
_entity_src_gen.entity_id                          1 
_entity_src_gen.pdbx_src_id                        1 
_entity_src_gen.pdbx_alt_source_flag               sample 
_entity_src_gen.pdbx_seq_type                      'Biological sequence' 
_entity_src_gen.pdbx_beg_seq_num                   1 
_entity_src_gen.pdbx_end_seq_num                   95 
_entity_src_gen.gene_src_common_name               human 
_entity_src_gen.gene_src_genus                     ? 
_entity_src_gen.pdbx_gene_src_gene                 MDM2 
_entity_src_gen.gene_src_species                   ? 
_entity_src_gen.gene_src_strain                    ? 
_entity_src_gen.gene_src_tissue                    ? 
_entity_src_gen.gene_src_tissue_fraction           ? 
_entity_src_gen.gene_src_details                   ? 
_entity_src_gen.pdbx_gene_src_fragment             ? 
_entity_src_gen.pdbx_gene_src_scientific_name      'Homo sapiens' 
_entity_src_gen.pdbx_gene_src_ncbi_taxonomy_id     9606 
_entity_src_gen.pdbx_gene_src_variant              ? 
_entity_src_gen.pdbx_gene_src_cell_line            ? 
_entity_src_gen.pdbx_gene_src_atcc                 ? 
_entity_src_gen.pdbx_gene_src_organ                ? 
_entity_src_gen.pdbx_gene_src_organelle            ? 
_entity_src_gen.pdbx_gene_src_cell                 ? 
_entity_src_gen.pdbx_gene_src_cellular_location    ? 
_entity_src_gen.host_org_common_name               ? 
_entity_src_gen.pdbx_host_org_scientific_name      'Escherichia coli' 
_entity_src_gen.pdbx_host_org_ncbi_taxonomy_id     562 
_entity_src_gen.host_org_genus                     ? 
_entity_src_gen.pdbx_host_org_gene                 ? 
_entity_src_gen.pdbx_host_org_organ                ? 
_entity_src_gen.host_org_species                   ? 
_entity_src_gen.pdbx_host_org_tissue               ? 
_entity_src_gen.pdbx_host_org_tissue_fraction      ? 
_entity_src_gen.pdbx_host_org_strain               ? 
_entity_src_gen.pdbx_host_org_variant              ? 
_entity_src_gen.pdbx_host_org_cell_line            ? 
_entity_src_gen.pdbx_host_org_atcc                 ? 
_entity_src_gen.pdbx_host_org_culture_collection   ? 
_entity_src_gen.pdbx_host_org_cell                 ? 
_entity_src_gen.pdbx_host_org_organelle            ? 
_entity_src_gen.pdbx_host_org_cellular_location    ? 
_entity_src_gen.pdbx_host_org_vector_type          ? 
_entity_src_gen.pdbx_host_org_vector               ? 
_entity_src_gen.host_org_details                   ? 
_entity_src_gen.expression_system_id               ? 
_entity_src_gen.plasmid_name                       ? 
_entity_src_gen.plasmid_details                    ? 
_entity_src_gen.pdbx_description                   ? 
# 
_pdbx_entity_src_syn.entity_id              2 
_pdbx_entity_src_syn.pdbx_src_id            1 
_pdbx_entity_src_syn.pdbx_alt_source_flag   sample 
_pdbx_entity_src_syn.pdbx_beg_seq_num       1 
_pdbx_entity_src_syn.pdbx_end_seq_num       19 
_pdbx_entity_src_syn.organism_scientific    'synthetic construct' 
_pdbx_entity_src_syn.organism_common_name   ? 
_pdbx_entity_src_syn.ncbi_taxonomy_id       32630 
_pdbx_entity_src_syn.details                ? 
# 
loop_
_chem_comp.id 
_chem_comp.type 
_chem_comp.mon_nstd_flag 
_chem_comp.name 
_chem_comp.pdbx_synonyms 
_chem_comp.formula 
_chem_comp.formula_weight 
ACE non-polymer         . 'ACETYL GROUP'                    ? 'C2 H4 O'        44.053  
ALA 'L-peptide linking' y ALANINE                           ? 'C3 H7 N O2'     89.093  
ARG 'L-peptide linking' y ARGININE                          ? 'C6 H15 N4 O2 1' 175.209 
ASN 'L-peptide linking' y ASPARAGINE                        ? 'C4 H8 N2 O3'    132.118 
ASP 'L-peptide linking' y 'ASPARTIC ACID'                   ? 'C4 H7 N O4'     133.103 
CL  non-polymer         . 'CHLORIDE ION'                    ? 'Cl -1'          35.453  
CYS 'L-peptide linking' y CYSTEINE                          ? 'C3 H7 N O2 S'   121.158 
DAL 'D-peptide linking' . D-ALANINE                         ? 'C3 H7 N O2'     89.093  
DAS 'D-peptide linking' . 'D-ASPARTIC ACID'                 ? 'C4 H7 N O4'     133.103 
DCY 'D-peptide linking' . D-CYSTEINE                        ? 'C3 H7 N O2 S'   121.158 
DGN 'D-peptide linking' . D-GLUTAMINE                       ? 'C5 H10 N2 O3'   146.144 
DHI 'D-peptide linking' . D-HISTIDINE                       ? 'C6 H10 N3 O2 1' 156.162 
DPN 'D-peptide linking' . D-PHENYLALANINE                   ? 'C9 H11 N O2'    165.189 
DPR 'D-peptide linking' . D-PROLINE                         ? 'C5 H9 N O2'     115.130 
DSG 'D-peptide linking' . D-ASPARAGINE                      ? 'C4 H8 N2 O3'    132.118 
DSN 'D-peptide linking' . D-SERINE                          ? 'C3 H7 N O3'     105.093 
DTR 'D-peptide linking' . D-TRYPTOPHAN                      ? 'C11 H12 N2 O2'  204.225 
DTY 'D-peptide linking' . D-TYROSINE                        ? 'C9 H11 N O3'    181.189 
DVA 'D-peptide linking' . D-VALINE                          ? 'C5 H11 N O2'    117.146 
GLN 'L-peptide linking' y GLUTAMINE                         ? 'C5 H10 N2 O3'   146.144 
GLU 'L-peptide linking' y 'GLUTAMIC ACID'                   ? 'C5 H9 N O4'     147.129 
GLY 'peptide linking'   y GLYCINE                           ? 'C2 H5 N O2'     75.067  
HIS 'L-peptide linking' y HISTIDINE                         ? 'C6 H10 N3 O2 1' 156.162 
HOH non-polymer         . WATER                             ? 'H2 O'           18.015  
ILE 'L-peptide linking' y ISOLEUCINE                        ? 'C6 H13 N O2'    131.173 
LEU 'L-peptide linking' y LEUCINE                           ? 'C6 H13 N O2'    131.173 
LYS 'L-peptide linking' y LYSINE                            ? 'C6 H15 N2 O2 1' 147.195 
MET 'L-peptide linking' y METHIONINE                        ? 'C5 H11 N O2 S'  149.211 
NH2 non-polymer         . 'AMINO GROUP'                     ? 'H2 N'           16.023  
PHE 'L-peptide linking' y PHENYLALANINE                     ? 'C9 H11 N O2'    165.189 
PRO 'L-peptide linking' y PROLINE                           ? 'C5 H9 N O2'     115.130 
SER 'L-peptide linking' y SERINE                            ? 'C3 H7 N O3'     105.093 
THR 'L-peptide linking' y THREONINE                         ? 'C4 H9 N O3'     119.119 
TYR 'L-peptide linking' y TYROSINE                          ? 'C9 H11 N O3'    181.189 
VAL 'L-peptide linking' y VALINE                            ? 'C5 H11 N O2'    117.146 
WHL non-polymer         . "N,N'-(1,4-phenylene)diacetamide" ? 'C10 H12 N2 O2'  192.214 
# 
loop_
_pdbx_poly_seq_scheme.asym_id 
_pdbx_poly_seq_scheme.entity_id 
_pdbx_poly_seq_scheme.seq_id 
_pdbx_poly_seq_scheme.mon_id 
_pdbx_poly_seq_scheme.ndb_seq_num 
_pdbx_poly_seq_scheme.pdb_seq_num 
_pdbx_poly_seq_scheme.auth_seq_num 
_pdbx_poly_seq_scheme.pdb_mon_id 
_pdbx_poly_seq_scheme.auth_mon_id 
_pdbx_poly_seq_scheme.pdb_strand_id 
_pdbx_poly_seq_scheme.pdb_ins_code 
_pdbx_poly_seq_scheme.hetero 
A 1 1  SER 1  17  ?   ?   ?   A . n 
A 1 2  GLN 2  18  ?   ?   ?   A . n 
A 1 3  ILE 3  19  ?   ?   ?   A . n 
A 1 4  PRO 4  20  ?   ?   ?   A . n 
A 1 5  ALA 5  21  ?   ?   ?   A . n 
A 1 6  SER 6  22  ?   ?   ?   A . n 
A 1 7  GLU 7  23  ?   ?   ?   A . n 
A 1 8  GLN 8  24  ?   ?   ?   A . n 
A 1 9  GLU 9  25  25  GLU GLU A . n 
A 1 10 THR 10 26  26  THR THR A . n 
A 1 11 LEU 11 27  27  LEU LEU A . n 
A 1 12 VAL 12 28  28  VAL VAL A . n 
A 1 13 ARG 13 29  29  ARG ARG A . n 
A 1 14 PRO 14 30  30  PRO PRO A . n 
A 1 15 LYS 15 31  31  LYS LYS A . n 
A 1 16 PRO 16 32  32  PRO PRO A . n 
A 1 17 LEU 17 33  33  LEU LEU A . n 
A 1 18 LEU 18 34  34  LEU LEU A . n 
A 1 19 LEU 19 35  35  LEU LEU A . n 
A 1 20 LYS 20 36  36  LYS LYS A . n 
A 1 21 LEU 21 37  37  LEU LEU A . n 
A 1 22 LEU 22 38  38  LEU LEU A . n 
A 1 23 LYS 23 39  39  LYS LYS A . n 
A 1 24 SER 24 40  40  SER SER A . n 
A 1 25 VAL 25 41  41  VAL VAL A . n 
A 1 26 GLY 26 42  42  GLY GLY A . n 
A 1 27 ALA 27 43  43  ALA ALA A . n 
A 1 28 GLN 28 44  44  GLN GLN A . n 
A 1 29 LYS 29 45  45  LYS LYS A . n 
A 1 30 ASP 30 46  46  ASP ASP A . n 
A 1 31 THR 31 47  47  THR THR A . n 
A 1 32 TYR 32 48  48  TYR TYR A . n 
A 1 33 THR 33 49  49  THR THR A . n 
A 1 34 MET 34 50  50  MET MET A . n 
A 1 35 LYS 35 51  51  LYS LYS A . n 
A 1 36 GLU 36 52  52  GLU GLU A . n 
A 1 37 VAL 37 53  53  VAL VAL A . n 
A 1 38 LEU 38 54  54  LEU LEU A . n 
A 1 39 PHE 39 55  55  PHE PHE A . n 
A 1 40 TYR 40 56  56  TYR TYR A . n 
A 1 41 LEU 41 57  57  LEU LEU A . n 
A 1 42 GLY 42 58  58  GLY GLY A . n 
A 1 43 GLN 43 59  59  GLN GLN A . n 
A 1 44 TYR 44 60  60  TYR TYR A . n 
A 1 45 ILE 45 61  61  ILE ILE A . n 
A 1 46 MET 46 62  62  MET MET A . n 
A 1 47 THR 47 63  63  THR THR A . n 
A 1 48 LYS 48 64  64  LYS LYS A . n 
A 1 49 ARG 49 65  65  ARG ARG A . n 
A 1 50 LEU 50 66  66  LEU LEU A . n 
A 1 51 TYR 51 67  67  TYR TYR A . n 
A 1 52 ASP 52 68  68  ASP ASP A . n 
A 1 53 GLU 53 69  69  GLU GLU A . n 
A 1 54 LYS 54 70  70  LYS LYS A . n 
A 1 55 GLN 55 71  71  GLN GLN A . n 
A 1 56 GLN 56 72  72  GLN GLN A . n 
A 1 57 HIS 57 73  73  HIS HIS A . n 
A 1 58 ILE 58 74  74  ILE ILE A . n 
A 1 59 VAL 59 75  75  VAL VAL A . n 
A 1 60 TYR 60 76  76  TYR TYR A . n 
A 1 61 CYS 61 77  77  CYS CYS A . n 
A 1 62 SER 62 78  78  SER SER A . n 
A 1 63 ASN 63 79  79  ASN ASN A . n 
A 1 64 ASP 64 80  80  ASP ASP A . n 
A 1 65 LEU 65 81  81  LEU LEU A . n 
A 1 66 LEU 66 82  82  LEU LEU A . n 
A 1 67 GLY 67 83  83  GLY GLY A . n 
A 1 68 ASP 68 84  84  ASP ASP A . n 
A 1 69 LEU 69 85  85  LEU LEU A . n 
A 1 70 PHE 70 86  86  PHE PHE A . n 
A 1 71 GLY 71 87  87  GLY GLY A . n 
A 1 72 VAL 72 88  88  VAL VAL A . n 
A 1 73 PRO 73 89  89  PRO PRO A . n 
A 1 74 SER 74 90  90  SER SER A . n 
A 1 75 PHE 75 91  91  PHE PHE A . n 
A 1 76 SER 76 92  92  SER SER A . n 
A 1 77 VAL 77 93  93  VAL VAL A . n 
A 1 78 LYS 78 94  94  LYS LYS A . n 
A 1 79 GLU 79 95  95  GLU GLU A . n 
A 1 80 HIS 80 96  96  HIS HIS A . n 
A 1 81 ARG 81 97  97  ARG ARG A . n 
A 1 82 LYS 82 98  98  LYS LYS A . n 
A 1 83 ILE 83 99  99  ILE ILE A . n 
A 1 84 TYR 84 100 100 TYR TYR A . n 
A 1 85 THR 85 101 101 THR THR A . n 
A 1 86 MET 86 102 102 MET MET A . n 
A 1 87 ILE 87 103 103 ILE ILE A . n 
A 1 88 TYR 88 104 104 TYR TYR A . n 
A 1 89 ARG 89 105 105 ARG ARG A . n 
A 1 90 ASN 90 106 106 ASN ASN A . n 
A 1 91 LEU 91 107 107 LEU LEU A . n 
A 1 92 VAL 92 108 108 VAL VAL A . n 
A 1 93 VAL 93 109 109 VAL VAL A . n 
A 1 94 VAL 94 110 110 VAL VAL A . n 
A 1 95 ASN 95 111 ?   ?   ?   A . n 
B 2 1  ACE 1  0   ?   ?   ?   B . n 
B 2 2  DAS 2  1   ?   ?   ?   B . n 
B 2 3  DPR 3  2   2   DPR DPR B . n 
B 2 4  DAL 4  3   3   DAL DAL B . n 
B 2 5  DHI 5  4   4   DHI DHI B . n 
B 2 6  DTR 6  5   5   DTR DTR B . n 
B 2 7  DTY 7  6   6   DTY DTY B . n 
B 2 8  DCY 8  7   7   DCY DCY B . n 
B 2 9  DAS 9  8   8   DAS DAS B . n 
B 2 10 DPN 10 9   9   DPN DPN B . n 
B 2 11 DAL 11 10  10  DAL DAL B . n 
B 2 12 DAL 12 11  11  DAL DAL B . n 
B 2 13 DGN 13 12  12  DGN DGN B . n 
B 2 14 DVA 14 13  13  DVA DVA B . n 
B 2 15 DCY 15 14  14  DCY DCY B . n 
B 2 16 DSG 16 15  15  DSG DSG B . n 
B 2 17 DPN 17 16  16  DPN DPN B . n 
B 2 18 DSN 18 17  17  DSN DSN B . n 
B 2 19 NH2 19 18  18  NH2 NH2 B . n 
# 
loop_
_pdbx_nonpoly_scheme.asym_id 
_pdbx_nonpoly_scheme.entity_id 
_pdbx_nonpoly_scheme.mon_id 
_pdbx_nonpoly_scheme.ndb_seq_num 
_pdbx_nonpoly_scheme.pdb_seq_num 
_pdbx_nonpoly_scheme.auth_seq_num 
_pdbx_nonpoly_scheme.pdb_mon_id 
_pdbx_nonpoly_scheme.auth_mon_id 
_pdbx_nonpoly_scheme.pdb_strand_id 
_pdbx_nonpoly_scheme.pdb_ins_code 
C 3 CL  1  201 1   CL  CL  A . 
D 4 WHL 1  101 101 WHL WHL B . 
E 5 HOH 1  301 101 HOH HOH A . 
E 5 HOH 2  302 86  HOH HOH A . 
E 5 HOH 3  303 49  HOH HOH A . 
E 5 HOH 4  304 22  HOH HOH A . 
E 5 HOH 5  305 43  HOH HOH A . 
E 5 HOH 6  306 56  HOH HOH A . 
E 5 HOH 7  307 12  HOH HOH A . 
E 5 HOH 8  308 48  HOH HOH A . 
E 5 HOH 9  309 57  HOH HOH A . 
E 5 HOH 10 310 61  HOH HOH A . 
E 5 HOH 11 311 15  HOH HOH A . 
E 5 HOH 12 312 88  HOH HOH A . 
E 5 HOH 13 313 50  HOH HOH A . 
E 5 HOH 14 314 8   HOH HOH A . 
E 5 HOH 15 315 58  HOH HOH A . 
E 5 HOH 16 316 54  HOH HOH A . 
E 5 HOH 17 317 51  HOH HOH A . 
E 5 HOH 18 318 13  HOH HOH A . 
E 5 HOH 19 319 33  HOH HOH A . 
E 5 HOH 20 320 23  HOH HOH A . 
E 5 HOH 21 321 53  HOH HOH A . 
E 5 HOH 22 322 41  HOH HOH A . 
E 5 HOH 23 323 28  HOH HOH A . 
E 5 HOH 24 324 59  HOH HOH A . 
E 5 HOH 25 325 46  HOH HOH A . 
E 5 HOH 26 326 95  HOH HOH A . 
E 5 HOH 27 327 45  HOH HOH A . 
E 5 HOH 28 328 29  HOH HOH A . 
E 5 HOH 29 329 37  HOH HOH A . 
E 5 HOH 30 330 7   HOH HOH A . 
E 5 HOH 31 331 10  HOH HOH A . 
E 5 HOH 32 332 32  HOH HOH A . 
E 5 HOH 33 333 38  HOH HOH A . 
E 5 HOH 34 334 62  HOH HOH A . 
E 5 HOH 35 335 100 HOH HOH A . 
E 5 HOH 36 336 83  HOH HOH A . 
E 5 HOH 37 337 9   HOH HOH A . 
E 5 HOH 38 338 42  HOH HOH A . 
E 5 HOH 39 339 102 HOH HOH A . 
E 5 HOH 40 340 44  HOH HOH A . 
E 5 HOH 41 341 90  HOH HOH A . 
E 5 HOH 42 342 64  HOH HOH A . 
E 5 HOH 43 343 94  HOH HOH A . 
E 5 HOH 44 344 93  HOH HOH A . 
E 5 HOH 45 345 92  HOH HOH A . 
E 5 HOH 46 346 1   HOH HOH A . 
E 5 HOH 47 347 63  HOH HOH A . 
E 5 HOH 48 348 6   HOH HOH A . 
E 5 HOH 49 349 3   HOH HOH A . 
E 5 HOH 50 350 52  HOH HOH A . 
E 5 HOH 51 351 5   HOH HOH A . 
E 5 HOH 52 352 2   HOH HOH A . 
E 5 HOH 53 353 82  HOH HOH A . 
E 5 HOH 54 354 91  HOH HOH A . 
E 5 HOH 55 355 69  HOH HOH A . 
E 5 HOH 56 356 71  HOH HOH A . 
E 5 HOH 57 357 77  HOH HOH A . 
E 5 HOH 58 358 87  HOH HOH A . 
F 5 HOH 1  201 27  HOH HOH B . 
F 5 HOH 2  202 19  HOH HOH B . 
F 5 HOH 3  203 16  HOH HOH B . 
F 5 HOH 4  204 67  HOH HOH B . 
F 5 HOH 5  205 20  HOH HOH B . 
F 5 HOH 6  206 96  HOH HOH B . 
F 5 HOH 7  207 36  HOH HOH B . 
F 5 HOH 8  208 21  HOH HOH B . 
F 5 HOH 9  209 24  HOH HOH B . 
# 
loop_
_software.citation_id 
_software.classification 
_software.compiler_name 
_software.compiler_version 
_software.contact_author 
_software.contact_author_email 
_software.date 
_software.description 
_software.dependencies 
_software.hardware 
_software.language 
_software.location 
_software.mods 
_software.name 
_software.os 
_software.os_version 
_software.type 
_software.version 
_software.pdbx_ordinal 
? refinement        ? ? ? ? ? ? ? ? ? ? ? PHENIX      ? ? ? 1.18.2-3874 1 
? 'data extraction' ? ? ? ? ? ? ? ? ? ? ? PDB_EXTRACT ? ? ? 3.27        2 
? 'data reduction'  ? ? ? ? ? ? ? ? ? ? ? XDS         ? ? ? .           3 
? 'data scaling'    ? ? ? ? ? ? ? ? ? ? ? Aimless     ? ? ? .           4 
? phasing           ? ? ? ? ? ? ? ? ? ? ? PHASER      ? ? ? .           5 
# 
_cell.angle_alpha                  90.000 
_cell.angle_alpha_esd              ? 
_cell.angle_beta                   90.000 
_cell.angle_beta_esd               ? 
_cell.angle_gamma                  90.000 
_cell.angle_gamma_esd              ? 
_cell.entry_id                     8F0Z 
_cell.details                      ? 
_cell.formula_units_Z              ? 
_cell.length_a                     40.871 
_cell.length_a_esd                 ? 
_cell.length_b                     81.357 
_cell.length_b_esd                 ? 
_cell.length_c                     34.975 
_cell.length_c_esd                 ? 
_cell.volume                       ? 
_cell.volume_esd                   ? 
_cell.Z_PDB                        4 
_cell.reciprocal_angle_alpha       ? 
_cell.reciprocal_angle_beta        ? 
_cell.reciprocal_angle_gamma       ? 
_cell.reciprocal_angle_alpha_esd   ? 
_cell.reciprocal_angle_beta_esd    ? 
_cell.reciprocal_angle_gamma_esd   ? 
_cell.reciprocal_length_a          ? 
_cell.reciprocal_length_b          ? 
_cell.reciprocal_length_c          ? 
_cell.reciprocal_length_a_esd      ? 
_cell.reciprocal_length_b_esd      ? 
_cell.reciprocal_length_c_esd      ? 
_cell.pdbx_unique_axis             ? 
_cell.pdbx_esd_method              ? 
# 
_symmetry.entry_id                         8F0Z 
_symmetry.cell_setting                     ? 
_symmetry.Int_Tables_number                18 
_symmetry.space_group_name_Hall            ? 
_symmetry.space_group_name_H-M             'P 21 21 2' 
_symmetry.pdbx_full_space_group_name_H-M   ? 
# 
_exptl.absorpt_coefficient_mu     ? 
_exptl.absorpt_correction_T_max   ? 
_exptl.absorpt_correction_T_min   ? 
_exptl.absorpt_correction_type    ? 
_exptl.absorpt_process_details    ? 
_exptl.entry_id                   8F0Z 
_exptl.crystals_number            1 
_exptl.details                    ? 
_exptl.method                     'X-RAY DIFFRACTION' 
_exptl.method_details             ? 
# 
_exptl_crystal.colour                       ? 
_exptl_crystal.density_diffrn               ? 
_exptl_crystal.density_Matthews             2.22 
_exptl_crystal.density_method               ? 
_exptl_crystal.density_percent_sol          44.59 
_exptl_crystal.description                  ? 
_exptl_crystal.F_000                        ? 
_exptl_crystal.id                           1 
_exptl_crystal.preparation                  ? 
_exptl_crystal.size_max                     ? 
_exptl_crystal.size_mid                     ? 
_exptl_crystal.size_min                     ? 
_exptl_crystal.size_rad                     ? 
_exptl_crystal.colour_lustre                ? 
_exptl_crystal.colour_modifier              ? 
_exptl_crystal.colour_primary               ? 
_exptl_crystal.density_meas                 ? 
_exptl_crystal.density_meas_esd             ? 
_exptl_crystal.density_meas_gt              ? 
_exptl_crystal.density_meas_lt              ? 
_exptl_crystal.density_meas_temp            ? 
_exptl_crystal.density_meas_temp_esd        ? 
_exptl_crystal.density_meas_temp_gt         ? 
_exptl_crystal.density_meas_temp_lt         ? 
_exptl_crystal.pdbx_crystal_image_url       ? 
_exptl_crystal.pdbx_crystal_image_format    ? 
_exptl_crystal.pdbx_mosaicity               ? 
_exptl_crystal.pdbx_mosaicity_esd           ? 
_exptl_crystal.pdbx_mosaic_method           ? 
_exptl_crystal.pdbx_mosaic_block_size       ? 
_exptl_crystal.pdbx_mosaic_block_size_esd   ? 
# 
_exptl_crystal_grow.apparatus       ? 
_exptl_crystal_grow.atmosphere      ? 
_exptl_crystal_grow.crystal_id      1 
_exptl_crystal_grow.details         ? 
_exptl_crystal_grow.method          'VAPOR DIFFUSION, SITTING DROP' 
_exptl_crystal_grow.method_ref      ? 
_exptl_crystal_grow.pH              7 
_exptl_crystal_grow.pressure        ? 
_exptl_crystal_grow.pressure_esd    ? 
_exptl_crystal_grow.seeding         ? 
_exptl_crystal_grow.seeding_ref     ? 
_exptl_crystal_grow.temp            291 
_exptl_crystal_grow.temp_details    ? 
_exptl_crystal_grow.temp_esd        ? 
_exptl_crystal_grow.time            ? 
_exptl_crystal_grow.pdbx_details    '3.5 M Sodium Formate pH 7.0' 
_exptl_crystal_grow.pdbx_pH_range   ? 
# 
_diffrn.ambient_environment              ? 
_diffrn.ambient_temp                     100 
_diffrn.ambient_temp_details             ? 
_diffrn.ambient_temp_esd                 ? 
_diffrn.crystal_id                       1 
_diffrn.crystal_support                  ? 
_diffrn.crystal_treatment                ? 
_diffrn.details                          ? 
_diffrn.id                               1 
_diffrn.ambient_pressure                 ? 
_diffrn.ambient_pressure_esd             ? 
_diffrn.ambient_pressure_gt              ? 
_diffrn.ambient_pressure_lt              ? 
_diffrn.ambient_temp_gt                  ? 
_diffrn.ambient_temp_lt                  ? 
_diffrn.pdbx_serial_crystal_experiment   N 
# 
_diffrn_detector.details                      ? 
_diffrn_detector.detector                     PIXEL 
_diffrn_detector.diffrn_id                    1 
_diffrn_detector.type                         'DECTRIS EIGER X 16M' 
_diffrn_detector.area_resol_mean              ? 
_diffrn_detector.dtime                        ? 
_diffrn_detector.pdbx_frames_total            ? 
_diffrn_detector.pdbx_collection_time_total   ? 
_diffrn_detector.pdbx_collection_date         2021-03-31 
_diffrn_detector.pdbx_frequency               ? 
# 
_diffrn_radiation.collimation                      ? 
_diffrn_radiation.diffrn_id                        1 
_diffrn_radiation.filter_edge                      ? 
_diffrn_radiation.inhomogeneity                    ? 
_diffrn_radiation.monochromator                    ? 
_diffrn_radiation.polarisn_norm                    ? 
_diffrn_radiation.polarisn_ratio                   ? 
_diffrn_radiation.probe                            ? 
_diffrn_radiation.type                             ? 
_diffrn_radiation.xray_symbol                      ? 
_diffrn_radiation.wavelength_id                    1 
_diffrn_radiation.pdbx_monochromatic_or_laue_m_l   M 
_diffrn_radiation.pdbx_wavelength_list             ? 
_diffrn_radiation.pdbx_wavelength                  ? 
_diffrn_radiation.pdbx_diffrn_protocol             'SINGLE WAVELENGTH' 
_diffrn_radiation.pdbx_analyzer                    ? 
_diffrn_radiation.pdbx_scattering_type             x-ray 
# 
_diffrn_radiation_wavelength.id           1 
_diffrn_radiation_wavelength.wavelength   1.03319 
_diffrn_radiation_wavelength.wt           1.0 
# 
_diffrn_source.current                     ? 
_diffrn_source.details                     ? 
_diffrn_source.diffrn_id                   1 
_diffrn_source.power                       ? 
_diffrn_source.size                        ? 
_diffrn_source.source                      SYNCHROTRON 
_diffrn_source.target                      ? 
_diffrn_source.type                        'APS BEAMLINE 23-ID-B' 
_diffrn_source.voltage                     ? 
_diffrn_source.take-off_angle              ? 
_diffrn_source.pdbx_wavelength_list        1.03319 
_diffrn_source.pdbx_wavelength             ? 
_diffrn_source.pdbx_synchrotron_beamline   23-ID-B 
_diffrn_source.pdbx_synchrotron_site       APS 
# 
_reflns.B_iso_Wilson_estimate                          ? 
_reflns.entry_id                                       8F0Z 
_reflns.data_reduction_details                         ? 
_reflns.data_reduction_method                          ? 
_reflns.d_resolution_high                              1.61 
_reflns.d_resolution_low                               40.87 
_reflns.details                                        ? 
_reflns.limit_h_max                                    ? 
_reflns.limit_h_min                                    ? 
_reflns.limit_k_max                                    ? 
_reflns.limit_k_min                                    ? 
_reflns.limit_l_max                                    ? 
_reflns.limit_l_min                                    ? 
_reflns.number_all                                     ? 
_reflns.number_obs                                     15696 
_reflns.observed_criterion                             ? 
_reflns.observed_criterion_F_max                       ? 
_reflns.observed_criterion_F_min                       ? 
_reflns.observed_criterion_I_max                       ? 
_reflns.observed_criterion_I_min                       ? 
_reflns.observed_criterion_sigma_F                     ? 
_reflns.observed_criterion_sigma_I                     ? 
_reflns.percent_possible_obs                           99.6 
_reflns.R_free_details                                 ? 
_reflns.Rmerge_F_all                                   ? 
_reflns.Rmerge_F_obs                                   ? 
_reflns.Friedel_coverage                               ? 
_reflns.number_gt                                      ? 
_reflns.threshold_expression                           ? 
_reflns.pdbx_redundancy                                12.8 
_reflns.pdbx_Rmerge_I_obs                              0.067 
_reflns.pdbx_Rmerge_I_all                              ? 
_reflns.pdbx_Rsym_value                                ? 
_reflns.pdbx_netI_over_av_sigmaI                       ? 
_reflns.pdbx_netI_over_sigmaI                          19.3 
_reflns.pdbx_res_netI_over_av_sigmaI_2                 ? 
_reflns.pdbx_res_netI_over_sigmaI_2                    ? 
_reflns.pdbx_chi_squared                               ? 
_reflns.pdbx_scaling_rejects                           ? 
_reflns.pdbx_d_res_high_opt                            ? 
_reflns.pdbx_d_res_low_opt                             ? 
_reflns.pdbx_d_res_opt_method                          ? 
_reflns.phase_calculation_details                      ? 
_reflns.pdbx_Rrim_I_all                                ? 
_reflns.pdbx_Rpim_I_all                                ? 
_reflns.pdbx_d_opt                                     ? 
_reflns.pdbx_number_measured_all                       ? 
_reflns.pdbx_diffrn_id                                 1 
_reflns.pdbx_ordinal                                   1 
_reflns.pdbx_CC_half                                   0.998 
_reflns.pdbx_CC_star                                   ? 
_reflns.pdbx_R_split                                   ? 
_reflns.pdbx_aniso_diffraction_limit_axis_1_ortho[1]   ? 
_reflns.pdbx_aniso_diffraction_limit_axis_1_ortho[2]   ? 
_reflns.pdbx_aniso_diffraction_limit_axis_1_ortho[3]   ? 
_reflns.pdbx_aniso_diffraction_limit_axis_2_ortho[1]   ? 
_reflns.pdbx_aniso_diffraction_limit_axis_2_ortho[2]   ? 
_reflns.pdbx_aniso_diffraction_limit_axis_2_ortho[3]   ? 
_reflns.pdbx_aniso_diffraction_limit_axis_3_ortho[1]   ? 
_reflns.pdbx_aniso_diffraction_limit_axis_3_ortho[2]   ? 
_reflns.pdbx_aniso_diffraction_limit_axis_3_ortho[3]   ? 
_reflns.pdbx_aniso_diffraction_limit_1                 ? 
_reflns.pdbx_aniso_diffraction_limit_2                 ? 
_reflns.pdbx_aniso_diffraction_limit_3                 ? 
_reflns.pdbx_aniso_B_tensor_eigenvector_1_ortho[1]     ? 
_reflns.pdbx_aniso_B_tensor_eigenvector_1_ortho[2]     ? 
_reflns.pdbx_aniso_B_tensor_eigenvector_1_ortho[3]     ? 
_reflns.pdbx_aniso_B_tensor_eigenvector_2_ortho[1]     ? 
_reflns.pdbx_aniso_B_tensor_eigenvector_2_ortho[2]     ? 
_reflns.pdbx_aniso_B_tensor_eigenvector_2_ortho[3]     ? 
_reflns.pdbx_aniso_B_tensor_eigenvector_3_ortho[1]     ? 
_reflns.pdbx_aniso_B_tensor_eigenvector_3_ortho[2]     ? 
_reflns.pdbx_aniso_B_tensor_eigenvector_3_ortho[3]     ? 
_reflns.pdbx_aniso_B_tensor_eigenvalue_1               ? 
_reflns.pdbx_aniso_B_tensor_eigenvalue_2               ? 
_reflns.pdbx_aniso_B_tensor_eigenvalue_3               ? 
_reflns.pdbx_orthogonalization_convention              ? 
_reflns.pdbx_percent_possible_ellipsoidal              ? 
_reflns.pdbx_percent_possible_spherical                ? 
_reflns.pdbx_percent_possible_ellipsoidal_anomalous    ? 
_reflns.pdbx_percent_possible_spherical_anomalous      ? 
_reflns.pdbx_redundancy_anomalous                      ? 
_reflns.pdbx_CC_half_anomalous                         ? 
_reflns.pdbx_absDiff_over_sigma_anomalous              ? 
_reflns.pdbx_percent_possible_anomalous                ? 
_reflns.pdbx_observed_signal_threshold                 ? 
_reflns.pdbx_signal_type                               ? 
_reflns.pdbx_signal_details                            ? 
_reflns.pdbx_signal_software_id                        ? 
_reflns.pdbx_CC_split_method                           ? 
# 
_reflns_shell.d_res_high                                    1.61 
_reflns_shell.d_res_low                                     1.64 
_reflns_shell.meanI_over_sigI_all                           ? 
_reflns_shell.meanI_over_sigI_obs                           2.1 
_reflns_shell.number_measured_all                           ? 
_reflns_shell.number_measured_obs                           ? 
_reflns_shell.number_possible                               ? 
_reflns_shell.number_unique_all                             ? 
_reflns_shell.number_unique_obs                             774 
_reflns_shell.percent_possible_all                          100 
_reflns_shell.percent_possible_obs                          ? 
_reflns_shell.Rmerge_F_all                                  ? 
_reflns_shell.Rmerge_F_obs                                  ? 
_reflns_shell.Rmerge_I_all                                  ? 
_reflns_shell.Rmerge_I_obs                                  ? 
_reflns_shell.meanI_over_sigI_gt                            ? 
_reflns_shell.meanI_over_uI_all                             ? 
_reflns_shell.meanI_over_uI_gt                              ? 
_reflns_shell.number_measured_gt                            ? 
_reflns_shell.number_unique_gt                              ? 
_reflns_shell.percent_possible_gt                           ? 
_reflns_shell.Rmerge_F_gt                                   ? 
_reflns_shell.Rmerge_I_gt                                   ? 
_reflns_shell.pdbx_redundancy                               12.9 
_reflns_shell.pdbx_Rsym_value                               ? 
_reflns_shell.pdbx_chi_squared                              ? 
_reflns_shell.pdbx_netI_over_sigmaI_all                     ? 
_reflns_shell.pdbx_netI_over_sigmaI_obs                     ? 
_reflns_shell.pdbx_Rrim_I_all                               ? 
_reflns_shell.pdbx_Rpim_I_all                               ? 
_reflns_shell.pdbx_rejects                                  ? 
_reflns_shell.pdbx_ordinal                                  1 
_reflns_shell.pdbx_diffrn_id                                1 
_reflns_shell.pdbx_CC_half                                  0.774 
_reflns_shell.pdbx_CC_star                                  ? 
_reflns_shell.pdbx_R_split                                  ? 
_reflns_shell.pdbx_percent_possible_ellipsoidal             ? 
_reflns_shell.pdbx_percent_possible_spherical               ? 
_reflns_shell.pdbx_percent_possible_ellipsoidal_anomalous   ? 
_reflns_shell.pdbx_percent_possible_spherical_anomalous     ? 
_reflns_shell.pdbx_redundancy_anomalous                     ? 
_reflns_shell.pdbx_CC_half_anomalous                        ? 
_reflns_shell.pdbx_absDiff_over_sigma_anomalous             ? 
_reflns_shell.pdbx_percent_possible_anomalous               ? 
# 
_refine.aniso_B[1][1]                            ? 
_refine.aniso_B[1][2]                            ? 
_refine.aniso_B[1][3]                            ? 
_refine.aniso_B[2][2]                            ? 
_refine.aniso_B[2][3]                            ? 
_refine.aniso_B[3][3]                            ? 
_refine.B_iso_max                                95.800 
_refine.B_iso_mean                               35.5855 
_refine.B_iso_min                                18.360 
_refine.correlation_coeff_Fo_to_Fc               ? 
_refine.correlation_coeff_Fo_to_Fc_free          ? 
_refine.details                                  ? 
_refine.diff_density_max                         ? 
_refine.diff_density_max_esd                     ? 
_refine.diff_density_min                         ? 
_refine.diff_density_min_esd                     ? 
_refine.diff_density_rms                         ? 
_refine.diff_density_rms_esd                     ? 
_refine.entry_id                                 8F0Z 
_refine.pdbx_refine_id                           'X-RAY DIFFRACTION' 
_refine.ls_abs_structure_details                 ? 
_refine.ls_abs_structure_Flack                   ? 
_refine.ls_abs_structure_Flack_esd               ? 
_refine.ls_abs_structure_Rogers                  ? 
_refine.ls_abs_structure_Rogers_esd              ? 
_refine.ls_d_res_high                            1.61 
_refine.ls_d_res_low                             40.87 
_refine.ls_extinction_coef                       ? 
_refine.ls_extinction_coef_esd                   ? 
_refine.ls_extinction_expression                 ? 
_refine.ls_extinction_method                     ? 
_refine.ls_goodness_of_fit_all                   ? 
_refine.ls_goodness_of_fit_all_esd               ? 
_refine.ls_goodness_of_fit_obs                   ? 
_refine.ls_goodness_of_fit_obs_esd               ? 
_refine.ls_hydrogen_treatment                    ? 
_refine.ls_matrix_type                           ? 
_refine.ls_number_constraints                    ? 
_refine.ls_number_parameters                     ? 
_refine.ls_number_reflns_all                     ? 
_refine.ls_number_reflns_obs                     15649 
_refine.ls_number_reflns_R_free                  ? 
_refine.ls_number_reflns_R_work                  ? 
_refine.ls_number_restraints                     ? 
_refine.ls_percent_reflns_obs                    99.6 
_refine.ls_percent_reflns_R_free                 ? 
_refine.ls_R_factor_all                          ? 
_refine.ls_R_factor_obs                          ? 
_refine.ls_R_factor_R_free                       0.2423 
_refine.ls_R_factor_R_free_error                 ? 
_refine.ls_R_factor_R_free_error_details         ? 
_refine.ls_R_factor_R_work                       0.2209 
_refine.ls_R_Fsqd_factor_obs                     ? 
_refine.ls_R_I_factor_obs                        ? 
_refine.ls_redundancy_reflns_all                 ? 
_refine.ls_redundancy_reflns_obs                 ? 
_refine.ls_restrained_S_all                      ? 
_refine.ls_restrained_S_obs                      ? 
_refine.ls_shift_over_esd_max                    ? 
_refine.ls_shift_over_esd_mean                   ? 
_refine.ls_structure_factor_coef                 ? 
_refine.ls_weighting_details                     ? 
_refine.ls_weighting_scheme                      ? 
_refine.ls_wR_factor_all                         ? 
_refine.ls_wR_factor_obs                         ? 
_refine.ls_wR_factor_R_free                      ? 
_refine.ls_wR_factor_R_work                      ? 
_refine.occupancy_max                            ? 
_refine.occupancy_min                            ? 
_refine.solvent_model_details                    ? 
_refine.solvent_model_param_bsol                 ? 
_refine.solvent_model_param_ksol                 ? 
_refine.pdbx_R_complete                          ? 
_refine.ls_R_factor_gt                           ? 
_refine.ls_goodness_of_fit_gt                    ? 
_refine.ls_goodness_of_fit_ref                   ? 
_refine.ls_shift_over_su_max                     ? 
_refine.ls_shift_over_su_max_lt                  ? 
_refine.ls_shift_over_su_mean                    ? 
_refine.ls_shift_over_su_mean_lt                 ? 
_refine.pdbx_ls_sigma_I                          ? 
_refine.pdbx_ls_sigma_F                          ? 
_refine.pdbx_ls_sigma_Fsqd                       ? 
_refine.pdbx_data_cutoff_high_absF               ? 
_refine.pdbx_data_cutoff_high_rms_absF           ? 
_refine.pdbx_data_cutoff_low_absF                ? 
_refine.pdbx_isotropic_thermal_model             ? 
_refine.pdbx_ls_cross_valid_method               THROUGHOUT 
_refine.pdbx_method_to_determine_struct          'MOLECULAR REPLACEMENT' 
_refine.pdbx_starting_model                      3G03 
_refine.pdbx_stereochemistry_target_values       ? 
_refine.pdbx_R_Free_selection_details            ? 
_refine.pdbx_stereochem_target_val_spec_case     ? 
_refine.pdbx_overall_ESU_R                       ? 
_refine.pdbx_overall_ESU_R_Free                  ? 
_refine.pdbx_solvent_vdw_probe_radii             ? 
_refine.pdbx_solvent_ion_probe_radii             ? 
_refine.pdbx_solvent_shrinkage_radii             ? 
_refine.pdbx_real_space_R                        ? 
_refine.pdbx_density_correlation                 ? 
_refine.pdbx_pd_number_of_powder_patterns        ? 
_refine.pdbx_pd_number_of_points                 ? 
_refine.pdbx_pd_meas_number_of_points            ? 
_refine.pdbx_pd_proc_ls_prof_R_factor            ? 
_refine.pdbx_pd_proc_ls_prof_wR_factor           ? 
_refine.pdbx_pd_Marquardt_correlation_coeff      ? 
_refine.pdbx_pd_Fsqrd_R_factor                   ? 
_refine.pdbx_pd_ls_matrix_band_width             ? 
_refine.pdbx_overall_phase_error                 ? 
_refine.pdbx_overall_SU_R_free_Cruickshank_DPI   ? 
_refine.pdbx_overall_SU_R_free_Blow_DPI          ? 
_refine.pdbx_overall_SU_R_Blow_DPI               ? 
_refine.pdbx_TLS_residual_ADP_flag               ? 
_refine.pdbx_diffrn_id                           1 
_refine.overall_SU_B                             ? 
_refine.overall_SU_ML                            ? 
_refine.overall_SU_R_Cruickshank_DPI             ? 
_refine.overall_SU_R_free                        ? 
_refine.overall_FOM_free_R_set                   ? 
_refine.overall_FOM_work_R_set                   ? 
_refine.pdbx_average_fsc_overall                 ? 
_refine.pdbx_average_fsc_work                    ? 
_refine.pdbx_average_fsc_free                    ? 
# 
_refine_hist.pdbx_refine_id                   'X-RAY DIFFRACTION' 
_refine_hist.cycle_id                         LAST 
_refine_hist.pdbx_number_atoms_protein        843 
_refine_hist.pdbx_number_atoms_nucleic_acid   0 
_refine_hist.pdbx_number_atoms_ligand         15 
_refine_hist.number_atoms_solvent             67 
_refine_hist.number_atoms_total               925 
_refine_hist.d_res_high                       1.61 
_refine_hist.d_res_low                        40.87 
# 
_struct.entry_id                     8F0Z 
_struct.title                        'Structure of the MDM2 P53 binding domain in complex with H101, an all-D Helicon Polypeptide' 
_struct.pdbx_model_details           ? 
_struct.pdbx_formula_weight          ? 
_struct.pdbx_formula_weight_method   ? 
_struct.pdbx_model_type_details      ? 
_struct.pdbx_CASP_flag               N 
# 
_struct_keywords.entry_id        8F0Z 
_struct_keywords.text            'E3 ligase, D-peptide, stapled peptide, LIGASE' 
_struct_keywords.pdbx_keywords   LIGASE 
# 
loop_
_struct_asym.id 
_struct_asym.pdbx_blank_PDB_chainid_flag 
_struct_asym.pdbx_modified 
_struct_asym.entity_id 
_struct_asym.details 
A N N 1 ? 
B N N 2 ? 
C N N 3 ? 
D N N 4 ? 
E N N 5 ? 
F N N 5 ? 
# 
loop_
_struct_ref.id 
_struct_ref.db_name 
_struct_ref.db_code 
_struct_ref.pdbx_db_accession 
_struct_ref.pdbx_db_isoform 
_struct_ref.entity_id 
_struct_ref.pdbx_seq_one_letter_code 
_struct_ref.pdbx_align_begin 
1 UNP MDM2_HUMAN Q00987 ? 1 
;SQIPASEQETLVRPKPLLLKLLKSVGAQKDTYTMKEVLFYLGQYIMTKRLYDEKQQHIVYCSNDLLGDLFGVPSFSVKEH
RKIYTMIYRNLVVVN
;
17 
2 PDB 8F0Z       8F0Z   ? 2 ?                                                                                                  1  
# 
loop_
_struct_ref_seq.align_id 
_struct_ref_seq.ref_id 
_struct_ref_seq.pdbx_PDB_id_code 
_struct_ref_seq.pdbx_strand_id 
_struct_ref_seq.seq_align_beg 
_struct_ref_seq.pdbx_seq_align_beg_ins_code 
_struct_ref_seq.seq_align_end 
_struct_ref_seq.pdbx_seq_align_end_ins_code 
_struct_ref_seq.pdbx_db_accession 
_struct_ref_seq.db_align_beg 
_struct_ref_seq.pdbx_db_align_beg_ins_code 
_struct_ref_seq.db_align_end 
_struct_ref_seq.pdbx_db_align_end_ins_code 
_struct_ref_seq.pdbx_auth_seq_align_beg 
_struct_ref_seq.pdbx_auth_seq_align_end 
1 1 8F0Z A 1 ? 95 ? Q00987 17 ? 111 ? 17 111 
2 2 8F0Z B 1 ? 19 ? 8F0Z   0  ? 18  ? 0  18  
# 
_pdbx_struct_assembly.id                   1 
_pdbx_struct_assembly.details              author_and_software_defined_assembly 
_pdbx_struct_assembly.method_details       PISA 
_pdbx_struct_assembly.oligomeric_details   dimeric 
_pdbx_struct_assembly.oligomeric_count     2 
# 
loop_
_pdbx_struct_assembly_prop.biol_id 
_pdbx_struct_assembly_prop.type 
_pdbx_struct_assembly_prop.value 
_pdbx_struct_assembly_prop.details 
1 'ABSA (A^2)' 1640 ? 
1 MORE         -24  ? 
1 'SSA (A^2)'  5910 ? 
# 
_pdbx_struct_assembly_gen.assembly_id       1 
_pdbx_struct_assembly_gen.oper_expression   1 
_pdbx_struct_assembly_gen.asym_id_list      A,B,C,D,E,F 
# 
_pdbx_struct_assembly_auth_evidence.id                     1 
_pdbx_struct_assembly_auth_evidence.assembly_id            1 
_pdbx_struct_assembly_auth_evidence.experimental_support   'surface plasmon resonance' 
_pdbx_struct_assembly_auth_evidence.details                ? 
# 
_pdbx_struct_oper_list.id                   1 
_pdbx_struct_oper_list.type                 'identity operation' 
_pdbx_struct_oper_list.name                 1_555 
_pdbx_struct_oper_list.symmetry_operation   x,y,z 
_pdbx_struct_oper_list.matrix[1][1]         1.0000000000 
_pdbx_struct_oper_list.matrix[1][2]         0.0000000000 
_pdbx_struct_oper_list.matrix[1][3]         0.0000000000 
_pdbx_struct_oper_list.vector[1]            0.0000000000 
_pdbx_struct_oper_list.matrix[2][1]         0.0000000000 
_pdbx_struct_oper_list.matrix[2][2]         1.0000000000 
_pdbx_struct_oper_list.matrix[2][3]         0.0000000000 
_pdbx_struct_oper_list.vector[2]            0.0000000000 
_pdbx_struct_oper_list.matrix[3][1]         0.0000000000 
_pdbx_struct_oper_list.matrix[3][2]         0.0000000000 
_pdbx_struct_oper_list.matrix[3][3]         1.0000000000 
_pdbx_struct_oper_list.vector[3]            0.0000000000 
# 
loop_
_struct_conf.conf_type_id 
_struct_conf.id 
_struct_conf.pdbx_PDB_helix_id 
_struct_conf.beg_label_comp_id 
_struct_conf.beg_label_asym_id 
_struct_conf.beg_label_seq_id 
_struct_conf.pdbx_beg_PDB_ins_code 
_struct_conf.end_label_comp_id 
_struct_conf.end_label_asym_id 
_struct_conf.end_label_seq_id 
_struct_conf.pdbx_end_PDB_ins_code 
_struct_conf.beg_auth_comp_id 
_struct_conf.beg_auth_asym_id 
_struct_conf.beg_auth_seq_id 
_struct_conf.end_auth_comp_id 
_struct_conf.end_auth_asym_id 
_struct_conf.end_auth_seq_id 
_struct_conf.pdbx_PDB_helix_class 
_struct_conf.details 
_struct_conf.pdbx_PDB_helix_length 
HELX_P HELX_P1 AA1 LYS A 15 ? VAL A 25 ? LYS A 31 VAL A 41  1 ? 11 
HELX_P HELX_P2 AA2 MET A 34 ? LYS A 48 ? MET A 50 LYS A 64  1 ? 15 
HELX_P HELX_P3 AA3 ASP A 64 ? GLY A 71 ? ASP A 80 GLY A 87  1 ? 8  
HELX_P HELX_P4 AA4 GLU A 79 ? ARG A 89 ? GLU A 95 ARG A 105 1 ? 11 
HELX_P HELX_P5 AA5 DTY B 7  ? DSN B 18 ? DTY B 6  DSN B 17  1 ? 12 
# 
_struct_conf_type.id          HELX_P 
_struct_conf_type.criteria    ? 
_struct_conf_type.reference   ? 
# 
loop_
_struct_conn.id 
_struct_conn.conn_type_id 
_struct_conn.pdbx_leaving_atom_flag 
_struct_conn.pdbx_PDB_id 
_struct_conn.ptnr1_label_asym_id 
_struct_conn.ptnr1_label_comp_id 
_struct_conn.ptnr1_label_seq_id 
_struct_conn.ptnr1_label_atom_id 
_struct_conn.pdbx_ptnr1_label_alt_id 
_struct_conn.pdbx_ptnr1_PDB_ins_code 
_struct_conn.pdbx_ptnr1_standard_comp_id 
_struct_conn.ptnr1_symmetry 
_struct_conn.ptnr2_label_asym_id 
_struct_conn.ptnr2_label_comp_id 
_struct_conn.ptnr2_label_seq_id 
_struct_conn.ptnr2_label_atom_id 
_struct_conn.pdbx_ptnr2_label_alt_id 
_struct_conn.pdbx_ptnr2_PDB_ins_code 
_struct_conn.ptnr1_auth_asym_id 
_struct_conn.ptnr1_auth_comp_id 
_struct_conn.ptnr1_auth_seq_id 
_struct_conn.ptnr2_auth_asym_id 
_struct_conn.ptnr2_auth_comp_id 
_struct_conn.ptnr2_auth_seq_id 
_struct_conn.ptnr2_symmetry 
_struct_conn.pdbx_ptnr3_label_atom_id 
_struct_conn.pdbx_ptnr3_label_seq_id 
_struct_conn.pdbx_ptnr3_label_comp_id 
_struct_conn.pdbx_ptnr3_label_asym_id 
_struct_conn.pdbx_ptnr3_label_alt_id 
_struct_conn.pdbx_ptnr3_PDB_ins_code 
_struct_conn.details 
_struct_conn.pdbx_dist_value 
_struct_conn.pdbx_value_order 
_struct_conn.pdbx_role 
covale1  covale both ? B DPR 3  C  ? ? ? 1_555 B DAL 4  N  ? ? B DPR 2  B DAL 3   1_555 ? ? ? ? ? ? ? 1.336 ? ? 
covale2  covale both ? B DAL 4  C  ? ? ? 1_555 B DHI 5  N  ? ? B DAL 3  B DHI 4   1_555 ? ? ? ? ? ? ? 1.332 ? ? 
covale3  covale both ? B DHI 5  C  ? ? ? 1_555 B DTR 6  N  ? ? B DHI 4  B DTR 5   1_555 ? ? ? ? ? ? ? 1.335 ? ? 
covale4  covale both ? B DTR 6  C  ? ? ? 1_555 B DTY 7  N  ? ? B DTR 5  B DTY 6   1_555 ? ? ? ? ? ? ? 1.331 ? ? 
covale5  covale both ? B DTY 7  C  ? ? ? 1_555 B DCY 8  N  ? ? B DTY 6  B DCY 7   1_555 ? ? ? ? ? ? ? 1.329 ? ? 
covale6  covale both ? B DCY 8  C  ? ? ? 1_555 B DAS 9  N  ? ? B DCY 7  B DAS 8   1_555 ? ? ? ? ? ? ? 1.328 ? ? 
covale7  covale none ? B DCY 8  SG ? ? ? 1_555 D WHL .  CH ? ? B DCY 7  B WHL 101 1_555 ? ? ? ? ? ? ? 1.763 ? ? 
covale8  covale both ? B DAS 9  C  ? ? ? 1_555 B DPN 10 N  ? ? B DAS 8  B DPN 9   1_555 ? ? ? ? ? ? ? 1.328 ? ? 
covale9  covale both ? B DPN 10 C  ? ? ? 1_555 B DAL 11 N  ? ? B DPN 9  B DAL 10  1_555 ? ? ? ? ? ? ? 1.329 ? ? 
covale10 covale both ? B DAL 11 C  ? ? ? 1_555 B DAL 12 N  ? ? B DAL 10 B DAL 11  1_555 ? ? ? ? ? ? ? 1.328 ? ? 
covale11 covale both ? B DAL 12 C  ? ? ? 1_555 B DGN 13 N  ? ? B DAL 11 B DGN 12  1_555 ? ? ? ? ? ? ? 1.329 ? ? 
covale12 covale both ? B DGN 13 C  ? ? ? 1_555 B DVA 14 N  ? ? B DGN 12 B DVA 13  1_555 ? ? ? ? ? ? ? 1.330 ? ? 
covale13 covale both ? B DVA 14 C  ? ? ? 1_555 B DCY 15 N  ? ? B DVA 13 B DCY 14  1_555 ? ? ? ? ? ? ? 1.329 ? ? 
covale14 covale both ? B DCY 15 C  ? ? ? 1_555 B DSG 16 N  ? ? B DCY 14 B DSG 15  1_555 ? ? ? ? ? ? ? 1.329 ? ? 
covale15 covale none ? B DCY 15 SG ? ? ? 1_555 D WHL .  CK ? ? B DCY 14 B WHL 101 1_555 ? ? ? ? ? ? ? 1.763 ? ? 
covale16 covale both ? B DSG 16 C  ? ? ? 1_555 B DPN 17 N  ? ? B DSG 15 B DPN 16  1_555 ? ? ? ? ? ? ? 1.326 ? ? 
covale17 covale both ? B DPN 17 C  ? ? ? 1_555 B DSN 18 N  ? ? B DPN 16 B DSN 17  1_555 ? ? ? ? ? ? ? 1.321 ? ? 
covale18 covale both ? B DSN 18 C  ? ? ? 1_555 B NH2 19 N  ? ? B DSN 17 B NH2 18  1_555 ? ? ? ? ? ? ? 1.432 ? ? 
# 
_struct_conn_type.id          covale 
_struct_conn_type.criteria    ? 
_struct_conn_type.reference   ? 
# 
loop_
_pdbx_modification_feature.ordinal 
_pdbx_modification_feature.label_comp_id 
_pdbx_modification_feature.label_asym_id 
_pdbx_modification_feature.label_seq_id 
_pdbx_modification_feature.label_alt_id 
_pdbx_modification_feature.modified_residue_label_comp_id 
_pdbx_modification_feature.modified_residue_label_asym_id 
_pdbx_modification_feature.modified_residue_label_seq_id 
_pdbx_modification_feature.modified_residue_label_alt_id 
_pdbx_modification_feature.auth_comp_id 
_pdbx_modification_feature.auth_asym_id 
_pdbx_modification_feature.auth_seq_id 
_pdbx_modification_feature.PDB_ins_code 
_pdbx_modification_feature.symmetry 
_pdbx_modification_feature.modified_residue_auth_comp_id 
_pdbx_modification_feature.modified_residue_auth_asym_id 
_pdbx_modification_feature.modified_residue_auth_seq_id 
_pdbx_modification_feature.modified_residue_PDB_ins_code 
_pdbx_modification_feature.modified_residue_symmetry 
_pdbx_modification_feature.comp_id_linking_atom 
_pdbx_modification_feature.modified_residue_id_linking_atom 
_pdbx_modification_feature.modified_residue_id 
_pdbx_modification_feature.ref_pcm_id 
_pdbx_modification_feature.ref_comp_id 
_pdbx_modification_feature.type 
_pdbx_modification_feature.category 
1 NH2 B 19 ? DSN B 18 ? NH2 B 18  ? 1_555 DSN B 17 ? 1_555 .  .  DSN 33 NH2 None 'Terminal amidation' 
2 WHL D .  ? DCY B 8  ? WHL B 101 ? 1_555 DCY B 7  ? 1_555 CH SG DCY 3  WHL None Crosslinker          
3 WHL D .  ? DCY B 15 ? WHL B 101 ? 1_555 DCY B 14 ? 1_555 CK SG DCY 4  WHL None Crosslinker          
# 
loop_
_struct_sheet.id 
_struct_sheet.type 
_struct_sheet.number_strands 
_struct_sheet.details 
AA1 ? 3 ? 
AA2 ? 2 ? 
# 
loop_
_struct_sheet_order.sheet_id 
_struct_sheet_order.range_id_1 
_struct_sheet_order.range_id_2 
_struct_sheet_order.offset 
_struct_sheet_order.sense 
AA1 1 2 ? anti-parallel 
AA1 2 3 ? anti-parallel 
AA2 1 2 ? anti-parallel 
# 
loop_
_struct_sheet_range.sheet_id 
_struct_sheet_range.id 
_struct_sheet_range.beg_label_comp_id 
_struct_sheet_range.beg_label_asym_id 
_struct_sheet_range.beg_label_seq_id 
_struct_sheet_range.pdbx_beg_PDB_ins_code 
_struct_sheet_range.end_label_comp_id 
_struct_sheet_range.end_label_asym_id 
_struct_sheet_range.end_label_seq_id 
_struct_sheet_range.pdbx_end_PDB_ins_code 
_struct_sheet_range.beg_auth_comp_id 
_struct_sheet_range.beg_auth_asym_id 
_struct_sheet_range.beg_auth_seq_id 
_struct_sheet_range.end_auth_comp_id 
_struct_sheet_range.end_auth_asym_id 
_struct_sheet_range.end_auth_seq_id 
AA1 1 TYR A 32 ? THR A 33 ? TYR A 48  THR A 49  
AA1 2 LEU A 11 ? PRO A 14 ? LEU A 27  PRO A 30  
AA1 3 LEU A 91 ? VAL A 93 ? LEU A 107 VAL A 109 
AA2 1 ILE A 58 ? TYR A 60 ? ILE A 74  TYR A 76  
AA2 2 SER A 74 ? SER A 76 ? SER A 90  SER A 92  
# 
loop_
_pdbx_struct_sheet_hbond.sheet_id 
_pdbx_struct_sheet_hbond.range_id_1 
_pdbx_struct_sheet_hbond.range_id_2 
_pdbx_struct_sheet_hbond.range_1_label_atom_id 
_pdbx_struct_sheet_hbond.range_1_label_comp_id 
_pdbx_struct_sheet_hbond.range_1_label_asym_id 
_pdbx_struct_sheet_hbond.range_1_label_seq_id 
_pdbx_struct_sheet_hbond.range_1_PDB_ins_code 
_pdbx_struct_sheet_hbond.range_1_auth_atom_id 
_pdbx_struct_sheet_hbond.range_1_auth_comp_id 
_pdbx_struct_sheet_hbond.range_1_auth_asym_id 
_pdbx_struct_sheet_hbond.range_1_auth_seq_id 
_pdbx_struct_sheet_hbond.range_2_label_atom_id 
_pdbx_struct_sheet_hbond.range_2_label_comp_id 
_pdbx_struct_sheet_hbond.range_2_label_asym_id 
_pdbx_struct_sheet_hbond.range_2_label_seq_id 
_pdbx_struct_sheet_hbond.range_2_PDB_ins_code 
_pdbx_struct_sheet_hbond.range_2_auth_atom_id 
_pdbx_struct_sheet_hbond.range_2_auth_comp_id 
_pdbx_struct_sheet_hbond.range_2_auth_asym_id 
_pdbx_struct_sheet_hbond.range_2_auth_seq_id 
AA1 1 2 O TYR A 32 ? O TYR A 48 N VAL A 12 ? N VAL A 28  
AA1 2 3 N ARG A 13 ? N ARG A 29 O VAL A 92 ? O VAL A 108 
AA2 1 2 N VAL A 59 ? N VAL A 75 O PHE A 75 ? O PHE A 91  
# 
_pdbx_entry_details.entry_id                   8F0Z 
_pdbx_entry_details.has_ligand_of_interest     N 
_pdbx_entry_details.compound_details           ? 
_pdbx_entry_details.source_details             ? 
_pdbx_entry_details.nonpolymer_details         ? 
_pdbx_entry_details.sequence_details           ? 
_pdbx_entry_details.has_protein_modification   Y 
# 
loop_
_pdbx_struct_special_symmetry.id 
_pdbx_struct_special_symmetry.PDB_model_num 
_pdbx_struct_special_symmetry.auth_asym_id 
_pdbx_struct_special_symmetry.auth_comp_id 
_pdbx_struct_special_symmetry.auth_seq_id 
_pdbx_struct_special_symmetry.PDB_ins_code 
_pdbx_struct_special_symmetry.label_asym_id 
_pdbx_struct_special_symmetry.label_comp_id 
_pdbx_struct_special_symmetry.label_seq_id 
1 1 A HOH 320 ? E HOH . 
2 1 A HOH 356 ? E HOH . 
# 
loop_
_pdbx_unobs_or_zero_occ_residues.id 
_pdbx_unobs_or_zero_occ_residues.PDB_model_num 
_pdbx_unobs_or_zero_occ_residues.polymer_flag 
_pdbx_unobs_or_zero_occ_residues.occupancy_flag 
_pdbx_unobs_or_zero_occ_residues.auth_asym_id 
_pdbx_unobs_or_zero_occ_residues.auth_comp_id 
_pdbx_unobs_or_zero_occ_residues.auth_seq_id 
_pdbx_unobs_or_zero_occ_residues.PDB_ins_code 
_pdbx_unobs_or_zero_occ_residues.label_asym_id 
_pdbx_unobs_or_zero_occ_residues.label_comp_id 
_pdbx_unobs_or_zero_occ_residues.label_seq_id 
1  1 Y 1 A SER 17  ? A SER 1  
2  1 Y 1 A GLN 18  ? A GLN 2  
3  1 Y 1 A ILE 19  ? A ILE 3  
4  1 Y 1 A PRO 20  ? A PRO 4  
5  1 Y 1 A ALA 21  ? A ALA 5  
6  1 Y 1 A SER 22  ? A SER 6  
7  1 Y 1 A GLU 23  ? A GLU 7  
8  1 Y 1 A GLN 24  ? A GLN 8  
9  1 Y 1 A ASN 111 ? A ASN 95 
10 1 Y 1 B ACE 0   ? B ACE 1  
11 1 Y 1 B DAS 1   ? B DAS 2  
# 
loop_
_chem_comp_atom.comp_id 
_chem_comp_atom.atom_id 
_chem_comp_atom.type_symbol 
_chem_comp_atom.pdbx_aromatic_flag 
_chem_comp_atom.pdbx_stereo_config 
_chem_comp_atom.pdbx_ordinal 
ACE C    C  N N 1   
ACE O    O  N N 2   
ACE CH3  C  N N 3   
ACE H    H  N N 4   
ACE H1   H  N N 5   
ACE H2   H  N N 6   
ACE H3   H  N N 7   
ALA N    N  N N 8   
ALA CA   C  N S 9   
ALA C    C  N N 10  
ALA O    O  N N 11  
ALA CB   C  N N 12  
ALA OXT  O  N N 13  
ALA H    H  N N 14  
ALA H2   H  N N 15  
ALA HA   H  N N 16  
ALA HB1  H  N N 17  
ALA HB2  H  N N 18  
ALA HB3  H  N N 19  
ALA HXT  H  N N 20  
ARG N    N  N N 21  
ARG CA   C  N S 22  
ARG C    C  N N 23  
ARG O    O  N N 24  
ARG CB   C  N N 25  
ARG CG   C  N N 26  
ARG CD   C  N N 27  
ARG NE   N  N N 28  
ARG CZ   C  N N 29  
ARG NH1  N  N N 30  
ARG NH2  N  N N 31  
ARG OXT  O  N N 32  
ARG H    H  N N 33  
ARG H2   H  N N 34  
ARG HA   H  N N 35  
ARG HB2  H  N N 36  
ARG HB3  H  N N 37  
ARG HG2  H  N N 38  
ARG HG3  H  N N 39  
ARG HD2  H  N N 40  
ARG HD3  H  N N 41  
ARG HE   H  N N 42  
ARG HH11 H  N N 43  
ARG HH12 H  N N 44  
ARG HH21 H  N N 45  
ARG HH22 H  N N 46  
ARG HXT  H  N N 47  
ASN N    N  N N 48  
ASN CA   C  N S 49  
ASN C    C  N N 50  
ASN O    O  N N 51  
ASN CB   C  N N 52  
ASN CG   C  N N 53  
ASN OD1  O  N N 54  
ASN ND2  N  N N 55  
ASN OXT  O  N N 56  
ASN H    H  N N 57  
ASN H2   H  N N 58  
ASN HA   H  N N 59  
ASN HB2  H  N N 60  
ASN HB3  H  N N 61  
ASN HD21 H  N N 62  
ASN HD22 H  N N 63  
ASN HXT  H  N N 64  
ASP N    N  N N 65  
ASP CA   C  N S 66  
ASP C    C  N N 67  
ASP O    O  N N 68  
ASP CB   C  N N 69  
ASP CG   C  N N 70  
ASP OD1  O  N N 71  
ASP OD2  O  N N 72  
ASP OXT  O  N N 73  
ASP H    H  N N 74  
ASP H2   H  N N 75  
ASP HA   H  N N 76  
ASP HB2  H  N N 77  
ASP HB3  H  N N 78  
ASP HD2  H  N N 79  
ASP HXT  H  N N 80  
CL  CL   CL N N 81  
CYS N    N  N N 82  
CYS CA   C  N R 83  
CYS C    C  N N 84  
CYS O    O  N N 85  
CYS CB   C  N N 86  
CYS SG   S  N N 87  
CYS OXT  O  N N 88  
CYS H    H  N N 89  
CYS H2   H  N N 90  
CYS HA   H  N N 91  
CYS HB2  H  N N 92  
CYS HB3  H  N N 93  
CYS HG   H  N N 94  
CYS HXT  H  N N 95  
DAL N    N  N N 96  
DAL CA   C  N R 97  
DAL CB   C  N N 98  
DAL C    C  N N 99  
DAL O    O  N N 100 
DAL OXT  O  N N 101 
DAL H    H  N N 102 
DAL H2   H  N N 103 
DAL HA   H  N N 104 
DAL HB1  H  N N 105 
DAL HB2  H  N N 106 
DAL HB3  H  N N 107 
DAL HXT  H  N N 108 
DAS N    N  N N 109 
DAS CA   C  N R 110 
DAS C    C  N N 111 
DAS O    O  N N 112 
DAS CB   C  N N 113 
DAS CG   C  N N 114 
DAS OD1  O  N N 115 
DAS OD2  O  N N 116 
DAS OXT  O  N N 117 
DAS H    H  N N 118 
DAS H2   H  N N 119 
DAS HA   H  N N 120 
DAS HB2  H  N N 121 
DAS HB3  H  N N 122 
DAS HD2  H  N N 123 
DAS HXT  H  N N 124 
DCY N    N  N N 125 
DCY CA   C  N S 126 
DCY C    C  N N 127 
DCY O    O  N N 128 
DCY CB   C  N N 129 
DCY SG   S  N N 130 
DCY OXT  O  N N 131 
DCY H    H  N N 132 
DCY H2   H  N N 133 
DCY HA   H  N N 134 
DCY HB2  H  N N 135 
DCY HB3  H  N N 136 
DCY HG   H  N N 137 
DCY HXT  H  N N 138 
DGN N    N  N N 139 
DGN CA   C  N R 140 
DGN C    C  N N 141 
DGN O    O  N N 142 
DGN OXT  O  N N 143 
DGN CB   C  N N 144 
DGN CG   C  N N 145 
DGN CD   C  N N 146 
DGN OE1  O  N N 147 
DGN NE2  N  N N 148 
DGN H    H  N N 149 
DGN H2   H  N N 150 
DGN HA   H  N N 151 
DGN HXT  H  N N 152 
DGN HB2  H  N N 153 
DGN HB3  H  N N 154 
DGN HG2  H  N N 155 
DGN HG3  H  N N 156 
DGN HE21 H  N N 157 
DGN HE22 H  N N 158 
DHI N    N  N N 159 
DHI CA   C  N R 160 
DHI C    C  N N 161 
DHI O    O  N N 162 
DHI CB   C  N N 163 
DHI CG   C  Y N 164 
DHI ND1  N  Y N 165 
DHI CD2  C  Y N 166 
DHI CE1  C  Y N 167 
DHI NE2  N  Y N 168 
DHI OXT  O  N N 169 
DHI H    H  N N 170 
DHI H2   H  N N 171 
DHI HA   H  N N 172 
DHI HB2  H  N N 173 
DHI HB3  H  N N 174 
DHI HD1  H  N N 175 
DHI HD2  H  N N 176 
DHI HE1  H  N N 177 
DHI HE2  H  N N 178 
DHI HXT  H  N N 179 
DPN N    N  N N 180 
DPN CA   C  N R 181 
DPN C    C  N N 182 
DPN O    O  N N 183 
DPN OXT  O  N N 184 
DPN CB   C  N N 185 
DPN CG   C  Y N 186 
DPN CD1  C  Y N 187 
DPN CD2  C  Y N 188 
DPN CE1  C  Y N 189 
DPN CE2  C  Y N 190 
DPN CZ   C  Y N 191 
DPN H    H  N N 192 
DPN H2   H  N N 193 
DPN HA   H  N N 194 
DPN HXT  H  N N 195 
DPN HB2  H  N N 196 
DPN HB3  H  N N 197 
DPN HD1  H  N N 198 
DPN HD2  H  N N 199 
DPN HE1  H  N N 200 
DPN HE2  H  N N 201 
DPN HZ   H  N N 202 
DPR N    N  N N 203 
DPR CA   C  N R 204 
DPR CB   C  N N 205 
DPR CG   C  N N 206 
DPR CD   C  N N 207 
DPR C    C  N N 208 
DPR O    O  N N 209 
DPR OXT  O  N N 210 
DPR H    H  N N 211 
DPR HA   H  N N 212 
DPR HB2  H  N N 213 
DPR HB3  H  N N 214 
DPR HG2  H  N N 215 
DPR HG3  H  N N 216 
DPR HD2  H  N N 217 
DPR HD3  H  N N 218 
DPR HXT  H  N N 219 
DSG N    N  N N 220 
DSG CA   C  N R 221 
DSG C    C  N N 222 
DSG O    O  N N 223 
DSG CB   C  N N 224 
DSG CG   C  N N 225 
DSG OD1  O  N N 226 
DSG ND2  N  N N 227 
DSG OXT  O  N N 228 
DSG H    H  N N 229 
DSG H2   H  N N 230 
DSG HA   H  N N 231 
DSG HB2  H  N N 232 
DSG HB3  H  N N 233 
DSG HD21 H  N N 234 
DSG HD22 H  N N 235 
DSG HXT  H  N N 236 
DSN N    N  N N 237 
DSN CA   C  N R 238 
DSN C    C  N N 239 
DSN O    O  N N 240 
DSN OXT  O  N N 241 
DSN CB   C  N N 242 
DSN OG   O  N N 243 
DSN H    H  N N 244 
DSN H2   H  N N 245 
DSN HA   H  N N 246 
DSN HXT  H  N N 247 
DSN HB2  H  N N 248 
DSN HB3  H  N N 249 
DSN HG   H  N N 250 
DTR N    N  N N 251 
DTR CA   C  N R 252 
DTR CB   C  N N 253 
DTR CG   C  Y N 254 
DTR CD1  C  Y N 255 
DTR NE1  N  Y N 256 
DTR CE2  C  Y N 257 
DTR CZ2  C  Y N 258 
DTR CH2  C  Y N 259 
DTR CZ3  C  Y N 260 
DTR CE3  C  Y N 261 
DTR CD2  C  Y N 262 
DTR C    C  N N 263 
DTR O    O  N N 264 
DTR OXT  O  N N 265 
DTR H    H  N N 266 
DTR H2   H  N N 267 
DTR HA   H  N N 268 
DTR HB2  H  N N 269 
DTR HB3  H  N N 270 
DTR HD1  H  N N 271 
DTR HE1  H  N N 272 
DTR HZ2  H  N N 273 
DTR HH2  H  N N 274 
DTR HZ3  H  N N 275 
DTR HE3  H  N N 276 
DTR HXT  H  N N 277 
DTY N    N  N N 278 
DTY CA   C  N R 279 
DTY C    C  N N 280 
DTY O    O  N N 281 
DTY CB   C  N N 282 
DTY CG   C  Y N 283 
DTY CD1  C  Y N 284 
DTY CD2  C  Y N 285 
DTY CE1  C  Y N 286 
DTY CE2  C  Y N 287 
DTY CZ   C  Y N 288 
DTY OH   O  N N 289 
DTY OXT  O  N N 290 
DTY H    H  N N 291 
DTY H2   H  N N 292 
DTY HA   H  N N 293 
DTY HB2  H  N N 294 
DTY HB3  H  N N 295 
DTY HD1  H  N N 296 
DTY HD2  H  N N 297 
DTY HE1  H  N N 298 
DTY HE2  H  N N 299 
DTY HH   H  N N 300 
DTY HXT  H  N N 301 
DVA N    N  N N 302 
DVA CA   C  N R 303 
DVA CB   C  N N 304 
DVA CG1  C  N N 305 
DVA CG2  C  N N 306 
DVA C    C  N N 307 
DVA O    O  N N 308 
DVA OXT  O  N N 309 
DVA H    H  N N 310 
DVA H2   H  N N 311 
DVA HA   H  N N 312 
DVA HB   H  N N 313 
DVA HG11 H  N N 314 
DVA HG12 H  N N 315 
DVA HG13 H  N N 316 
DVA HG21 H  N N 317 
DVA HG22 H  N N 318 
DVA HG23 H  N N 319 
DVA HXT  H  N N 320 
GLN N    N  N N 321 
GLN CA   C  N S 322 
GLN C    C  N N 323 
GLN O    O  N N 324 
GLN CB   C  N N 325 
GLN CG   C  N N 326 
GLN CD   C  N N 327 
GLN OE1  O  N N 328 
GLN NE2  N  N N 329 
GLN OXT  O  N N 330 
GLN H    H  N N 331 
GLN H2   H  N N 332 
GLN HA   H  N N 333 
GLN HB2  H  N N 334 
GLN HB3  H  N N 335 
GLN HG2  H  N N 336 
GLN HG3  H  N N 337 
GLN HE21 H  N N 338 
GLN HE22 H  N N 339 
GLN HXT  H  N N 340 
GLU N    N  N N 341 
GLU CA   C  N S 342 
GLU C    C  N N 343 
GLU O    O  N N 344 
GLU CB   C  N N 345 
GLU CG   C  N N 346 
GLU CD   C  N N 347 
GLU OE1  O  N N 348 
GLU OE2  O  N N 349 
GLU OXT  O  N N 350 
GLU H    H  N N 351 
GLU H2   H  N N 352 
GLU HA   H  N N 353 
GLU HB2  H  N N 354 
GLU HB3  H  N N 355 
GLU HG2  H  N N 356 
GLU HG3  H  N N 357 
GLU HE2  H  N N 358 
GLU HXT  H  N N 359 
GLY N    N  N N 360 
GLY CA   C  N N 361 
GLY C    C  N N 362 
GLY O    O  N N 363 
GLY OXT  O  N N 364 
GLY H    H  N N 365 
GLY H2   H  N N 366 
GLY HA2  H  N N 367 
GLY HA3  H  N N 368 
GLY HXT  H  N N 369 
HIS N    N  N N 370 
HIS CA   C  N S 371 
HIS C    C  N N 372 
HIS O    O  N N 373 
HIS CB   C  N N 374 
HIS CG   C  Y N 375 
HIS ND1  N  Y N 376 
HIS CD2  C  Y N 377 
HIS CE1  C  Y N 378 
HIS NE2  N  Y N 379 
HIS OXT  O  N N 380 
HIS H    H  N N 381 
HIS H2   H  N N 382 
HIS HA   H  N N 383 
HIS HB2  H  N N 384 
HIS HB3  H  N N 385 
HIS HD1  H  N N 386 
HIS HD2  H  N N 387 
HIS HE1  H  N N 388 
HIS HE2  H  N N 389 
HIS HXT  H  N N 390 
HOH O    O  N N 391 
HOH H1   H  N N 392 
HOH H2   H  N N 393 
ILE N    N  N N 394 
ILE CA   C  N S 395 
ILE C    C  N N 396 
ILE O    O  N N 397 
ILE CB   C  N S 398 
ILE CG1  C  N N 399 
ILE CG2  C  N N 400 
ILE CD1  C  N N 401 
ILE OXT  O  N N 402 
ILE H    H  N N 403 
ILE H2   H  N N 404 
ILE HA   H  N N 405 
ILE HB   H  N N 406 
ILE HG12 H  N N 407 
ILE HG13 H  N N 408 
ILE HG21 H  N N 409 
ILE HG22 H  N N 410 
ILE HG23 H  N N 411 
ILE HD11 H  N N 412 
ILE HD12 H  N N 413 
ILE HD13 H  N N 414 
ILE HXT  H  N N 415 
LEU N    N  N N 416 
LEU CA   C  N S 417 
LEU C    C  N N 418 
LEU O    O  N N 419 
LEU CB   C  N N 420 
LEU CG   C  N N 421 
LEU CD1  C  N N 422 
LEU CD2  C  N N 423 
LEU OXT  O  N N 424 
LEU H    H  N N 425 
LEU H2   H  N N 426 
LEU HA   H  N N 427 
LEU HB2  H  N N 428 
LEU HB3  H  N N 429 
LEU HG   H  N N 430 
LEU HD11 H  N N 431 
LEU HD12 H  N N 432 
LEU HD13 H  N N 433 
LEU HD21 H  N N 434 
LEU HD22 H  N N 435 
LEU HD23 H  N N 436 
LEU HXT  H  N N 437 
LYS N    N  N N 438 
LYS CA   C  N S 439 
LYS C    C  N N 440 
LYS O    O  N N 441 
LYS CB   C  N N 442 
LYS CG   C  N N 443 
LYS CD   C  N N 444 
LYS CE   C  N N 445 
LYS NZ   N  N N 446 
LYS OXT  O  N N 447 
LYS H    H  N N 448 
LYS H2   H  N N 449 
LYS HA   H  N N 450 
LYS HB2  H  N N 451 
LYS HB3  H  N N 452 
LYS HG2  H  N N 453 
LYS HG3  H  N N 454 
LYS HD2  H  N N 455 
LYS HD3  H  N N 456 
LYS HE2  H  N N 457 
LYS HE3  H  N N 458 
LYS HZ1  H  N N 459 
LYS HZ2  H  N N 460 
LYS HZ3  H  N N 461 
LYS HXT  H  N N 462 
MET N    N  N N 463 
MET CA   C  N S 464 
MET C    C  N N 465 
MET O    O  N N 466 
MET CB   C  N N 467 
MET CG   C  N N 468 
MET SD   S  N N 469 
MET CE   C  N N 470 
MET OXT  O  N N 471 
MET H    H  N N 472 
MET H2   H  N N 473 
MET HA   H  N N 474 
MET HB2  H  N N 475 
MET HB3  H  N N 476 
MET HG2  H  N N 477 
MET HG3  H  N N 478 
MET HE1  H  N N 479 
MET HE2  H  N N 480 
MET HE3  H  N N 481 
MET HXT  H  N N 482 
NH2 N    N  N N 483 
NH2 HN1  H  N N 484 
NH2 HN2  H  N N 485 
PHE N    N  N N 486 
PHE CA   C  N S 487 
PHE C    C  N N 488 
PHE O    O  N N 489 
PHE CB   C  N N 490 
PHE CG   C  Y N 491 
PHE CD1  C  Y N 492 
PHE CD2  C  Y N 493 
PHE CE1  C  Y N 494 
PHE CE2  C  Y N 495 
PHE CZ   C  Y N 496 
PHE OXT  O  N N 497 
PHE H    H  N N 498 
PHE H2   H  N N 499 
PHE HA   H  N N 500 
PHE HB2  H  N N 501 
PHE HB3  H  N N 502 
PHE HD1  H  N N 503 
PHE HD2  H  N N 504 
PHE HE1  H  N N 505 
PHE HE2  H  N N 506 
PHE HZ   H  N N 507 
PHE HXT  H  N N 508 
PRO N    N  N N 509 
PRO CA   C  N S 510 
PRO C    C  N N 511 
PRO O    O  N N 512 
PRO CB   C  N N 513 
PRO CG   C  N N 514 
PRO CD   C  N N 515 
PRO OXT  O  N N 516 
PRO H    H  N N 517 
PRO HA   H  N N 518 
PRO HB2  H  N N 519 
PRO HB3  H  N N 520 
PRO HG2  H  N N 521 
PRO HG3  H  N N 522 
PRO HD2  H  N N 523 
PRO HD3  H  N N 524 
PRO HXT  H  N N 525 
SER N    N  N N 526 
SER CA   C  N S 527 
SER C    C  N N 528 
SER O    O  N N 529 
SER CB   C  N N 530 
SER OG   O  N N 531 
SER OXT  O  N N 532 
SER H    H  N N 533 
SER H2   H  N N 534 
SER HA   H  N N 535 
SER HB2  H  N N 536 
SER HB3  H  N N 537 
SER HG   H  N N 538 
SER HXT  H  N N 539 
THR N    N  N N 540 
THR CA   C  N S 541 
THR C    C  N N 542 
THR O    O  N N 543 
THR CB   C  N R 544 
THR OG1  O  N N 545 
THR CG2  C  N N 546 
THR OXT  O  N N 547 
THR H    H  N N 548 
THR H2   H  N N 549 
THR HA   H  N N 550 
THR HB   H  N N 551 
THR HG1  H  N N 552 
THR HG21 H  N N 553 
THR HG22 H  N N 554 
THR HG23 H  N N 555 
THR HXT  H  N N 556 
TYR N    N  N N 557 
TYR CA   C  N S 558 
TYR C    C  N N 559 
TYR O    O  N N 560 
TYR CB   C  N N 561 
TYR CG   C  Y N 562 
TYR CD1  C  Y N 563 
TYR CD2  C  Y N 564 
TYR CE1  C  Y N 565 
TYR CE2  C  Y N 566 
TYR CZ   C  Y N 567 
TYR OH   O  N N 568 
TYR OXT  O  N N 569 
TYR H    H  N N 570 
TYR H2   H  N N 571 
TYR HA   H  N N 572 
TYR HB2  H  N N 573 
TYR HB3  H  N N 574 
TYR HD1  H  N N 575 
TYR HD2  H  N N 576 
TYR HE1  H  N N 577 
TYR HE2  H  N N 578 
TYR HH   H  N N 579 
TYR HXT  H  N N 580 
VAL N    N  N N 581 
VAL CA   C  N S 582 
VAL C    C  N N 583 
VAL O    O  N N 584 
VAL CB   C  N N 585 
VAL CG1  C  N N 586 
VAL CG2  C  N N 587 
VAL OXT  O  N N 588 
VAL H    H  N N 589 
VAL H2   H  N N 590 
VAL HA   H  N N 591 
VAL HB   H  N N 592 
VAL HG11 H  N N 593 
VAL HG12 H  N N 594 
VAL HG13 H  N N 595 
VAL HG21 H  N N 596 
VAL HG22 H  N N 597 
VAL HG23 H  N N 598 
VAL HXT  H  N N 599 
WHL CA   C  Y N 600 
WHL CB   C  Y N 601 
WHL NB   N  N N 602 
WHL OB   O  N N 603 
WHL CG   C  N N 604 
WHL CD   C  Y N 605 
WHL CE   C  Y N 606 
WHL CH   C  N N 607 
WHL CC   C  Y N 608 
WHL CF   C  Y N 609 
WHL CJ   C  N N 610 
WHL CK   C  N N 611 
WHL NA   N  N N 612 
WHL OA   O  N N 613 
WHL H1   H  N N 614 
WHL H2   H  N N 615 
WHL H3   H  N N 616 
WHL H4   H  N N 617 
WHL H5   H  N N 618 
WHL H6   H  N N 619 
WHL H7   H  N N 620 
WHL H8   H  N N 621 
WHL H9   H  N N 622 
WHL H10  H  N N 623 
WHL H11  H  N N 624 
WHL H12  H  N N 625 
# 
loop_
_chem_comp_bond.comp_id 
_chem_comp_bond.atom_id_1 
_chem_comp_bond.atom_id_2 
_chem_comp_bond.value_order 
_chem_comp_bond.pdbx_aromatic_flag 
_chem_comp_bond.pdbx_stereo_config 
_chem_comp_bond.pdbx_ordinal 
ACE C   O    doub N N 1   
ACE C   CH3  sing N N 2   
ACE C   H    sing N N 3   
ACE CH3 H1   sing N N 4   
ACE CH3 H2   sing N N 5   
ACE CH3 H3   sing N N 6   
ALA N   CA   sing N N 7   
ALA N   H    sing N N 8   
ALA N   H2   sing N N 9   
ALA CA  C    sing N N 10  
ALA CA  CB   sing N N 11  
ALA CA  HA   sing N N 12  
ALA C   O    doub N N 13  
ALA C   OXT  sing N N 14  
ALA CB  HB1  sing N N 15  
ALA CB  HB2  sing N N 16  
ALA CB  HB3  sing N N 17  
ALA OXT HXT  sing N N 18  
ARG N   CA   sing N N 19  
ARG N   H    sing N N 20  
ARG N   H2   sing N N 21  
ARG CA  C    sing N N 22  
ARG CA  CB   sing N N 23  
ARG CA  HA   sing N N 24  
ARG C   O    doub N N 25  
ARG C   OXT  sing N N 26  
ARG CB  CG   sing N N 27  
ARG CB  HB2  sing N N 28  
ARG CB  HB3  sing N N 29  
ARG CG  CD   sing N N 30  
ARG CG  HG2  sing N N 31  
ARG CG  HG3  sing N N 32  
ARG CD  NE   sing N N 33  
ARG CD  HD2  sing N N 34  
ARG CD  HD3  sing N N 35  
ARG NE  CZ   sing N N 36  
ARG NE  HE   sing N N 37  
ARG CZ  NH1  sing N N 38  
ARG CZ  NH2  doub N N 39  
ARG NH1 HH11 sing N N 40  
ARG NH1 HH12 sing N N 41  
ARG NH2 HH21 sing N N 42  
ARG NH2 HH22 sing N N 43  
ARG OXT HXT  sing N N 44  
ASN N   CA   sing N N 45  
ASN N   H    sing N N 46  
ASN N   H2   sing N N 47  
ASN CA  C    sing N N 48  
ASN CA  CB   sing N N 49  
ASN CA  HA   sing N N 50  
ASN C   O    doub N N 51  
ASN C   OXT  sing N N 52  
ASN CB  CG   sing N N 53  
ASN CB  HB2  sing N N 54  
ASN CB  HB3  sing N N 55  
ASN CG  OD1  doub N N 56  
ASN CG  ND2  sing N N 57  
ASN ND2 HD21 sing N N 58  
ASN ND2 HD22 sing N N 59  
ASN OXT HXT  sing N N 60  
ASP N   CA   sing N N 61  
ASP N   H    sing N N 62  
ASP N   H2   sing N N 63  
ASP CA  C    sing N N 64  
ASP CA  CB   sing N N 65  
ASP CA  HA   sing N N 66  
ASP C   O    doub N N 67  
ASP C   OXT  sing N N 68  
ASP CB  CG   sing N N 69  
ASP CB  HB2  sing N N 70  
ASP CB  HB3  sing N N 71  
ASP CG  OD1  doub N N 72  
ASP CG  OD2  sing N N 73  
ASP OD2 HD2  sing N N 74  
ASP OXT HXT  sing N N 75  
CYS N   CA   sing N N 76  
CYS N   H    sing N N 77  
CYS N   H2   sing N N 78  
CYS CA  C    sing N N 79  
CYS CA  CB   sing N N 80  
CYS CA  HA   sing N N 81  
CYS C   O    doub N N 82  
CYS C   OXT  sing N N 83  
CYS CB  SG   sing N N 84  
CYS CB  HB2  sing N N 85  
CYS CB  HB3  sing N N 86  
CYS SG  HG   sing N N 87  
CYS OXT HXT  sing N N 88  
DAL N   CA   sing N N 89  
DAL N   H    sing N N 90  
DAL N   H2   sing N N 91  
DAL CA  CB   sing N N 92  
DAL CA  C    sing N N 93  
DAL CA  HA   sing N N 94  
DAL CB  HB1  sing N N 95  
DAL CB  HB2  sing N N 96  
DAL CB  HB3  sing N N 97  
DAL C   O    doub N N 98  
DAL C   OXT  sing N N 99  
DAL OXT HXT  sing N N 100 
DAS N   CA   sing N N 101 
DAS N   H    sing N N 102 
DAS N   H2   sing N N 103 
DAS CA  C    sing N N 104 
DAS CA  CB   sing N N 105 
DAS CA  HA   sing N N 106 
DAS C   O    doub N N 107 
DAS C   OXT  sing N N 108 
DAS CB  CG   sing N N 109 
DAS CB  HB2  sing N N 110 
DAS CB  HB3  sing N N 111 
DAS CG  OD1  doub N N 112 
DAS CG  OD2  sing N N 113 
DAS OD2 HD2  sing N N 114 
DAS OXT HXT  sing N N 115 
DCY N   CA   sing N N 116 
DCY N   H    sing N N 117 
DCY N   H2   sing N N 118 
DCY CA  C    sing N N 119 
DCY CA  CB   sing N N 120 
DCY CA  HA   sing N N 121 
DCY C   O    doub N N 122 
DCY C   OXT  sing N N 123 
DCY CB  SG   sing N N 124 
DCY CB  HB2  sing N N 125 
DCY CB  HB3  sing N N 126 
DCY SG  HG   sing N N 127 
DCY OXT HXT  sing N N 128 
DGN N   CA   sing N N 129 
DGN N   H    sing N N 130 
DGN N   H2   sing N N 131 
DGN CA  C    sing N N 132 
DGN CA  CB   sing N N 133 
DGN CA  HA   sing N N 134 
DGN C   O    doub N N 135 
DGN C   OXT  sing N N 136 
DGN OXT HXT  sing N N 137 
DGN CB  CG   sing N N 138 
DGN CB  HB2  sing N N 139 
DGN CB  HB3  sing N N 140 
DGN CG  CD   sing N N 141 
DGN CG  HG2  sing N N 142 
DGN CG  HG3  sing N N 143 
DGN CD  OE1  doub N N 144 
DGN CD  NE2  sing N N 145 
DGN NE2 HE21 sing N N 146 
DGN NE2 HE22 sing N N 147 
DHI N   CA   sing N N 148 
DHI N   H    sing N N 149 
DHI N   H2   sing N N 150 
DHI CA  C    sing N N 151 
DHI CA  CB   sing N N 152 
DHI CA  HA   sing N N 153 
DHI C   O    doub N N 154 
DHI C   OXT  sing N N 155 
DHI CB  CG   sing N N 156 
DHI CB  HB2  sing N N 157 
DHI CB  HB3  sing N N 158 
DHI CG  ND1  sing Y N 159 
DHI CG  CD2  doub Y N 160 
DHI ND1 CE1  doub Y N 161 
DHI ND1 HD1  sing N N 162 
DHI CD2 NE2  sing Y N 163 
DHI CD2 HD2  sing N N 164 
DHI CE1 NE2  sing Y N 165 
DHI CE1 HE1  sing N N 166 
DHI NE2 HE2  sing N N 167 
DHI OXT HXT  sing N N 168 
DPN N   CA   sing N N 169 
DPN N   H    sing N N 170 
DPN N   H2   sing N N 171 
DPN CA  C    sing N N 172 
DPN CA  CB   sing N N 173 
DPN CA  HA   sing N N 174 
DPN C   O    doub N N 175 
DPN C   OXT  sing N N 176 
DPN OXT HXT  sing N N 177 
DPN CB  CG   sing N N 178 
DPN CB  HB2  sing N N 179 
DPN CB  HB3  sing N N 180 
DPN CG  CD1  doub Y N 181 
DPN CG  CD2  sing Y N 182 
DPN CD1 CE1  sing Y N 183 
DPN CD1 HD1  sing N N 184 
DPN CD2 CE2  doub Y N 185 
DPN CD2 HD2  sing N N 186 
DPN CE1 CZ   doub Y N 187 
DPN CE1 HE1  sing N N 188 
DPN CE2 CZ   sing Y N 189 
DPN CE2 HE2  sing N N 190 
DPN CZ  HZ   sing N N 191 
DPR N   CA   sing N N 192 
DPR N   CD   sing N N 193 
DPR N   H    sing N N 194 
DPR CA  CB   sing N N 195 
DPR CA  C    sing N N 196 
DPR CA  HA   sing N N 197 
DPR CB  CG   sing N N 198 
DPR CB  HB2  sing N N 199 
DPR CB  HB3  sing N N 200 
DPR CG  CD   sing N N 201 
DPR CG  HG2  sing N N 202 
DPR CG  HG3  sing N N 203 
DPR CD  HD2  sing N N 204 
DPR CD  HD3  sing N N 205 
DPR C   O    doub N N 206 
DPR C   OXT  sing N N 207 
DPR OXT HXT  sing N N 208 
DSG N   CA   sing N N 209 
DSG N   H    sing N N 210 
DSG N   H2   sing N N 211 
DSG CA  C    sing N N 212 
DSG CA  CB   sing N N 213 
DSG CA  HA   sing N N 214 
DSG C   O    doub N N 215 
DSG C   OXT  sing N N 216 
DSG CB  CG   sing N N 217 
DSG CB  HB2  sing N N 218 
DSG CB  HB3  sing N N 219 
DSG CG  OD1  doub N N 220 
DSG CG  ND2  sing N N 221 
DSG ND2 HD21 sing N N 222 
DSG ND2 HD22 sing N N 223 
DSG OXT HXT  sing N N 224 
DSN N   CA   sing N N 225 
DSN N   H    sing N N 226 
DSN N   H2   sing N N 227 
DSN CA  C    sing N N 228 
DSN CA  CB   sing N N 229 
DSN CA  HA   sing N N 230 
DSN C   O    doub N N 231 
DSN C   OXT  sing N N 232 
DSN OXT HXT  sing N N 233 
DSN CB  OG   sing N N 234 
DSN CB  HB2  sing N N 235 
DSN CB  HB3  sing N N 236 
DSN OG  HG   sing N N 237 
DTR N   CA   sing N N 238 
DTR N   H    sing N N 239 
DTR N   H2   sing N N 240 
DTR CA  CB   sing N N 241 
DTR CA  C    sing N N 242 
DTR CA  HA   sing N N 243 
DTR CB  CG   sing N N 244 
DTR CB  HB2  sing N N 245 
DTR CB  HB3  sing N N 246 
DTR CG  CD1  doub Y N 247 
DTR CG  CD2  sing Y N 248 
DTR CD1 NE1  sing Y N 249 
DTR CD1 HD1  sing N N 250 
DTR NE1 CE2  sing Y N 251 
DTR NE1 HE1  sing N N 252 
DTR CE2 CZ2  doub Y N 253 
DTR CE2 CD2  sing Y N 254 
DTR CZ2 CH2  sing Y N 255 
DTR CZ2 HZ2  sing N N 256 
DTR CH2 CZ3  doub Y N 257 
DTR CH2 HH2  sing N N 258 
DTR CZ3 CE3  sing Y N 259 
DTR CZ3 HZ3  sing N N 260 
DTR CE3 CD2  doub Y N 261 
DTR CE3 HE3  sing N N 262 
DTR C   O    doub N N 263 
DTR C   OXT  sing N N 264 
DTR OXT HXT  sing N N 265 
DTY N   CA   sing N N 266 
DTY N   H    sing N N 267 
DTY N   H2   sing N N 268 
DTY CA  C    sing N N 269 
DTY CA  CB   sing N N 270 
DTY CA  HA   sing N N 271 
DTY C   O    doub N N 272 
DTY C   OXT  sing N N 273 
DTY CB  CG   sing N N 274 
DTY CB  HB2  sing N N 275 
DTY CB  HB3  sing N N 276 
DTY CG  CD1  doub Y N 277 
DTY CG  CD2  sing Y N 278 
DTY CD1 CE1  sing Y N 279 
DTY CD1 HD1  sing N N 280 
DTY CD2 CE2  doub Y N 281 
DTY CD2 HD2  sing N N 282 
DTY CE1 CZ   doub Y N 283 
DTY CE1 HE1  sing N N 284 
DTY CE2 CZ   sing Y N 285 
DTY CE2 HE2  sing N N 286 
DTY CZ  OH   sing N N 287 
DTY OH  HH   sing N N 288 
DTY OXT HXT  sing N N 289 
DVA N   CA   sing N N 290 
DVA N   H    sing N N 291 
DVA N   H2   sing N N 292 
DVA CA  CB   sing N N 293 
DVA CA  C    sing N N 294 
DVA CA  HA   sing N N 295 
DVA CB  CG1  sing N N 296 
DVA CB  CG2  sing N N 297 
DVA CB  HB   sing N N 298 
DVA CG1 HG11 sing N N 299 
DVA CG1 HG12 sing N N 300 
DVA CG1 HG13 sing N N 301 
DVA CG2 HG21 sing N N 302 
DVA CG2 HG22 sing N N 303 
DVA CG2 HG23 sing N N 304 
DVA C   O    doub N N 305 
DVA C   OXT  sing N N 306 
DVA OXT HXT  sing N N 307 
GLN N   CA   sing N N 308 
GLN N   H    sing N N 309 
GLN N   H2   sing N N 310 
GLN CA  C    sing N N 311 
GLN CA  CB   sing N N 312 
GLN CA  HA   sing N N 313 
GLN C   O    doub N N 314 
GLN C   OXT  sing N N 315 
GLN CB  CG   sing N N 316 
GLN CB  HB2  sing N N 317 
GLN CB  HB3  sing N N 318 
GLN CG  CD   sing N N 319 
GLN CG  HG2  sing N N 320 
GLN CG  HG3  sing N N 321 
GLN CD  OE1  doub N N 322 
GLN CD  NE2  sing N N 323 
GLN NE2 HE21 sing N N 324 
GLN NE2 HE22 sing N N 325 
GLN OXT HXT  sing N N 326 
GLU N   CA   sing N N 327 
GLU N   H    sing N N 328 
GLU N   H2   sing N N 329 
GLU CA  C    sing N N 330 
GLU CA  CB   sing N N 331 
GLU CA  HA   sing N N 332 
GLU C   O    doub N N 333 
GLU C   OXT  sing N N 334 
GLU CB  CG   sing N N 335 
GLU CB  HB2  sing N N 336 
GLU CB  HB3  sing N N 337 
GLU CG  CD   sing N N 338 
GLU CG  HG2  sing N N 339 
GLU CG  HG3  sing N N 340 
GLU CD  OE1  doub N N 341 
GLU CD  OE2  sing N N 342 
GLU OE2 HE2  sing N N 343 
GLU OXT HXT  sing N N 344 
GLY N   CA   sing N N 345 
GLY N   H    sing N N 346 
GLY N   H2   sing N N 347 
GLY CA  C    sing N N 348 
GLY CA  HA2  sing N N 349 
GLY CA  HA3  sing N N 350 
GLY C   O    doub N N 351 
GLY C   OXT  sing N N 352 
GLY OXT HXT  sing N N 353 
HIS N   CA   sing N N 354 
HIS N   H    sing N N 355 
HIS N   H2   sing N N 356 
HIS CA  C    sing N N 357 
HIS CA  CB   sing N N 358 
HIS CA  HA   sing N N 359 
HIS C   O    doub N N 360 
HIS C   OXT  sing N N 361 
HIS CB  CG   sing N N 362 
HIS CB  HB2  sing N N 363 
HIS CB  HB3  sing N N 364 
HIS CG  ND1  sing Y N 365 
HIS CG  CD2  doub Y N 366 
HIS ND1 CE1  doub Y N 367 
HIS ND1 HD1  sing N N 368 
HIS CD2 NE2  sing Y N 369 
HIS CD2 HD2  sing N N 370 
HIS CE1 NE2  sing Y N 371 
HIS CE1 HE1  sing N N 372 
HIS NE2 HE2  sing N N 373 
HIS OXT HXT  sing N N 374 
HOH O   H1   sing N N 375 
HOH O   H2   sing N N 376 
ILE N   CA   sing N N 377 
ILE N   H    sing N N 378 
ILE N   H2   sing N N 379 
ILE CA  C    sing N N 380 
ILE CA  CB   sing N N 381 
ILE CA  HA   sing N N 382 
ILE C   O    doub N N 383 
ILE C   OXT  sing N N 384 
ILE CB  CG1  sing N N 385 
ILE CB  CG2  sing N N 386 
ILE CB  HB   sing N N 387 
ILE CG1 CD1  sing N N 388 
ILE CG1 HG12 sing N N 389 
ILE CG1 HG13 sing N N 390 
ILE CG2 HG21 sing N N 391 
ILE CG2 HG22 sing N N 392 
ILE CG2 HG23 sing N N 393 
ILE CD1 HD11 sing N N 394 
ILE CD1 HD12 sing N N 395 
ILE CD1 HD13 sing N N 396 
ILE OXT HXT  sing N N 397 
LEU N   CA   sing N N 398 
LEU N   H    sing N N 399 
LEU N   H2   sing N N 400 
LEU CA  C    sing N N 401 
LEU CA  CB   sing N N 402 
LEU CA  HA   sing N N 403 
LEU C   O    doub N N 404 
LEU C   OXT  sing N N 405 
LEU CB  CG   sing N N 406 
LEU CB  HB2  sing N N 407 
LEU CB  HB3  sing N N 408 
LEU CG  CD1  sing N N 409 
LEU CG  CD2  sing N N 410 
LEU CG  HG   sing N N 411 
LEU CD1 HD11 sing N N 412 
LEU CD1 HD12 sing N N 413 
LEU CD1 HD13 sing N N 414 
LEU CD2 HD21 sing N N 415 
LEU CD2 HD22 sing N N 416 
LEU CD2 HD23 sing N N 417 
LEU OXT HXT  sing N N 418 
LYS N   CA   sing N N 419 
LYS N   H    sing N N 420 
LYS N   H2   sing N N 421 
LYS CA  C    sing N N 422 
LYS CA  CB   sing N N 423 
LYS CA  HA   sing N N 424 
LYS C   O    doub N N 425 
LYS C   OXT  sing N N 426 
LYS CB  CG   sing N N 427 
LYS CB  HB2  sing N N 428 
LYS CB  HB3  sing N N 429 
LYS CG  CD   sing N N 430 
LYS CG  HG2  sing N N 431 
LYS CG  HG3  sing N N 432 
LYS CD  CE   sing N N 433 
LYS CD  HD2  sing N N 434 
LYS CD  HD3  sing N N 435 
LYS CE  NZ   sing N N 436 
LYS CE  HE2  sing N N 437 
LYS CE  HE3  sing N N 438 
LYS NZ  HZ1  sing N N 439 
LYS NZ  HZ2  sing N N 440 
LYS NZ  HZ3  sing N N 441 
LYS OXT HXT  sing N N 442 
MET N   CA   sing N N 443 
MET N   H    sing N N 444 
MET N   H2   sing N N 445 
MET CA  C    sing N N 446 
MET CA  CB   sing N N 447 
MET CA  HA   sing N N 448 
MET C   O    doub N N 449 
MET C   OXT  sing N N 450 
MET CB  CG   sing N N 451 
MET CB  HB2  sing N N 452 
MET CB  HB3  sing N N 453 
MET CG  SD   sing N N 454 
MET CG  HG2  sing N N 455 
MET CG  HG3  sing N N 456 
MET SD  CE   sing N N 457 
MET CE  HE1  sing N N 458 
MET CE  HE2  sing N N 459 
MET CE  HE3  sing N N 460 
MET OXT HXT  sing N N 461 
NH2 N   HN1  sing N N 462 
NH2 N   HN2  sing N N 463 
PHE N   CA   sing N N 464 
PHE N   H    sing N N 465 
PHE N   H2   sing N N 466 
PHE CA  C    sing N N 467 
PHE CA  CB   sing N N 468 
PHE CA  HA   sing N N 469 
PHE C   O    doub N N 470 
PHE C   OXT  sing N N 471 
PHE CB  CG   sing N N 472 
PHE CB  HB2  sing N N 473 
PHE CB  HB3  sing N N 474 
PHE CG  CD1  doub Y N 475 
PHE CG  CD2  sing Y N 476 
PHE CD1 CE1  sing Y N 477 
PHE CD1 HD1  sing N N 478 
PHE CD2 CE2  doub Y N 479 
PHE CD2 HD2  sing N N 480 
PHE CE1 CZ   doub Y N 481 
PHE CE1 HE1  sing N N 482 
PHE CE2 CZ   sing Y N 483 
PHE CE2 HE2  sing N N 484 
PHE CZ  HZ   sing N N 485 
PHE OXT HXT  sing N N 486 
PRO N   CA   sing N N 487 
PRO N   CD   sing N N 488 
PRO N   H    sing N N 489 
PRO CA  C    sing N N 490 
PRO CA  CB   sing N N 491 
PRO CA  HA   sing N N 492 
PRO C   O    doub N N 493 
PRO C   OXT  sing N N 494 
PRO CB  CG   sing N N 495 
PRO CB  HB2  sing N N 496 
PRO CB  HB3  sing N N 497 
PRO CG  CD   sing N N 498 
PRO CG  HG2  sing N N 499 
PRO CG  HG3  sing N N 500 
PRO CD  HD2  sing N N 501 
PRO CD  HD3  sing N N 502 
PRO OXT HXT  sing N N 503 
SER N   CA   sing N N 504 
SER N   H    sing N N 505 
SER N   H2   sing N N 506 
SER CA  C    sing N N 507 
SER CA  CB   sing N N 508 
SER CA  HA   sing N N 509 
SER C   O    doub N N 510 
SER C   OXT  sing N N 511 
SER CB  OG   sing N N 512 
SER CB  HB2  sing N N 513 
SER CB  HB3  sing N N 514 
SER OG  HG   sing N N 515 
SER OXT HXT  sing N N 516 
THR N   CA   sing N N 517 
THR N   H    sing N N 518 
THR N   H2   sing N N 519 
THR CA  C    sing N N 520 
THR CA  CB   sing N N 521 
THR CA  HA   sing N N 522 
THR C   O    doub N N 523 
THR C   OXT  sing N N 524 
THR CB  OG1  sing N N 525 
THR CB  CG2  sing N N 526 
THR CB  HB   sing N N 527 
THR OG1 HG1  sing N N 528 
THR CG2 HG21 sing N N 529 
THR CG2 HG22 sing N N 530 
THR CG2 HG23 sing N N 531 
THR OXT HXT  sing N N 532 
TYR N   CA   sing N N 533 
TYR N   H    sing N N 534 
TYR N   H2   sing N N 535 
TYR CA  C    sing N N 536 
TYR CA  CB   sing N N 537 
TYR CA  HA   sing N N 538 
TYR C   O    doub N N 539 
TYR C   OXT  sing N N 540 
TYR CB  CG   sing N N 541 
TYR CB  HB2  sing N N 542 
TYR CB  HB3  sing N N 543 
TYR CG  CD1  doub Y N 544 
TYR CG  CD2  sing Y N 545 
TYR CD1 CE1  sing Y N 546 
TYR CD1 HD1  sing N N 547 
TYR CD2 CE2  doub Y N 548 
TYR CD2 HD2  sing N N 549 
TYR CE1 CZ   doub Y N 550 
TYR CE1 HE1  sing N N 551 
TYR CE2 CZ   sing Y N 552 
TYR CE2 HE2  sing N N 553 
TYR CZ  OH   sing N N 554 
TYR OH  HH   sing N N 555 
TYR OXT HXT  sing N N 556 
VAL N   CA   sing N N 557 
VAL N   H    sing N N 558 
VAL N   H2   sing N N 559 
VAL CA  C    sing N N 560 
VAL CA  CB   sing N N 561 
VAL CA  HA   sing N N 562 
VAL C   O    doub N N 563 
VAL C   OXT  sing N N 564 
VAL CB  CG1  sing N N 565 
VAL CB  CG2  sing N N 566 
VAL CB  HB   sing N N 567 
VAL CG1 HG11 sing N N 568 
VAL CG1 HG12 sing N N 569 
VAL CG1 HG13 sing N N 570 
VAL CG2 HG21 sing N N 571 
VAL CG2 HG22 sing N N 572 
VAL CG2 HG23 sing N N 573 
VAL OXT HXT  sing N N 574 
WHL CK  CJ   sing N N 575 
WHL CJ  NB   sing N N 576 
WHL CJ  OA   doub N N 577 
WHL NB  CC   sing N N 578 
WHL CC  CB   doub Y N 579 
WHL CC  CD   sing Y N 580 
WHL CB  CA   sing Y N 581 
WHL CD  CE   doub Y N 582 
WHL CA  CF   doub Y N 583 
WHL CE  CF   sing Y N 584 
WHL CF  NA   sing N N 585 
WHL OB  CG   doub N N 586 
WHL NA  CG   sing N N 587 
WHL CG  CH   sing N N 588 
WHL CA  H1   sing N N 589 
WHL CB  H2   sing N N 590 
WHL NB  H3   sing N N 591 
WHL CD  H4   sing N N 592 
WHL CE  H5   sing N N 593 
WHL CH  H6   sing N N 594 
WHL CH  H7   sing N N 595 
WHL CH  H8   sing N N 596 
WHL CK  H9   sing N N 597 
WHL CK  H10  sing N N 598 
WHL CK  H11  sing N N 599 
WHL NA  H12  sing N N 600 
# 
loop_
_pdbx_audit_support.funding_organization 
_pdbx_audit_support.country 
_pdbx_audit_support.grant_number 
_pdbx_audit_support.ordinal 
'Other private'                    'United States' 'FOG Pharmaceuticals'                                 1 
'Other private'                    'United States' 'MIT School of Science Fellowship in Cancer Research' 2 
'German Research Foundation (DFG)' Germany         'LE 4224/1-1'                                         3 
# 
_pdbx_initial_refinement_model.id               1 
_pdbx_initial_refinement_model.entity_id_list   ? 
_pdbx_initial_refinement_model.type             'experimental model' 
_pdbx_initial_refinement_model.source_name      PDB 
_pdbx_initial_refinement_model.accession_code   3G03 
_pdbx_initial_refinement_model.details          ? 
# 
_atom_sites.entry_id                    8F0Z 
_atom_sites.Cartn_transf_matrix[1][1]   ? 
_atom_sites.Cartn_transf_matrix[1][2]   ? 
_atom_sites.Cartn_transf_matrix[1][3]   ? 
_atom_sites.Cartn_transf_matrix[2][1]   ? 
_atom_sites.Cartn_transf_matrix[2][2]   ? 
_atom_sites.Cartn_transf_matrix[2][3]   ? 
_atom_sites.Cartn_transf_matrix[3][1]   ? 
_atom_sites.Cartn_transf_matrix[3][2]   ? 
_atom_sites.Cartn_transf_matrix[3][3]   ? 
_atom_sites.Cartn_transf_vector[1]      ? 
_atom_sites.Cartn_transf_vector[2]      ? 
_atom_sites.Cartn_transf_vector[3]      ? 
_atom_sites.fract_transf_matrix[1][1]   0.01846066 
_atom_sites.fract_transf_matrix[1][2]   0.00602558 
_atom_sites.fract_transf_matrix[1][3]   -0.01488389 
_atom_sites.fract_transf_matrix[2][1]   0.00201057 
_atom_sites.fract_transf_matrix[2][2]   0.01016678 
_atom_sites.fract_transf_matrix[2][3]   0.00660965 
_atom_sites.fract_transf_matrix[3][1]   0.01817237 
_atom_sites.fract_transf_matrix[3][2]   -0.01444520 
_atom_sites.fract_transf_matrix[3][3]   0.01669142 
_atom_sites.fract_transf_vector[1]      0.089459 
_atom_sites.fract_transf_vector[2]      0.187317 
_atom_sites.fract_transf_vector[3]      0.274979 
_atom_sites.solution_primary            ? 
_atom_sites.solution_secondary          ? 
_atom_sites.solution_hydrogens          ? 
_atom_sites.special_details             ? 
# 
loop_
_atom_type.symbol 
C  
CL 
N  
O  
S  
# 
loop_
_atom_site.group_PDB 
_atom_site.id 
_atom_site.type_symbol 
_atom_site.label_atom_id 
_atom_site.label_alt_id 
_atom_site.label_comp_id 
_atom_site.label_asym_id 
_atom_site.label_entity_id 
_atom_site.label_seq_id 
_atom_site.pdbx_PDB_ins_code 
_atom_site.Cartn_x 
_atom_site.Cartn_y 
_atom_site.Cartn_z 
_atom_site.occupancy 
_atom_site.B_iso_or_equiv 
_atom_site.pdbx_formal_charge 
_atom_site.auth_seq_id 
_atom_site.auth_comp_id 
_atom_site.auth_asym_id 
_atom_site.auth_atom_id 
_atom_site.pdbx_PDB_model_num 
ATOM   1    N  N   . GLU A 1 9  ? 3.369   15.093  8.203   1.00 70.69 ? 25  GLU A N   1 
ATOM   2    C  CA  . GLU A 1 9  ? 3.846   14.373  9.385   1.00 61.56 ? 25  GLU A CA  1 
ATOM   3    C  C   . GLU A 1 9  ? 2.611   13.978  10.197  1.00 64.74 ? 25  GLU A C   1 
ATOM   4    O  O   . GLU A 1 9  ? 2.526   14.211  11.402  1.00 58.16 ? 25  GLU A O   1 
ATOM   5    C  CB  . GLU A 1 9  ? 4.886   15.241  10.141  1.00 74.49 ? 25  GLU A CB  1 
ATOM   6    C  CG  . GLU A 1 9  ? 5.616   14.737  11.451  1.00 81.73 ? 25  GLU A CG  1 
ATOM   7    C  CD  . GLU A 1 9  ? 6.541   13.499  11.331  1.00 78.23 ? 25  GLU A CD  1 
ATOM   8    O  OE1 . GLU A 1 9  ? 7.124   13.260  10.250  1.00 73.01 ? 25  GLU A OE1 1 
ATOM   9    O  OE2 . GLU A 1 9  ? 6.764   12.860  12.395  1.00 79.46 ? 25  GLU A OE2 1 
ATOM   10   N  N   . THR A 1 10 ? 1.642   13.418  9.461   1.00 62.98 ? 26  THR A N   1 
ATOM   11   C  CA  . THR A 1 10 ? 0.597   12.560  10.016  1.00 55.41 ? 26  THR A CA  1 
ATOM   12   C  C   . THR A 1 10 ? 1.211   11.271  10.540  1.00 53.81 ? 26  THR A C   1 
ATOM   13   O  O   . THR A 1 10 ? 1.787   10.498  9.769   1.00 43.65 ? 26  THR A O   1 
ATOM   14   C  CB  . THR A 1 10 ? -0.440  12.223  8.942   1.00 54.63 ? 26  THR A CB  1 
ATOM   15   O  OG1 . THR A 1 10 ? -1.015  13.420  8.404   1.00 60.31 ? 26  THR A OG1 1 
ATOM   16   C  CG2 . THR A 1 10 ? -1.523  11.295  9.486   1.00 47.84 ? 26  THR A CG2 1 
ATOM   17   N  N   . LEU A 1 11 ? 1.082   11.026  11.838  1.00 43.71 ? 27  LEU A N   1 
ATOM   18   C  CA  . LEU A 1 11 ? 1.597   9.811   12.453  1.00 36.29 ? 27  LEU A CA  1 
ATOM   19   C  C   . LEU A 1 11 ? 0.474   8.790   12.565  1.00 40.63 ? 27  LEU A C   1 
ATOM   20   O  O   . LEU A 1 11 ? -0.654  9.133   12.931  1.00 36.19 ? 27  LEU A O   1 
ATOM   21   C  CB  . LEU A 1 11 ? 2.174   10.106  13.837  1.00 30.55 ? 27  LEU A CB  1 
ATOM   22   C  CG  . LEU A 1 11 ? 3.430   10.978  13.897  1.00 41.51 ? 27  LEU A CG  1 
ATOM   23   C  CD1 . LEU A 1 11 ? 3.685   11.405  15.332  1.00 48.68 ? 27  LEU A CD1 1 
ATOM   24   C  CD2 . LEU A 1 11 ? 4.641   10.261  13.320  1.00 44.03 ? 27  LEU A CD2 1 
ATOM   25   N  N   . VAL A 1 12 ? 0.776   7.535   12.239  1.00 29.84 ? 28  VAL A N   1 
ATOM   26   C  CA  . VAL A 1 12 ? -0.239  6.490   12.247  1.00 30.60 ? 28  VAL A CA  1 
ATOM   27   C  C   . VAL A 1 12 ? 0.293   5.228   12.903  1.00 31.04 ? 28  VAL A C   1 
ATOM   28   O  O   . VAL A 1 12 ? 1.500   4.966   12.923  1.00 30.94 ? 28  VAL A O   1 
ATOM   29   C  CB  . VAL A 1 12 ? -0.749  6.159   10.830  1.00 26.89 ? 28  VAL A CB  1 
ATOM   30   C  CG1 . VAL A 1 12 ? -1.298  7.397   10.142  1.00 30.64 ? 28  VAL A CG1 1 
ATOM   31   C  CG2 . VAL A 1 12 ? 0.369   5.531   10.001  1.00 29.20 ? 28  VAL A CG2 1 
ATOM   32   N  N   A ARG A 1 13 ? -0.637  4.433   13.426  0.42 28.90 ? 29  ARG A N   1 
ATOM   33   N  N   B ARG A 1 13 ? -0.624  4.451   13.467  0.58 28.85 ? 29  ARG A N   1 
ATOM   34   C  CA  A ARG A 1 13 ? -0.354  3.106   13.972  0.42 31.83 ? 29  ARG A CA  1 
ATOM   35   C  CA  B ARG A 1 13 ? -0.305  3.138   14.006  0.58 31.74 ? 29  ARG A CA  1 
ATOM   36   C  C   A ARG A 1 13 ? -1.143  2.059   13.197  0.42 31.06 ? 29  ARG A C   1 
ATOM   37   C  C   B ARG A 1 13 ? -1.073  2.089   13.222  0.58 31.18 ? 29  ARG A C   1 
ATOM   38   O  O   A ARG A 1 13 ? -2.375  1.968   13.347  0.42 30.49 ? 29  ARG A O   1 
ATOM   39   O  O   B ARG A 1 13 ? -2.310  2.143   13.177  0.58 31.39 ? 29  ARG A O   1 
ATOM   40   C  CB  A ARG A 1 13 ? -0.675  3.062   15.464  0.42 36.71 ? 29  ARG A CB  1 
ATOM   41   C  CB  B ARG A 1 13 ? -0.630  3.046   15.492  0.58 36.86 ? 29  ARG A CB  1 
ATOM   42   C  CG  A ARG A 1 13 ? 0.016   4.181   16.241  0.42 35.76 ? 29  ARG A CG  1 
ATOM   43   C  CG  B ARG A 1 13 ? 0.242   3.938   16.327  0.58 35.50 ? 29  ARG A CG  1 
ATOM   44   C  CD  A ARG A 1 13 ? -0.233  4.062   17.727  0.42 39.62 ? 29  ARG A CD  1 
ATOM   45   C  CD  B ARG A 1 13 ? -0.211  3.949   17.751  0.58 39.73 ? 29  ARG A CD  1 
ATOM   46   N  NE  A ARG A 1 13 ? 0.827   3.288   18.374  0.42 38.55 ? 29  ARG A NE  1 
ATOM   47   N  NE  B ARG A 1 13 ? 0.569   4.889   18.543  0.58 42.16 ? 29  ARG A NE  1 
ATOM   48   C  CZ  A ARG A 1 13 ? 1.861   3.809   19.021  0.42 38.65 ? 29  ARG A CZ  1 
ATOM   49   C  CZ  B ARG A 1 13 ? 1.798   4.625   18.964  0.58 41.30 ? 29  ARG A CZ  1 
ATOM   50   N  NH1 A ARG A 1 13 ? 1.980   5.122   19.130  0.42 40.84 ? 29  ARG A NH1 1 
ATOM   51   N  NH1 B ARG A 1 13 ? 2.469   5.508   19.691  0.58 37.74 ? 29  ARG A NH1 1 
ATOM   52   N  NH2 A ARG A 1 13 ? 2.772   3.015   19.564  0.42 41.05 ? 29  ARG A NH2 1 
ATOM   53   N  NH2 B ARG A 1 13 ? 2.362   3.475   18.628  0.58 42.78 ? 29  ARG A NH2 1 
ATOM   54   N  N   A PRO A 1 14 ? -0.489  1.307   12.313  0.42 29.91 ? 30  PRO A N   1 
ATOM   55   N  N   B PRO A 1 14 ? -0.405  1.134   12.592  0.58 30.17 ? 30  PRO A N   1 
ATOM   56   C  CA  A PRO A 1 14 ? -1.179  0.253   11.561  0.42 29.09 ? 30  PRO A CA  1 
ATOM   57   C  CA  B PRO A 1 14 ? -1.110  0.191   11.728  0.58 29.36 ? 30  PRO A CA  1 
ATOM   58   C  C   A PRO A 1 14 ? -1.796  -0.819  12.453  0.42 30.43 ? 30  PRO A C   1 
ATOM   59   C  C   B PRO A 1 14 ? -1.813  -0.886  12.532  0.58 30.58 ? 30  PRO A C   1 
ATOM   60   O  O   A PRO A 1 14 ? -1.316  -1.102  13.553  0.42 30.52 ? 30  PRO A O   1 
ATOM   61   O  O   B PRO A 1 14 ? -1.412  -1.238  13.645  0.58 29.88 ? 30  PRO A O   1 
ATOM   62   C  CB  A PRO A 1 14 ? -0.065  -0.323  10.682  0.42 27.73 ? 30  PRO A CB  1 
ATOM   63   C  CB  B PRO A 1 14 ? 0.019   -0.403  10.885  0.58 27.66 ? 30  PRO A CB  1 
ATOM   64   C  CG  A PRO A 1 14 ? 0.814   0.865   10.429  0.42 26.33 ? 30  PRO A CG  1 
ATOM   65   C  CG  B PRO A 1 14 ? 1.147   -0.416  11.824  0.58 41.04 ? 30  PRO A CG  1 
ATOM   66   C  CD  A PRO A 1 14 ? 0.824   1.629   11.727  0.42 30.22 ? 30  PRO A CD  1 
ATOM   67   C  CD  B PRO A 1 14 ? 1.026   0.808   12.691  0.58 33.77 ? 30  PRO A CD  1 
ATOM   68   N  N   . LYS A 1 15 ? -2.884  -1.410  11.946  1.00 26.65 ? 31  LYS A N   1 
ATOM   69   C  CA  . LYS A 1 15 ? -3.568  -2.538  12.546  1.00 24.52 ? 31  LYS A CA  1 
ATOM   70   C  C   . LYS A 1 15 ? -2.721  -3.794  12.321  1.00 25.29 ? 31  LYS A C   1 
ATOM   71   O  O   . LYS A 1 15 ? -1.763  -3.766  11.544  1.00 24.66 ? 31  LYS A O   1 
ATOM   72   C  CB  . LYS A 1 15 ? -4.965  -2.666  11.934  1.00 26.01 ? 31  LYS A CB  1 
ATOM   73   C  CG  . LYS A 1 15 ? -6.006  -1.695  12.490  1.00 31.43 ? 31  LYS A CG  1 
ATOM   74   C  CD  . LYS A 1 15 ? -7.409  -2.107  12.046  1.00 39.57 ? 31  LYS A CD  1 
ATOM   75   C  CE  . LYS A 1 15 ? -8.511  -1.376  12.807  1.00 46.61 ? 31  LYS A CE  1 
ATOM   76   N  NZ  . LYS A 1 15 ? -8.639  0.059   12.419  1.00 44.25 ? 31  LYS A NZ  1 
ATOM   77   N  N   . PRO A 1 16 ? -3.026  -4.884  13.026  1.00 26.53 ? 32  PRO A N   1 
ATOM   78   C  CA  . PRO A 1 16 ? -2.222  -6.110  12.932  1.00 25.37 ? 32  PRO A CA  1 
ATOM   79   C  C   . PRO A 1 16 ? -1.847  -6.602  11.529  1.00 26.67 ? 32  PRO A C   1 
ATOM   80   O  O   . PRO A 1 16 ? -0.682  -6.880  11.296  1.00 29.38 ? 32  PRO A O   1 
ATOM   81   C  CB  . PRO A 1 16 ? -3.078  -7.142  13.664  1.00 32.96 ? 32  PRO A CB  1 
ATOM   82   C  CG  . PRO A 1 16 ? -3.847  -6.334  14.647  1.00 27.72 ? 32  PRO A CG  1 
ATOM   83   C  CD  . PRO A 1 16 ? -4.147  -5.032  13.966  1.00 28.41 ? 32  PRO A CD  1 
ATOM   84   N  N   . LEU A 1 17 ? -2.809  -6.713  10.625  1.00 26.50 ? 33  LEU A N   1 
ATOM   85   C  CA  . LEU A 1 17 ? -2.516  -7.197  9.280   1.00 27.83 ? 33  LEU A CA  1 
ATOM   86   C  C   . LEU A 1 17 ? -1.596  -6.260  8.493   1.00 24.94 ? 33  LEU A C   1 
ATOM   87   O  O   . LEU A 1 17 ? -0.703  -6.705  7.799   1.00 28.16 ? 33  LEU A O   1 
ATOM   88   C  CB  . LEU A 1 17 ? -3.808  -7.466  8.510   1.00 27.76 ? 33  LEU A CB  1 
ATOM   89   C  CG  . LEU A 1 17 ? -4.169  -8.930  8.244   1.00 47.32 ? 33  LEU A CG  1 
ATOM   90   C  CD1 . LEU A 1 17 ? -3.674  -9.868  9.326   1.00 34.08 ? 33  LEU A CD1 1 
ATOM   91   C  CD2 . LEU A 1 17 ? -5.658  -9.101  8.018   1.00 38.80 ? 33  LEU A CD2 1 
ATOM   92   N  N   . LEU A 1 18 ? -1.829  -4.966  8.593   1.00 24.25 ? 34  LEU A N   1 
ATOM   93   C  CA  . LEU A 1 18 ? -0.991  -3.992  7.907   1.00 24.31 ? 34  LEU A CA  1 
ATOM   94   C  C   . LEU A 1 18 ? 0.405   -3.958  8.511   1.00 26.93 ? 34  LEU A C   1 
ATOM   95   O  O   . LEU A 1 18 ? 1.394   -3.816  7.784   1.00 27.92 ? 34  LEU A O   1 
ATOM   96   C  CB  . LEU A 1 18 ? -1.642  -2.612  7.945   1.00 26.38 ? 34  LEU A CB  1 
ATOM   97   C  CG  . LEU A 1 18 ? -0.833  -1.501  7.278   1.00 26.82 ? 34  LEU A CG  1 
ATOM   98   C  CD1 . LEU A 1 18 ? -0.590  -1.826  5.813   1.00 25.32 ? 34  LEU A CD1 1 
ATOM   99   C  CD2 . LEU A 1 18 ? -1.557  -0.175  7.418   1.00 29.94 ? 34  LEU A CD2 1 
ATOM   100  N  N   . LEU A 1 19 ? 0.510   -4.104  9.836   1.00 30.89 ? 35  LEU A N   1 
ATOM   101  C  CA  . LEU A 1 19 ? 1.830   -4.234  10.452  1.00 34.44 ? 35  LEU A CA  1 
ATOM   102  C  C   . LEU A 1 19 ? 2.569   -5.463  9.950   1.00 34.13 ? 35  LEU A C   1 
ATOM   103  O  O   . LEU A 1 19 ? 3.774   -5.402  9.703   1.00 32.53 ? 35  LEU A O   1 
ATOM   104  C  CB  . LEU A 1 19 ? 1.726   -4.243  11.976  1.00 36.19 ? 35  LEU A CB  1 
ATOM   105  C  CG  . LEU A 1 19 ? 2.990   -3.743  12.697  1.00 45.26 ? 35  LEU A CG  1 
ATOM   106  C  CD1 . LEU A 1 19 ? 3.548   -2.441  12.159  1.00 45.10 ? 35  LEU A CD1 1 
ATOM   107  C  CD2 . LEU A 1 19 ? 2.711   -3.599  14.191  1.00 35.95 ? 35  LEU A CD2 1 
ATOM   108  N  N   . LYS A 1 20 ? 1.858   -6.581  9.803   1.00 27.02 ? 36  LYS A N   1 
ATOM   109  C  CA  . LYS A 1 20 ? 2.493   -7.803  9.245   1.00 31.38 ? 36  LYS A CA  1 
ATOM   110  C  C   . LYS A 1 20 ? 3.032   -7.475  7.848   1.00 28.82 ? 36  LYS A C   1 
ATOM   111  O  O   . LYS A 1 20 ? 4.180   -7.830  7.558   1.00 33.42 ? 36  LYS A O   1 
ATOM   112  C  CB  . LYS A 1 20 ? 1.493   -8.960  9.209   1.00 30.70 ? 36  LYS A CB  1 
ATOM   113  C  CG  . LYS A 1 20 ? 2.060   -10.301 8.770   1.00 39.68 ? 36  LYS A CG  1 
ATOM   114  C  CD  . LYS A 1 20 ? 1.030   -11.403 8.752   1.00 40.98 ? 36  LYS A CD  1 
ATOM   115  C  CE  . LYS A 1 20 ? 1.641   -12.778 8.909   1.00 53.39 ? 36  LYS A CE  1 
ATOM   116  N  NZ  . LYS A 1 20 ? 1.820   -13.448 7.599   1.00 53.66 ? 36  LYS A NZ  1 
ATOM   117  N  N   . LEU A 1 21 ? 2.231   -6.797  7.025   1.00 24.07 ? 37  LEU A N   1 
ATOM   118  C  CA  . LEU A 1 21 ? 2.683   -6.438  5.683   1.00 31.41 ? 37  LEU A CA  1 
ATOM   119  C  C   . LEU A 1 21 ? 3.923   -5.550  5.737   1.00 25.85 ? 37  LEU A C   1 
ATOM   120  O  O   . LEU A 1 21 ? 4.878   -5.755  4.976   1.00 29.58 ? 37  LEU A O   1 
ATOM   121  C  CB  . LEU A 1 21 ? 1.554   -5.747  4.912   1.00 24.92 ? 37  LEU A CB  1 
ATOM   122  C  CG  . LEU A 1 21 ? 1.796   -5.355  3.449   1.00 27.82 ? 37  LEU A CG  1 
ATOM   123  C  CD1 . LEU A 1 21 ? 0.479   -5.320  2.694   1.00 25.70 ? 37  LEU A CD1 1 
ATOM   124  C  CD2 . LEU A 1 21 ? 2.494   -4.007  3.335   1.00 26.01 ? 37  LEU A CD2 1 
ATOM   125  N  N   . LEU A 1 22 ? 3.921   -4.552  6.622   1.00 26.98 ? 38  LEU A N   1 
ATOM   126  C  CA  . LEU A 1 22 ? 5.044   -3.621  6.705   1.00 23.80 ? 38  LEU A CA  1 
ATOM   127  C  C   . LEU A 1 22 ? 6.306   -4.341  7.166   1.00 36.69 ? 38  LEU A C   1 
ATOM   128  O  O   . LEU A 1 22 ? 7.394   -4.127  6.616   1.00 35.93 ? 38  LEU A O   1 
ATOM   129  C  CB  . LEU A 1 22 ? 4.697   -2.473  7.652   1.00 26.73 ? 38  LEU A CB  1 
ATOM   130  C  CG  . LEU A 1 22 ? 3.578   -1.539  7.187   1.00 31.70 ? 38  LEU A CG  1 
ATOM   131  C  CD1 . LEU A 1 22 ? 3.091   -0.698  8.339   1.00 34.25 ? 38  LEU A CD1 1 
ATOM   132  C  CD2 . LEU A 1 22 ? 4.029   -0.660  6.060   1.00 30.52 ? 38  LEU A CD2 1 
ATOM   133  N  N   . LYS A 1 23 ? 6.171   -5.230  8.152   1.00 34.88 ? 39  LYS A N   1 
ATOM   134  C  CA  . LYS A 1 23 ? 7.328   -5.969  8.639   1.00 35.29 ? 39  LYS A CA  1 
ATOM   135  C  C   . LYS A 1 23 ? 7.829   -6.955  7.589   1.00 41.82 ? 39  LYS A C   1 
ATOM   136  O  O   . LYS A 1 23 ? 9.030   -7.246  7.532   1.00 37.37 ? 39  LYS A O   1 
ATOM   137  C  CB  . LYS A 1 23 ? 6.996   -6.664  9.970   1.00 40.52 ? 39  LYS A CB  1 
ATOM   138  C  CG  . LYS A 1 23 ? 5.902   -7.755  9.874   1.00 47.01 ? 39  LYS A CG  1 
ATOM   139  C  CD  . LYS A 1 23 ? 6.420   -8.978  9.124   1.00 55.14 ? 39  LYS A CD  1 
ATOM   140  C  CE  . LYS A 1 23 ? 5.322   -9.990  8.781   1.00 50.69 ? 39  LYS A CE  1 
ATOM   141  N  NZ  . LYS A 1 23 ? 5.789   -10.939 7.712   1.00 61.65 ? 39  LYS A NZ  1 
ATOM   142  N  N   . SER A 1 24 ? 6.941   -7.442  6.704   1.00 28.54 ? 40  SER A N   1 
ATOM   143  C  CA  . SER A 1 24 ? 7.444   -8.343  5.669   1.00 34.09 ? 40  SER A CA  1 
ATOM   144  C  C   . SER A 1 24 ? 8.389   -7.639  4.699   1.00 37.56 ? 40  SER A C   1 
ATOM   145  O  O   . SER A 1 24 ? 9.136   -8.318  3.990   1.00 35.60 ? 40  SER A O   1 
ATOM   146  C  CB  . SER A 1 24 ? 6.312   -8.999  4.869   1.00 35.38 ? 40  SER A CB  1 
ATOM   147  O  OG  . SER A 1 24 ? 5.741   -8.115  3.920   1.00 35.15 ? 40  SER A OG  1 
ATOM   148  N  N   . VAL A 1 25 ? 8.386   -6.306  4.650   1.00 29.53 ? 41  VAL A N   1 
ATOM   149  C  CA  . VAL A 1 25 ? 9.344   -5.570  3.828   1.00 28.34 ? 41  VAL A CA  1 
ATOM   150  C  C   . VAL A 1 25 ? 10.347  -4.798  4.689   1.00 35.50 ? 41  VAL A C   1 
ATOM   151  O  O   . VAL A 1 25 ? 10.932  -3.816  4.230   1.00 36.76 ? 41  VAL A O   1 
ATOM   152  C  CB  . VAL A 1 25 ? 8.643   -4.644  2.818   1.00 30.01 ? 41  VAL A CB  1 
ATOM   153  C  CG1 . VAL A 1 25 ? 7.962   -5.464  1.731   1.00 29.76 ? 41  VAL A CG1 1 
ATOM   154  C  CG2 . VAL A 1 25 ? 7.647   -3.738  3.515   1.00 33.99 ? 41  VAL A CG2 1 
ATOM   155  N  N   . GLY A 1 26 ? 10.563  -5.240  5.926   1.00 37.11 ? 42  GLY A N   1 
ATOM   156  C  CA  . GLY A 1 26 ? 11.631  -4.720  6.755   1.00 35.09 ? 42  GLY A CA  1 
ATOM   157  C  C   . GLY A 1 26 ? 11.283  -3.516  7.599   1.00 39.12 ? 42  GLY A C   1 
ATOM   158  O  O   . GLY A 1 26 ? 12.180  -2.945  8.231   1.00 49.64 ? 42  GLY A O   1 
ATOM   159  N  N   . ALA A 1 27 ? 10.025  -3.111  7.626   1.00 31.70 ? 43  ALA A N   1 
ATOM   160  C  CA  . ALA A 1 27 ? 9.637   -1.968  8.435   1.00 35.69 ? 43  ALA A CA  1 
ATOM   161  C  C   . ALA A 1 27 ? 9.126   -2.489  9.769   1.00 47.81 ? 43  ALA A C   1 
ATOM   162  O  O   . ALA A 1 27 ? 7.999   -2.957  9.860   1.00 51.11 ? 43  ALA A O   1 
ATOM   163  C  CB  . ALA A 1 27 ? 8.568   -1.161  7.729   1.00 31.28 ? 43  ALA A CB  1 
ATOM   164  N  N   . GLN A 1 28 ? 9.952   -2.393  10.802  1.00 52.69 ? 44  GLN A N   1 
ATOM   165  C  CA  . GLN A 1 28 ? 9.594   -2.911  12.121  1.00 57.22 ? 44  GLN A CA  1 
ATOM   166  C  C   . GLN A 1 28 ? 9.226   -1.884  13.194  1.00 55.72 ? 44  GLN A C   1 
ATOM   167  O  O   . GLN A 1 28 ? 9.228   -2.197  14.376  1.00 61.40 ? 44  GLN A O   1 
ATOM   168  C  CB  . GLN A 1 28 ? 10.700  -3.831  12.648  1.00 71.65 ? 44  GLN A CB  1 
ATOM   169  C  CG  . GLN A 1 28 ? 11.156  -4.904  11.668  1.00 81.93 ? 44  GLN A CG  1 
ATOM   170  C  CD  . GLN A 1 28 ? 12.663  -5.049  11.656  1.00 86.14 ? 44  GLN A CD  1 
ATOM   171  O  OE1 . GLN A 1 28 ? 13.335  -4.565  12.560  1.00 93.52 ? 44  GLN A OE1 1 
ATOM   172  N  NE2 . GLN A 1 28 ? 13.202  -5.704  10.627  1.00 66.09 ? 44  GLN A NE2 1 
ATOM   173  N  N   . LYS A 1 29 ? 8.913   -0.662  12.789  1.00 46.68 ? 45  LYS A N   1 
ATOM   174  C  CA  . LYS A 1 29 ? 8.499   0.350   13.744  1.00 44.15 ? 45  LYS A CA  1 
ATOM   175  C  C   . LYS A 1 29 ? 7.018   0.154   14.020  1.00 55.23 ? 45  LYS A C   1 
ATOM   176  O  O   . LYS A 1 29 ? 6.324   -0.499  13.251  1.00 58.43 ? 45  LYS A O   1 
ATOM   177  C  CB  . LYS A 1 29 ? 8.679   1.749   13.159  1.00 42.07 ? 45  LYS A CB  1 
ATOM   178  C  CG  . LYS A 1 29 ? 10.056  2.044   12.608  1.00 48.04 ? 45  LYS A CG  1 
ATOM   179  C  CD  . LYS A 1 29 ? 10.290  3.541   12.522  1.00 53.17 ? 45  LYS A CD  1 
ATOM   180  C  CE  . LYS A 1 29 ? 9.512   4.165   11.378  1.00 43.40 ? 45  LYS A CE  1 
ATOM   181  N  NZ  . LYS A 1 29 ? 9.974   5.557   11.129  1.00 55.37 ? 45  LYS A NZ  1 
ATOM   182  N  N   . ASP A 1 30 ? 6.528   0.708   15.117  1.00 59.98 ? 46  ASP A N   1 
ATOM   183  C  CA  . ASP A 1 30 ? 5.101   0.627   15.388  1.00 66.94 ? 46  ASP A CA  1 
ATOM   184  C  C   . ASP A 1 30 ? 4.347   1.891   14.999  1.00 55.70 ? 46  ASP A C   1 
ATOM   185  O  O   . ASP A 1 30 ? 3.130   1.827   14.795  1.00 63.27 ? 46  ASP A O   1 
ATOM   186  C  CB  . ASP A 1 30 ? 4.862   0.313   16.871  1.00 63.02 ? 46  ASP A CB  1 
ATOM   187  C  CG  . ASP A 1 30 ? 4.704   -1.174  17.120  1.00 86.22 ? 46  ASP A CG  1 
ATOM   188  O  OD1 . ASP A 1 30 ? 4.774   -1.941  16.136  1.00 87.07 ? 46  ASP A OD1 1 
ATOM   189  O  OD2 . ASP A 1 30 ? 4.522   -1.582  18.286  1.00 78.43 ? 46  ASP A OD2 1 
ATOM   190  N  N   . THR A 1 31 ? 5.040   3.021   14.871  1.00 44.54 ? 47  THR A N   1 
ATOM   191  C  CA  . THR A 1 31 ? 4.457   4.287   14.448  1.00 35.78 ? 47  THR A CA  1 
ATOM   192  C  C   . THR A 1 31 ? 5.150   4.767   13.179  1.00 38.72 ? 47  THR A C   1 
ATOM   193  O  O   . THR A 1 31 ? 6.376   4.670   13.054  1.00 42.48 ? 47  THR A O   1 
ATOM   194  C  CB  . THR A 1 31 ? 4.576   5.342   15.557  1.00 42.85 ? 47  THR A CB  1 
ATOM   195  O  OG1 . THR A 1 31 ? 3.996   4.827   16.761  1.00 45.44 ? 47  THR A OG1 1 
ATOM   196  C  CG2 . THR A 1 31 ? 3.867   6.629   15.166  1.00 38.46 ? 47  THR A CG2 1 
ATOM   197  N  N   . TYR A 1 32 ? 4.356   5.274   12.237  1.00 31.37 ? 48  TYR A N   1 
ATOM   198  C  CA  . TYR A 1 32 ? 4.838   5.653   10.917  1.00 29.78 ? 48  TYR A CA  1 
ATOM   199  C  C   . TYR A 1 32 ? 4.214   6.975   10.513  1.00 31.60 ? 48  TYR A C   1 
ATOM   200  O  O   . TYR A 1 32 ? 3.147   7.355   11.003  1.00 37.76 ? 48  TYR A O   1 
ATOM   201  C  CB  . TYR A 1 32 ? 4.470   4.611   9.854   1.00 32.58 ? 48  TYR A CB  1 
ATOM   202  C  CG  . TYR A 1 32 ? 5.094   3.264   10.066  1.00 35.20 ? 48  TYR A CG  1 
ATOM   203  C  CD1 . TYR A 1 32 ? 6.252   2.897   9.396   1.00 34.59 ? 48  TYR A CD1 1 
ATOM   204  C  CD2 . TYR A 1 32 ? 4.528   2.358   10.948  1.00 30.97 ? 48  TYR A CD2 1 
ATOM   205  C  CE1 . TYR A 1 32 ? 6.823   1.661   9.597   1.00 39.60 ? 48  TYR A CE1 1 
ATOM   206  C  CE2 . TYR A 1 32 ? 5.091   1.125   11.158  1.00 37.79 ? 48  TYR A CE2 1 
ATOM   207  C  CZ  . TYR A 1 32 ? 6.237   0.780   10.481  1.00 31.34 ? 48  TYR A CZ  1 
ATOM   208  O  OH  . TYR A 1 32 ? 6.803   -0.454  10.688  1.00 41.77 ? 48  TYR A OH  1 
ATOM   209  N  N   . THR A 1 33 ? 4.872   7.666   9.591   1.00 27.39 ? 49  THR A N   1 
ATOM   210  C  CA  . THR A 1 33 ? 4.121   8.652   8.840   1.00 29.38 ? 49  THR A CA  1 
ATOM   211  C  C   . THR A 1 33 ? 3.268   7.943   7.794   1.00 26.74 ? 49  THR A C   1 
ATOM   212  O  O   . THR A 1 33 ? 3.546   6.808   7.392   1.00 27.12 ? 49  THR A O   1 
ATOM   213  C  CB  . THR A 1 33 ? 5.033   9.671   8.151   1.00 38.70 ? 49  THR A CB  1 
ATOM   214  O  OG1 . THR A 1 33 ? 5.870   9.007   7.196   1.00 31.12 ? 49  THR A OG1 1 
ATOM   215  C  CG2 . THR A 1 33 ? 5.895   10.413  9.162   1.00 38.77 ? 49  THR A CG2 1 
ATOM   216  N  N   A MET A 1 34 ? 2.205   8.620   7.356   0.60 30.60 ? 50  MET A N   1 
ATOM   217  N  N   B MET A 1 34 ? 2.198   8.626   7.390   0.40 30.57 ? 50  MET A N   1 
ATOM   218  C  CA  A MET A 1 34 ? 1.402   8.083   6.260   0.60 32.22 ? 50  MET A CA  1 
ATOM   219  C  CA  B MET A 1 34 ? 1.383   8.185   6.266   0.40 32.25 ? 50  MET A CA  1 
ATOM   220  C  C   A MET A 1 34 ? 2.253   7.887   5.010   0.60 33.24 ? 50  MET A C   1 
ATOM   221  C  C   B MET A 1 34 ? 2.248   7.903   5.043   0.40 33.13 ? 50  MET A C   1 
ATOM   222  O  O   A MET A 1 34 ? 2.074   6.911   4.268   0.60 29.29 ? 50  MET A O   1 
ATOM   223  O  O   B MET A 1 34 ? 2.075   6.885   4.356   0.40 29.28 ? 50  MET A O   1 
ATOM   224  C  CB  A MET A 1 34 ? 0.220   9.008   5.968   0.60 38.04 ? 50  MET A CB  1 
ATOM   225  C  CB  B MET A 1 34 ? 0.348   9.269   5.963   0.40 37.60 ? 50  MET A CB  1 
ATOM   226  C  CG  A MET A 1 34 ? -0.814  8.420   5.017   0.60 35.23 ? 50  MET A CG  1 
ATOM   227  C  CG  B MET A 1 34 ? -0.832  8.845   5.135   0.40 31.46 ? 50  MET A CG  1 
ATOM   228  S  SD  A MET A 1 34 ? -1.766  7.054   5.714   0.60 33.97 ? 50  MET A SD  1 
ATOM   229  S  SD  B MET A 1 34 ? -1.553  7.304   5.698   0.40 33.86 ? 50  MET A SD  1 
ATOM   230  C  CE  A MET A 1 34 ? -2.922  7.938   6.759   0.60 29.99 ? 50  MET A CE  1 
ATOM   231  C  CE  B MET A 1 34 ? -1.812  6.520   4.120   0.40 33.10 ? 50  MET A CE  1 
ATOM   232  N  N   . LYS A 1 35 ? 3.201   8.800   4.773   1.00 29.85 ? 51  LYS A N   1 
ATOM   233  C  CA  . LYS A 1 35 ? 4.093   8.660   3.630   1.00 27.17 ? 51  LYS A CA  1 
ATOM   234  C  C   . LYS A 1 35 ? 4.893   7.363   3.710   1.00 28.30 ? 51  LYS A C   1 
ATOM   235  O  O   . LYS A 1 35 ? 5.068   6.671   2.699   1.00 28.46 ? 51  LYS A O   1 
ATOM   236  C  CB  . LYS A 1 35 ? 5.020   9.877   3.565   1.00 32.38 ? 51  LYS A CB  1 
ATOM   237  C  CG  . LYS A 1 35 ? 5.923   9.949   2.346   1.00 45.36 ? 51  LYS A CG  1 
ATOM   238  C  CD  . LYS A 1 35 ? 6.193   11.401  1.954   1.00 65.88 ? 51  LYS A CD  1 
ATOM   239  C  CE  . LYS A 1 35 ? 7.537   11.557  1.249   1.00 65.35 ? 51  LYS A CE  1 
ATOM   240  N  NZ  . LYS A 1 35 ? 7.733   12.914  0.656   1.00 72.59 ? 51  LYS A NZ  1 
ATOM   241  N  N   . GLU A 1 36 ? 5.361   7.004   4.911   1.00 26.23 ? 52  GLU A N   1 
ATOM   242  C  CA  . GLU A 1 36 ? 6.084   5.747   5.086   1.00 24.60 ? 52  GLU A CA  1 
ATOM   243  C  C   . GLU A 1 36 ? 5.194   4.547   4.791   1.00 21.77 ? 52  GLU A C   1 
ATOM   244  O  O   . GLU A 1 36 ? 5.631   3.579   4.158   1.00 22.03 ? 52  GLU A O   1 
ATOM   245  C  CB  . GLU A 1 36 ? 6.634   5.641   6.508   1.00 27.73 ? 52  GLU A CB  1 
ATOM   246  C  CG  . GLU A 1 36 ? 7.839   6.505   6.785   1.00 32.56 ? 52  GLU A CG  1 
ATOM   247  C  CD  . GLU A 1 36 ? 8.227   6.485   8.247   1.00 41.45 ? 52  GLU A CD  1 
ATOM   248  O  OE1 . GLU A 1 36 ? 7.356   6.751   9.101   1.00 37.39 ? 52  GLU A OE1 1 
ATOM   249  O  OE2 . GLU A 1 36 ? 9.405   6.191   8.541   1.00 38.56 ? 52  GLU A OE2 1 
ATOM   250  N  N   . VAL A 1 37 ? 3.950   4.578   5.276   1.00 26.39 ? 53  VAL A N   1 
ATOM   251  C  CA  . VAL A 1 37 ? 3.036   3.463   5.045   1.00 21.81 ? 53  VAL A CA  1 
ATOM   252  C  C   . VAL A 1 37 ? 2.812   3.269   3.551   1.00 21.91 ? 53  VAL A C   1 
ATOM   253  O  O   . VAL A 1 37 ? 2.858   2.142   3.039   1.00 23.68 ? 53  VAL A O   1 
ATOM   254  C  CB  . VAL A 1 37 ? 1.711   3.689   5.795   1.00 22.20 ? 53  VAL A CB  1 
ATOM   255  C  CG1 . VAL A 1 37 ? 0.655   2.692   5.325   1.00 26.60 ? 53  VAL A CG1 1 
ATOM   256  C  CG2 . VAL A 1 37 ? 1.931   3.578   7.292   1.00 25.71 ? 53  VAL A CG2 1 
ATOM   257  N  N   A LEU A 1 38 ? 2.582   4.364   2.827   0.41 23.66 ? 54  LEU A N   1 
ATOM   258  N  N   B LEU A 1 38 ? 2.575   4.369   2.827   0.59 23.51 ? 54  LEU A N   1 
ATOM   259  C  CA  A LEU A 1 38 ? 2.359   4.251   1.389   0.41 23.57 ? 54  LEU A CA  1 
ATOM   260  C  CA  B LEU A 1 38 ? 2.363   4.274   1.381   0.59 23.68 ? 54  LEU A CA  1 
ATOM   261  C  C   A LEU A 1 38 ? 3.614   3.758   0.675   0.41 23.08 ? 54  LEU A C   1 
ATOM   262  C  C   B LEU A 1 38 ? 3.614   3.771   0.667   0.59 23.10 ? 54  LEU A C   1 
ATOM   263  O  O   A LEU A 1 38 ? 3.535   2.928   -0.244  0.41 23.85 ? 54  LEU A O   1 
ATOM   264  O  O   B LEU A 1 38 ? 3.528   2.955   -0.265  0.59 24.96 ? 54  LEU A O   1 
ATOM   265  C  CB  A LEU A 1 38 ? 1.899   5.597   0.830   0.41 27.54 ? 54  LEU A CB  1 
ATOM   266  C  CB  B LEU A 1 38 ? 1.934   5.636   0.830   0.59 27.86 ? 54  LEU A CB  1 
ATOM   267  C  CG  A LEU A 1 38 ? 0.394   5.884   0.901   0.41 28.30 ? 54  LEU A CG  1 
ATOM   268  C  CG  B LEU A 1 38 ? 0.630   6.159   1.427   0.59 27.58 ? 54  LEU A CG  1 
ATOM   269  C  CD1 A LEU A 1 38 ? -0.343  5.015   -0.099  0.41 22.55 ? 54  LEU A CD1 1 
ATOM   270  C  CD1 B LEU A 1 38 ? 0.193   7.479   0.813   0.59 22.91 ? 54  LEU A CD1 1 
ATOM   271  C  CD2 A LEU A 1 38 ? -0.178  5.685   2.304   0.41 27.66 ? 54  LEU A CD2 1 
ATOM   272  C  CD2 B LEU A 1 38 ? -0.415  5.112   1.215   0.59 30.70 ? 54  LEU A CD2 1 
ATOM   273  N  N   . PHE A 1 39 ? 4.782   4.243   1.104   1.00 22.35 ? 55  PHE A N   1 
ATOM   274  C  CA  . PHE A 1 39 ? 6.048   3.803   0.530   1.00 22.93 ? 55  PHE A CA  1 
ATOM   275  C  C   . PHE A 1 39 ? 6.230   2.298   0.681   1.00 23.57 ? 55  PHE A C   1 
ATOM   276  O  O   . PHE A 1 39 ? 6.536   1.587   -0.289  1.00 22.03 ? 55  PHE A O   1 
ATOM   277  C  CB  . PHE A 1 39 ? 7.172   4.571   1.230   1.00 25.57 ? 55  PHE A CB  1 
ATOM   278  C  CG  . PHE A 1 39 ? 8.546   4.191   0.797   1.00 27.37 ? 55  PHE A CG  1 
ATOM   279  C  CD1 . PHE A 1 39 ? 9.230   3.161   1.422   1.00 25.78 ? 55  PHE A CD1 1 
ATOM   280  C  CD2 . PHE A 1 39 ? 9.169   4.884   -0.222  1.00 38.30 ? 55  PHE A CD2 1 
ATOM   281  C  CE1 . PHE A 1 39 ? 10.503  2.827   1.028   1.00 31.19 ? 55  PHE A CE1 1 
ATOM   282  C  CE2 . PHE A 1 39 ? 10.438  4.550   -0.623  1.00 43.37 ? 55  PHE A CE2 1 
ATOM   283  C  CZ  . PHE A 1 39 ? 11.108  3.520   0.001   1.00 32.04 ? 55  PHE A CZ  1 
ATOM   284  N  N   . TYR A 1 40 ? 6.048   1.796   1.894   1.00 22.67 ? 56  TYR A N   1 
ATOM   285  C  CA  . TYR A 1 40 ? 6.218   0.371   2.137   1.00 24.62 ? 56  TYR A CA  1 
ATOM   286  C  C   . TYR A 1 40 ? 5.170   -0.469  1.408   1.00 25.41 ? 56  TYR A C   1 
ATOM   287  O  O   . TYR A 1 40 ? 5.449   -1.571  0.969   1.00 27.00 ? 56  TYR A O   1 
ATOM   288  C  CB  . TYR A 1 40 ? 6.258   0.063   3.634   1.00 22.30 ? 56  TYR A CB  1 
ATOM   289  C  CG  . TYR A 1 40 ? 7.537   0.514   4.305   1.00 23.46 ? 56  TYR A CG  1 
ATOM   290  C  CD1 . TYR A 1 40 ? 8.761   0.001   3.919   1.00 30.20 ? 56  TYR A CD1 1 
ATOM   291  C  CD2 . TYR A 1 40 ? 7.518   1.457   5.315   1.00 23.12 ? 56  TYR A CD2 1 
ATOM   292  C  CE1 . TYR A 1 40 ? 9.930   0.412   4.525   1.00 27.92 ? 56  TYR A CE1 1 
ATOM   293  C  CE2 . TYR A 1 40 ? 8.680   1.872   5.929   1.00 22.99 ? 56  TYR A CE2 1 
ATOM   294  C  CZ  . TYR A 1 40 ? 9.881   1.345   5.528   1.00 29.16 ? 56  TYR A CZ  1 
ATOM   295  O  OH  . TYR A 1 40 ? 11.034  1.761   6.137   1.00 29.32 ? 56  TYR A OH  1 
ATOM   296  N  N   A LEU A 1 41 ? 3.968   0.074   1.264   0.34 21.28 ? 57  LEU A N   1 
ATOM   297  N  N   B LEU A 1 41 ? 3.966   0.075   1.263   0.66 21.56 ? 57  LEU A N   1 
ATOM   298  C  CA  A LEU A 1 41 ? 2.903   -0.633  0.570   0.34 20.94 ? 57  LEU A CA  1 
ATOM   299  C  CA  B LEU A 1 41 ? 2.905   -0.640  0.572   0.66 21.04 ? 57  LEU A CA  1 
ATOM   300  C  C   A LEU A 1 41 ? 3.330   -0.836  -0.876  0.34 21.64 ? 57  LEU A C   1 
ATOM   301  C  C   B LEU A 1 41 ? 3.324   -0.836  -0.880  0.66 21.62 ? 57  LEU A C   1 
ATOM   302  O  O   A LEU A 1 41 ? 3.158   -1.904  -1.440  0.34 24.18 ? 57  LEU A O   1 
ATOM   303  O  O   B LEU A 1 41 ? 3.158   -1.910  -1.443  0.66 23.62 ? 57  LEU A O   1 
ATOM   304  C  CB  A LEU A 1 41 ? 1.601   0.168   0.624   0.34 23.54 ? 57  LEU A CB  1 
ATOM   305  C  CB  B LEU A 1 41 ? 1.585   0.128   0.647   0.66 23.40 ? 57  LEU A CB  1 
ATOM   306  C  CG  A LEU A 1 41 ? 0.277   -0.593  0.685   0.34 39.00 ? 57  LEU A CG  1 
ATOM   307  C  CG  B LEU A 1 41 ? 0.387   -0.528  -0.042  0.66 25.17 ? 57  LEU A CG  1 
ATOM   308  C  CD1 A LEU A 1 41 ? -0.841  0.213   0.042   0.34 27.16 ? 57  LEU A CD1 1 
ATOM   309  C  CD1 B LEU A 1 41 ? 0.143   -1.919  0.517   0.66 29.11 ? 57  LEU A CD1 1 
ATOM   310  C  CD2 A LEU A 1 41 ? 0.386   -1.968  0.051   0.34 29.60 ? 57  LEU A CD2 1 
ATOM   311  C  CD2 B LEU A 1 41 ? -0.862  0.330   0.093   0.66 27.05 ? 57  LEU A CD2 1 
ATOM   312  N  N   . GLY A 1 42 ? 3.862   0.218   -1.482  1.00 20.27 ? 58  GLY A N   1 
ATOM   313  C  CA  . GLY A 1 42 ? 4.314   0.147   -2.853  1.00 23.14 ? 58  GLY A CA  1 
ATOM   314  C  C   . GLY A 1 42 ? 5.516   -0.771  -2.943  1.00 22.94 ? 58  GLY A C   1 
ATOM   315  O  O   . GLY A 1 42 ? 5.606   -1.584  -3.847  1.00 26.71 ? 58  GLY A O   1 
ATOM   316  N  N   A GLN A 1 43 ? 6.418   -0.773  -2.037  0.44 21.97 ? 59  GLN A N   1 
ATOM   317  N  N   B GLN A 1 43 ? 6.426   -0.773  -2.042  0.56 22.04 ? 59  GLN A N   1 
ATOM   318  C  CA  A GLN A 1 43 ? 7.538   -1.707  -2.041  0.44 25.47 ? 59  GLN A CA  1 
ATOM   319  C  CA  B GLN A 1 43 ? 7.539   -1.719  -2.056  0.56 25.44 ? 59  GLN A CA  1 
ATOM   320  C  C   A GLN A 1 43 ? 7.042   -3.147  -1.947  0.44 25.34 ? 59  GLN A C   1 
ATOM   321  C  C   B GLN A 1 43 ? 7.057   -3.157  -1.923  0.56 25.36 ? 59  GLN A C   1 
ATOM   322  O  O   A GLN A 1 43 ? 7.564   -4.038  -2.629  0.44 25.13 ? 59  GLN A O   1 
ATOM   323  O  O   B GLN A 1 43 ? 7.613   -4.058  -2.558  0.56 25.01 ? 59  GLN A O   1 
ATOM   324  C  CB  A GLN A 1 43 ? 8.484   -1.381  -0.885  0.44 29.98 ? 59  GLN A CB  1 
ATOM   325  C  CB  B GLN A 1 43 ? 8.533   -1.381  -0.945  0.56 30.20 ? 59  GLN A CB  1 
ATOM   326  C  CG  A GLN A 1 43 ? 9.294   -0.104  -1.084  0.44 29.89 ? 59  GLN A CG  1 
ATOM   327  C  CG  B GLN A 1 43 ? 9.305   -0.109  -1.198  0.56 29.94 ? 59  GLN A CG  1 
ATOM   328  C  CD  A GLN A 1 43 ? 10.256  -0.202  -2.237  0.44 31.96 ? 59  GLN A CD  1 
ATOM   329  C  CD  B GLN A 1 43 ? 10.572  -0.025  -0.377  0.56 34.64 ? 59  GLN A CD  1 
ATOM   330  O  OE1 A GLN A 1 43 ? 10.757  -1.269  -2.533  0.44 40.42 ? 59  GLN A OE1 1 
ATOM   331  O  OE1 B GLN A 1 43 ? 11.533  0.629   -0.777  0.56 35.79 ? 59  GLN A OE1 1 
ATOM   332  N  NE2 A GLN A 1 43 ? 10.535  0.923   -2.883  0.44 38.73 ? 59  GLN A NE2 1 
ATOM   333  N  NE2 B GLN A 1 43 ? 10.573  -0.663  0.789   0.56 31.57 ? 59  GLN A NE2 1 
ATOM   334  N  N   . TYR A 1 44 ? 6.025   -3.388  -1.114  1.00 23.54 ? 60  TYR A N   1 
ATOM   335  C  CA  . TYR A 1 44 ? 5.434   -4.720  -1.005  1.00 21.15 ? 60  TYR A CA  1 
ATOM   336  C  C   . TYR A 1 44 ? 4.835   -5.174  -2.329  1.00 23.81 ? 60  TYR A C   1 
ATOM   337  O  O   . TYR A 1 44 ? 5.073   -6.301  -2.782  1.00 25.14 ? 60  TYR A O   1 
ATOM   338  C  CB  . TYR A 1 44 ? 4.363   -4.701  0.087   1.00 21.52 ? 60  TYR A CB  1 
ATOM   339  C  CG  . TYR A 1 44 ? 3.645   -6.010  0.291   1.00 22.77 ? 60  TYR A CG  1 
ATOM   340  C  CD1 . TYR A 1 44 ? 4.129   -6.955  1.179   1.00 23.35 ? 60  TYR A CD1 1 
ATOM   341  C  CD2 . TYR A 1 44 ? 2.466   -6.289  -0.389  1.00 25.11 ? 60  TYR A CD2 1 
ATOM   342  C  CE1 . TYR A 1 44 ? 3.471   -8.151  1.374   1.00 24.41 ? 60  TYR A CE1 1 
ATOM   343  C  CE2 . TYR A 1 44 ? 1.800   -7.481  -0.202  1.00 28.86 ? 60  TYR A CE2 1 
ATOM   344  C  CZ  . TYR A 1 44 ? 2.305   -8.408  0.683   1.00 26.32 ? 60  TYR A CZ  1 
ATOM   345  O  OH  . TYR A 1 44 ? 1.646   -9.601  0.875   1.00 25.96 ? 60  TYR A OH  1 
ATOM   346  N  N   . ILE A 1 45 ? 4.035   -4.308  -2.951  1.00 21.07 ? 61  ILE A N   1 
ATOM   347  C  CA  . ILE A 1 45 ? 3.420   -4.643  -4.233  1.00 22.10 ? 61  ILE A CA  1 
ATOM   348  C  C   . ILE A 1 45 ? 4.492   -4.982  -5.261  1.00 26.24 ? 61  ILE A C   1 
ATOM   349  O  O   . ILE A 1 45 ? 4.337   -5.913  -6.062  1.00 25.39 ? 61  ILE A O   1 
ATOM   350  C  CB  . ILE A 1 45 ? 2.522   -3.484  -4.701  1.00 18.36 ? 61  ILE A CB  1 
ATOM   351  C  CG1 . ILE A 1 45 ? 1.298   -3.373  -3.793  1.00 19.49 ? 61  ILE A CG1 1 
ATOM   352  C  CG2 . ILE A 1 45 ? 2.097   -3.688  -6.150  1.00 20.96 ? 61  ILE A CG2 1 
ATOM   353  C  CD1 . ILE A 1 45 ? 0.512   -2.101  -3.980  1.00 21.25 ? 61  ILE A CD1 1 
ATOM   354  N  N   A MET A 1 46 ? 5.590   -4.225  -5.267  0.53 24.91 ? 62  MET A N   1 
ATOM   355  N  N   B MET A 1 46 ? 5.621   -4.269  -5.216  0.47 24.97 ? 62  MET A N   1 
ATOM   356  C  CA  A MET A 1 46 ? 6.638   -4.429  -6.266  0.53 25.14 ? 62  MET A CA  1 
ATOM   357  C  CA  B MET A 1 46 ? 6.664   -4.479  -6.214  0.47 25.05 ? 62  MET A CA  1 
ATOM   358  C  C   A MET A 1 46 ? 7.403   -5.721  -6.026  0.53 28.13 ? 62  MET A C   1 
ATOM   359  C  C   B MET A 1 46 ? 7.422   -5.778  -5.955  0.47 28.04 ? 62  MET A C   1 
ATOM   360  O  O   A MET A 1 46 ? 7.630   -6.503  -6.957  0.53 29.25 ? 62  MET A O   1 
ATOM   361  O  O   B MET A 1 46 ? 7.650   -6.569  -6.877  0.47 29.19 ? 62  MET A O   1 
ATOM   362  C  CB  A MET A 1 46 ? 7.592   -3.240  -6.260  0.53 26.20 ? 62  MET A CB  1 
ATOM   363  C  CB  B MET A 1 46 ? 7.636   -3.303  -6.219  0.47 26.26 ? 62  MET A CB  1 
ATOM   364  C  CG  A MET A 1 46 ? 7.087   -2.058  -7.029  0.53 24.97 ? 62  MET A CG  1 
ATOM   365  C  CG  B MET A 1 46 ? 7.022   -1.998  -6.645  0.47 24.67 ? 62  MET A CG  1 
ATOM   366  S  SD  A MET A 1 46 ? 8.350   -0.798  -7.252  0.53 35.39 ? 62  MET A SD  1 
ATOM   367  S  SD  B MET A 1 46 ? 8.287   -0.742  -6.839  0.47 32.36 ? 62  MET A SD  1 
ATOM   368  C  CE  A MET A 1 46 ? 8.246   0.006   -5.651  0.53 26.16 ? 62  MET A CE  1 
ATOM   369  C  CE  B MET A 1 46 ? 9.456   -1.688  -7.813  0.47 34.80 ? 62  MET A CE  1 
ATOM   370  N  N   A THR A 1 47 ? 7.832   -5.947  -4.785  0.53 26.91 ? 63  THR A N   1 
ATOM   371  N  N   B THR A 1 47 ? 7.837   -6.008  -4.703  0.47 27.00 ? 63  THR A N   1 
ATOM   372  C  CA  A THR A 1 47 ? 8.621   -7.134  -4.486  0.53 30.41 ? 63  THR A CA  1 
ATOM   373  C  CA  B THR A 1 47 ? 8.655   -7.179  -4.385  0.47 30.45 ? 63  THR A CA  1 
ATOM   374  C  C   A THR A 1 47 ? 7.851   -8.404  -4.815  0.53 32.25 ? 63  THR A C   1 
ATOM   375  C  C   B THR A 1 47 ? 7.895   -8.490  -4.506  0.47 33.45 ? 63  THR A C   1 
ATOM   376  O  O   A THR A 1 47 ? 8.401   -9.334  -5.417  0.53 26.76 ? 63  THR A O   1 
ATOM   377  O  O   B THR A 1 47 ? 8.523   -9.548  -4.619  0.47 30.88 ? 63  THR A O   1 
ATOM   378  C  CB  A THR A 1 47 ? 9.043   -7.122  -3.020  0.53 29.67 ? 63  THR A CB  1 
ATOM   379  C  CB  B THR A 1 47 ? 9.228   -7.076  -2.972  0.47 29.82 ? 63  THR A CB  1 
ATOM   380  O  OG1 A THR A 1 47 ? 9.498   -5.807  -2.669  0.53 34.34 ? 63  THR A OG1 1 
ATOM   381  O  OG1 B THR A 1 47 ? 8.162   -7.107  -2.015  0.47 34.20 ? 63  THR A OG1 1 
ATOM   382  C  CG2 A THR A 1 47 ? 10.149  -8.120  -2.791  0.53 28.05 ? 63  THR A CG2 1 
ATOM   383  C  CG2 B THR A 1 47 ? 10.002  -5.815  -2.808  0.47 32.93 ? 63  THR A CG2 1 
ATOM   384  N  N   . LYS A 1 48 ? 6.569   -8.451  -4.453  1.00 29.93 ? 64  LYS A N   1 
ATOM   385  C  CA  . LYS A 1 48 ? 5.745   -9.626  -4.682  1.00 28.27 ? 64  LYS A CA  1 
ATOM   386  C  C   . LYS A 1 48 ? 5.179   -9.663  -6.094  1.00 25.73 ? 64  LYS A C   1 
ATOM   387  O  O   . LYS A 1 48 ? 4.487   -10.625 -6.446  1.00 31.73 ? 64  LYS A O   1 
ATOM   388  C  CB  . LYS A 1 48 ? 4.616   -9.670  -3.650  1.00 27.87 ? 64  LYS A CB  1 
ATOM   389  C  CG  . LYS A 1 48 ? 5.116   -9.894  -2.229  1.00 35.42 ? 64  LYS A CG  1 
ATOM   390  C  CD  . LYS A 1 48 ? 4.039   -10.458 -1.322  1.00 34.56 ? 64  LYS A CD  1 
ATOM   391  C  CE  . LYS A 1 48 ? 3.959   -11.967 -1.364  1.00 41.18 ? 64  LYS A CE  1 
ATOM   392  N  NZ  . LYS A 1 48 ? 2.991   -12.446 -0.337  1.00 41.28 ? 64  LYS A NZ  1 
ATOM   393  N  N   . ARG A 1 49 ? 5.464   -8.638  -6.901  1.00 27.46 ? 65  ARG A N   1 
ATOM   394  C  CA  . ARG A 1 49 ? 5.027   -8.553  -8.293  1.00 27.68 ? 65  ARG A CA  1 
ATOM   395  C  C   . ARG A 1 49 ? 3.520   -8.781  -8.404  1.00 35.12 ? 65  ARG A C   1 
ATOM   396  O  O   . ARG A 1 49 ? 3.034   -9.523  -9.261  1.00 29.81 ? 65  ARG A O   1 
ATOM   397  C  CB  . ARG A 1 49 ? 5.811   -9.535  -9.169  1.00 29.14 ? 65  ARG A CB  1 
ATOM   398  C  CG  . ARG A 1 49 ? 7.320   -9.269  -9.215  1.00 37.98 ? 65  ARG A CG  1 
ATOM   399  C  CD  . ARG A 1 49 ? 7.674   -8.012  -10.001 1.00 53.01 ? 65  ARG A CD  1 
ATOM   400  N  NE  . ARG A 1 49 ? 9.071   -8.003  -10.432 1.00 61.17 ? 65  ARG A NE  1 
ATOM   401  C  CZ  . ARG A 1 49 ? 10.079  -7.507  -9.720  1.00 70.03 ? 65  ARG A CZ  1 
ATOM   402  N  NH1 . ARG A 1 49 ? 9.854   -6.965  -8.530  1.00 51.37 ? 65  ARG A NH1 1 
ATOM   403  N  NH2 . ARG A 1 49 ? 11.316  -7.546  -10.201 1.00 69.25 ? 65  ARG A NH2 1 
ATOM   404  N  N   . LEU A 1 50 ? 2.774   -8.139  -7.500  1.00 26.51 ? 66  LEU A N   1 
ATOM   405  C  CA  . LEU A 1 50 ? 1.323   -8.276  -7.492  1.00 23.09 ? 66  LEU A CA  1 
ATOM   406  C  C   . LEU A 1 50 ? 0.675   -7.528  -8.642  1.00 21.69 ? 66  LEU A C   1 
ATOM   407  O  O   . LEU A 1 50 ? -0.487  -7.796  -8.967  1.00 25.47 ? 66  LEU A O   1 
ATOM   408  C  CB  . LEU A 1 50 ? 0.748   -7.768  -6.170  1.00 26.15 ? 66  LEU A CB  1 
ATOM   409  C  CG  . LEU A 1 50 ? 1.172   -8.474  -4.885  1.00 27.79 ? 66  LEU A CG  1 
ATOM   410  C  CD1 . LEU A 1 50 ? 0.399   -7.913  -3.703  1.00 27.05 ? 66  LEU A CD1 1 
ATOM   411  C  CD2 . LEU A 1 50 ? 0.978   -9.975  -4.998  1.00 24.20 ? 66  LEU A CD2 1 
ATOM   412  N  N   . TYR A 1 51 ? 1.386   -6.588  -9.255  1.00 25.32 ? 67  TYR A N   1 
ATOM   413  C  CA  . TYR A 1 51 ? 0.834   -5.893  -10.401 1.00 28.81 ? 67  TYR A CA  1 
ATOM   414  C  C   . TYR A 1 51 ? 0.917   -6.780  -11.639 1.00 33.71 ? 67  TYR A C   1 
ATOM   415  O  O   . TYR A 1 51 ? 1.770   -7.668  -11.741 1.00 32.48 ? 67  TYR A O   1 
ATOM   416  C  CB  . TYR A 1 51 ? 1.564   -4.569  -10.649 1.00 26.49 ? 67  TYR A CB  1 
ATOM   417  C  CG  . TYR A 1 51 ? 3.038   -4.709  -10.943 1.00 30.19 ? 67  TYR A CG  1 
ATOM   418  C  CD1 . TYR A 1 51 ? 3.489   -4.947  -12.236 1.00 36.94 ? 67  TYR A CD1 1 
ATOM   419  C  CD2 . TYR A 1 51 ? 3.979   -4.626  -9.927  1.00 25.13 ? 67  TYR A CD2 1 
ATOM   420  C  CE1 . TYR A 1 51 ? 4.834   -5.078  -12.512 1.00 33.11 ? 67  TYR A CE1 1 
ATOM   421  C  CE2 . TYR A 1 51 ? 5.327   -4.760  -10.192 1.00 38.24 ? 67  TYR A CE2 1 
ATOM   422  C  CZ  . TYR A 1 51 ? 5.749   -4.986  -11.486 1.00 36.39 ? 67  TYR A CZ  1 
ATOM   423  O  OH  . TYR A 1 51 ? 7.091   -5.120  -11.760 1.00 39.27 ? 67  TYR A OH  1 
ATOM   424  N  N   . ASP A 1 52 ? 0.002   -6.529  -12.574 1.00 24.95 ? 68  ASP A N   1 
ATOM   425  C  CA  . ASP A 1 52 ? -0.063  -7.228  -13.853 1.00 23.94 ? 68  ASP A CA  1 
ATOM   426  C  C   . ASP A 1 52 ? 1.117   -6.832  -14.729 1.00 34.26 ? 68  ASP A C   1 
ATOM   427  O  O   . ASP A 1 52 ? 1.267   -5.653  -15.073 1.00 31.12 ? 68  ASP A O   1 
ATOM   428  C  CB  . ASP A 1 52 ? -1.391  -6.918  -14.537 1.00 28.40 ? 68  ASP A CB  1 
ATOM   429  C  CG  . ASP A 1 52 ? -1.653  -7.800  -15.733 1.00 39.78 ? 68  ASP A CG  1 
ATOM   430  O  OD1 . ASP A 1 52 ? -2.185  -8.910  -15.544 1.00 55.14 ? 68  ASP A OD1 1 
ATOM   431  O  OD2 . ASP A 1 52 ? -1.364  -7.357  -16.867 1.00 41.48 ? 68  ASP A OD2 1 
ATOM   432  N  N   . GLU A 1 53 ? 1.922   -7.810  -15.148 1.00 36.59 ? 69  GLU A N   1 
ATOM   433  C  CA  . GLU A 1 53 ? 3.132   -7.524  -15.970 1.00 37.10 ? 69  GLU A CA  1 
ATOM   434  C  C   . GLU A 1 53 ? 2.778   -6.718  -17.227 1.00 40.53 ? 69  GLU A C   1 
ATOM   435  O  O   . GLU A 1 53 ? 3.636   -5.946  -17.679 1.00 41.36 ? 69  GLU A O   1 
ATOM   436  C  CB  . GLU A 1 53 ? 3.830   -8.828  -16.353 1.00 44.25 ? 69  GLU A CB  1 
ATOM   437  C  CG  . GLU A 1 53 ? 2.878   -9.915  -16.817 1.00 76.95 ? 69  GLU A CG  1 
ATOM   438  C  CD  . GLU A 1 53 ? 3.544   -11.146 -17.408 1.00 95.74 ? 69  GLU A CD  1 
ATOM   439  O  OE1 . GLU A 1 53 ? 2.888   -11.840 -18.210 1.00 94.36 ? 69  GLU A OE1 1 
ATOM   440  O  OE2 . GLU A 1 53 ? 4.712   -11.404 -17.065 1.00 95.80 ? 69  GLU A OE2 1 
ATOM   441  N  N   . LYS A 1 54 ? 1.577   -6.897  -17.781 1.00 39.27 ? 70  LYS A N   1 
ATOM   442  C  CA  . LYS A 1 54 ? 1.230   -6.211  -19.054 1.00 43.23 ? 70  LYS A CA  1 
ATOM   443  C  C   . LYS A 1 54 ? 0.395   -4.967  -18.760 1.00 46.59 ? 70  LYS A C   1 
ATOM   444  O  O   . LYS A 1 54 ? 0.332   -4.086  -19.637 1.00 54.83 ? 70  LYS A O   1 
ATOM   445  C  CB  . LYS A 1 54 ? 0.441   -7.144  -19.977 1.00 56.34 ? 70  LYS A CB  1 
ATOM   446  C  CG  . LYS A 1 54 ? 1.248   -7.811  -21.080 1.00 59.81 ? 70  LYS A CG  1 
ATOM   447  C  CD  . LYS A 1 54 ? 0.596   -9.067  -21.613 1.00 76.14 ? 70  LYS A CD  1 
ATOM   448  C  CE  . LYS A 1 54 ? 0.047   -8.899  -23.014 1.00 66.64 ? 70  LYS A CE  1 
ATOM   449  N  NZ  . LYS A 1 54 ? -0.646  -10.122 -23.484 1.00 76.87 ? 70  LYS A NZ  1 
ATOM   450  N  N   A GLN A 1 55 ? -0.368  -4.927  -17.658 0.51 40.53 ? 71  GLN A N   1 
ATOM   451  N  N   B GLN A 1 55 ? -0.293  -4.903  -17.719 0.49 40.63 ? 71  GLN A N   1 
ATOM   452  C  CA  A GLN A 1 55 ? -1.157  -3.723  -17.242 0.51 42.88 ? 71  GLN A CA  1 
ATOM   453  C  CA  B GLN A 1 55 ? -1.081  -3.699  -17.302 0.49 42.85 ? 71  GLN A CA  1 
ATOM   454  C  C   A GLN A 1 55 ? -0.617  -3.397  -15.858 0.51 41.48 ? 71  GLN A C   1 
ATOM   455  C  C   B GLN A 1 55 ? -0.542  -3.373  -15.919 0.49 41.51 ? 71  GLN A C   1 
ATOM   456  O  O   A GLN A 1 55 ? -1.279  -3.760  -14.877 0.51 34.76 ? 71  GLN A O   1 
ATOM   457  O  O   B GLN A 1 55 ? -1.204  -3.736  -14.938 0.49 34.87 ? 71  GLN A O   1 
ATOM   458  C  CB  A GLN A 1 55 ? -2.650  -4.040  -17.213 0.51 46.17 ? 71  GLN A CB  1 
ATOM   459  C  CB  B GLN A 1 55 ? -2.575  -4.015  -17.274 0.49 46.16 ? 71  GLN A CB  1 
ATOM   460  C  CG  A GLN A 1 55 ? -3.416  -3.476  -18.400 0.51 53.15 ? 71  GLN A CG  1 
ATOM   461  C  CG  B GLN A 1 55 ? -3.341  -3.452  -18.461 0.49 53.12 ? 71  GLN A CG  1 
ATOM   462  C  CD  A GLN A 1 55 ? -4.899  -3.390  -18.126 0.51 65.52 ? 71  GLN A CD  1 
ATOM   463  C  CD  B GLN A 1 55 ? -4.823  -3.365  -18.187 0.49 65.48 ? 71  GLN A CD  1 
ATOM   464  O  OE1 A GLN A 1 55 ? -5.501  -4.304  -17.571 0.51 71.31 ? 71  GLN A OE1 1 
ATOM   465  O  OE1 B GLN A 1 55 ? -5.426  -4.280  -17.631 0.49 71.32 ? 71  GLN A OE1 1 
ATOM   466  N  NE2 A GLN A 1 55 ? -5.499  -2.281  -18.519 0.51 69.97 ? 71  GLN A NE2 1 
ATOM   467  N  NE2 B GLN A 1 55 ? -5.424  -2.256  -18.580 0.49 69.97 ? 71  GLN A NE2 1 
ATOM   468  N  N   . GLN A 1 56 ? 0.468   -2.632  -15.781 1.00 37.32 ? 72  GLN A N   1 
ATOM   469  C  CA  . GLN A 1 56 ? 1.213   -2.545  -14.533 1.00 32.24 ? 72  GLN A CA  1 
ATOM   470  C  C   . GLN A 1 56 ? 0.568   -1.619  -13.507 1.00 29.56 ? 72  GLN A C   1 
ATOM   471  O  O   . GLN A 1 56 ? 1.004   -1.613  -12.351 1.00 29.22 ? 72  GLN A O   1 
ATOM   472  C  CB  . GLN A 1 56 ? 2.659   -2.129  -14.836 1.00 37.28 ? 72  GLN A CB  1 
ATOM   473  C  CG  . GLN A 1 56 ? 3.338   -3.113  -15.798 1.00 40.90 ? 72  GLN A CG  1 
ATOM   474  C  CD  . GLN A 1 56 ? 4.848   -3.196  -15.656 1.00 57.69 ? 72  GLN A CD  1 
ATOM   475  O  OE1 . GLN A 1 56 ? 5.455   -2.485  -14.857 1.00 57.31 ? 72  GLN A OE1 1 
ATOM   476  N  NE2 . GLN A 1 56 ? 5.464   -4.075  -16.443 1.00 48.07 ? 72  GLN A NE2 1 
ATOM   477  N  N   . HIS A 1 57 ? -0.469  -0.866  -13.882 1.00 31.40 ? 73  HIS A N   1 
ATOM   478  C  CA  . HIS A 1 57 ? -1.219  -0.070  -12.915 1.00 28.36 ? 73  HIS A CA  1 
ATOM   479  C  C   . HIS A 1 57 ? -2.255  -0.888  -12.155 1.00 29.64 ? 73  HIS A C   1 
ATOM   480  O  O   . HIS A 1 57 ? -2.806  -0.395  -11.163 1.00 27.44 ? 73  HIS A O   1 
ATOM   481  C  CB  . HIS A 1 57 ? -1.902  1.108   -13.618 1.00 32.75 ? 73  HIS A CB  1 
ATOM   482  C  CG  . HIS A 1 57 ? -2.890  0.698   -14.665 1.00 37.35 ? 73  HIS A CG  1 
ATOM   483  N  ND1 . HIS A 1 57 ? -2.507  0.249   -15.910 1.00 38.62 ? 73  HIS A ND1 1 
ATOM   484  C  CD2 . HIS A 1 57 ? -4.244  0.683   -14.659 1.00 36.28 ? 73  HIS A CD2 1 
ATOM   485  C  CE1 . HIS A 1 57 ? -3.581  -0.037  -16.623 1.00 42.79 ? 73  HIS A CE1 1 
ATOM   486  N  NE2 . HIS A 1 57 ? -4.648  0.218   -15.888 1.00 36.14 ? 73  HIS A NE2 1 
ATOM   487  N  N   . ILE A 1 58 ? -2.527  -2.117  -12.586 1.00 25.82 ? 74  ILE A N   1 
ATOM   488  C  CA  . ILE A 1 58 ? -3.522  -2.980  -11.962 1.00 23.23 ? 74  ILE A CA  1 
ATOM   489  C  C   . ILE A 1 58 ? -2.818  -3.917  -10.992 1.00 23.26 ? 74  ILE A C   1 
ATOM   490  O  O   . ILE A 1 58 ? -1.866  -4.612  -11.368 1.00 29.81 ? 74  ILE A O   1 
ATOM   491  C  CB  . ILE A 1 58 ? -4.313  -3.769  -13.018 1.00 24.21 ? 74  ILE A CB  1 
ATOM   492  C  CG1 . ILE A 1 58 ? -5.100  -2.813  -13.916 1.00 34.88 ? 74  ILE A CG1 1 
ATOM   493  C  CG2 . ILE A 1 58 ? -5.246  -4.767  -12.350 1.00 29.07 ? 74  ILE A CG2 1 
ATOM   494  C  CD1 . ILE A 1 58 ? -6.267  -2.151  -13.213 1.00 38.90 ? 74  ILE A CD1 1 
ATOM   495  N  N   . VAL A 1 59 ? -3.286  -3.935  -9.748  1.00 22.68 ? 75  VAL A N   1 
ATOM   496  C  CA  . VAL A 1 59 ? -2.753  -4.775  -8.685  1.00 21.68 ? 75  VAL A CA  1 
ATOM   497  C  C   . VAL A 1 59 ? -3.783  -5.853  -8.391  1.00 27.08 ? 75  VAL A C   1 
ATOM   498  O  O   . VAL A 1 59 ? -4.941  -5.544  -8.071  1.00 24.81 ? 75  VAL A O   1 
ATOM   499  C  CB  . VAL A 1 59 ? -2.442  -3.959  -7.420  1.00 21.66 ? 75  VAL A CB  1 
ATOM   500  C  CG1 . VAL A 1 59 ? -1.869  -4.859  -6.333  1.00 23.65 ? 75  VAL A CG1 1 
ATOM   501  C  CG2 . VAL A 1 59 ? -1.491  -2.815  -7.743  1.00 22.04 ? 75  VAL A CG2 1 
ATOM   502  N  N   . TYR A 1 60 ? -3.365  -7.112  -8.512  1.00 27.15 ? 76  TYR A N   1 
ATOM   503  C  CA  . TYR A 1 60 ? -4.181  -8.265  -8.148  1.00 25.03 ? 76  TYR A CA  1 
ATOM   504  C  C   . TYR A 1 60 ? -3.719  -8.749  -6.781  1.00 27.28 ? 76  TYR A C   1 
ATOM   505  O  O   . TYR A 1 60 ? -2.580  -9.201  -6.629  1.00 26.31 ? 76  TYR A O   1 
ATOM   506  C  CB  . TYR A 1 60 ? -4.067  -9.373  -9.192  1.00 22.57 ? 76  TYR A CB  1 
ATOM   507  C  CG  . TYR A 1 60 ? -4.685  -8.993  -10.508 1.00 25.92 ? 76  TYR A CG  1 
ATOM   508  C  CD1 . TYR A 1 60 ? -6.058  -8.841  -10.624 1.00 27.29 ? 76  TYR A CD1 1 
ATOM   509  C  CD2 . TYR A 1 60 ? -3.900  -8.774  -11.630 1.00 31.99 ? 76  TYR A CD2 1 
ATOM   510  C  CE1 . TYR A 1 60 ? -6.634  -8.483  -11.819 1.00 26.67 ? 76  TYR A CE1 1 
ATOM   511  C  CE2 . TYR A 1 60 ? -4.468  -8.418  -12.834 1.00 34.60 ? 76  TYR A CE2 1 
ATOM   512  C  CZ  . TYR A 1 60 ? -5.836  -8.275  -12.922 1.00 33.08 ? 76  TYR A CZ  1 
ATOM   513  O  OH  . TYR A 1 60 ? -6.408  -7.920  -14.121 1.00 39.06 ? 76  TYR A OH  1 
ATOM   514  N  N   . CYS A 1 61 ? -4.603  -8.652  -5.790  1.00 21.42 ? 77  CYS A N   1 
ATOM   515  C  CA  . CYS A 1 61 ? -4.237  -8.927  -4.408  1.00 23.98 ? 77  CYS A CA  1 
ATOM   516  C  C   . CYS A 1 61 ? -5.077  -10.024 -3.768  1.00 22.21 ? 77  CYS A C   1 
ATOM   517  O  O   . CYS A 1 61 ? -4.951  -10.257 -2.561  1.00 26.64 ? 77  CYS A O   1 
ATOM   518  C  CB  . CYS A 1 61 ? -4.297  -7.633  -3.588  1.00 27.51 ? 77  CYS A CB  1 
ATOM   519  S  SG  . CYS A 1 61 ? -5.841  -6.706  -3.717  1.00 25.30 ? 77  CYS A SG  1 
ATOM   520  N  N   A SER A 1 62 ? -5.926  -10.704 -4.542  0.58 23.87 ? 78  SER A N   1 
ATOM   521  N  N   B SER A 1 62 ? -5.924  -10.707 -4.532  0.42 23.94 ? 78  SER A N   1 
ATOM   522  C  CA  A SER A 1 62 ? -6.590  -11.903 -4.045  0.58 21.25 ? 78  SER A CA  1 
ATOM   523  C  CA  B SER A 1 62 ? -6.629  -11.858 -3.990  0.42 21.28 ? 78  SER A CA  1 
ATOM   524  C  C   A SER A 1 62 ? -5.566  -12.909 -3.545  0.58 24.41 ? 78  SER A C   1 
ATOM   525  C  C   B SER A 1 62 ? -5.634  -12.950 -3.605  0.42 24.65 ? 78  SER A C   1 
ATOM   526  O  O   A SER A 1 62 ? -4.442  -12.988 -4.048  0.58 23.00 ? 78  SER A O   1 
ATOM   527  O  O   B SER A 1 62 ? -4.584  -13.111 -4.232  0.42 23.21 ? 78  SER A O   1 
ATOM   528  C  CB  A SER A 1 62 ? -7.430  -12.565 -5.139  0.58 22.69 ? 78  SER A CB  1 
ATOM   529  C  CB  B SER A 1 62 ? -7.635  -12.392 -5.009  0.42 22.52 ? 78  SER A CB  1 
ATOM   530  O  OG  A SER A 1 62 ? -8.490  -11.744 -5.570  0.58 27.52 ? 78  SER A OG  1 
ATOM   531  O  OG  B SER A 1 62 ? -6.985  -12.763 -6.212  0.42 25.46 ? 78  SER A OG  1 
ATOM   532  N  N   . ASN A 1 63 ? -5.971  -13.692 -2.547  1.00 23.94 ? 79  ASN A N   1 
ATOM   533  C  CA  . ASN A 1 63 ? -5.160  -14.808 -2.050  1.00 22.31 ? 79  ASN A CA  1 
ATOM   534  C  C   . ASN A 1 63 ? -3.788  -14.341 -1.577  1.00 22.44 ? 79  ASN A C   1 
ATOM   535  O  O   . ASN A 1 63 ? -2.806  -15.085 -1.634  1.00 26.01 ? 79  ASN A O   1 
ATOM   536  C  CB  . ASN A 1 63 ? -5.030  -15.902 -3.113  1.00 26.99 ? 79  ASN A CB  1 
ATOM   537  C  CG  . ASN A 1 63 ? -6.369  -16.274 -3.720  1.00 30.16 ? 79  ASN A CG  1 
ATOM   538  O  OD1 . ASN A 1 63 ? -6.541  -16.261 -4.938  1.00 26.04 ? 79  ASN A OD1 1 
ATOM   539  N  ND2 . ASN A 1 63 ? -7.330  -16.598 -2.866  1.00 23.33 ? 79  ASN A ND2 1 
ATOM   540  N  N   . ASP A 1 64 ? -3.760  -13.092 -1.103  1.00 24.01 ? 80  ASP A N   1 
ATOM   541  C  CA  . ASP A 1 64 ? -2.502  -12.498 -0.588  1.00 24.77 ? 80  ASP A CA  1 
ATOM   542  C  C   . ASP A 1 64 ? -2.852  -11.681 0.658   1.00 22.73 ? 80  ASP A C   1 
ATOM   543  O  O   . ASP A 1 64 ? -4.014  -11.269 0.770   1.00 26.15 ? 80  ASP A O   1 
ATOM   544  C  CB  . ASP A 1 64 ? -1.846  -11.625 -1.661  1.00 21.63 ? 80  ASP A CB  1 
ATOM   545  C  CG  . ASP A 1 64 ? -0.537  -10.990 -1.230  1.00 30.76 ? 80  ASP A CG  1 
ATOM   546  O  OD1 . ASP A 1 64 ? 0.487   -11.676 -1.295  1.00 29.18 ? 80  ASP A OD1 1 
ATOM   547  O  OD2 . ASP A 1 64 ? -0.564  -9.819  -0.823  1.00 28.93 ? 80  ASP A OD2 1 
ATOM   548  N  N   . LEU A 1 65 ? -1.885  -11.466 1.549   1.00 23.15 ? 81  LEU A N   1 
ATOM   549  C  CA  . LEU A 1 65 ? -2.084  -10.628 2.759   1.00 22.09 ? 81  LEU A CA  1 
ATOM   550  C  C   . LEU A 1 65 ? -2.750  -9.297  2.382   1.00 21.95 ? 81  LEU A C   1 
ATOM   551  O  O   . LEU A 1 65 ? -3.641  -8.872  3.115   1.00 25.74 ? 81  LEU A O   1 
ATOM   552  C  CB  . LEU A 1 65 ? -0.691  -10.399 3.350   1.00 26.39 ? 81  LEU A CB  1 
ATOM   553  C  CG  . LEU A 1 65 ? -0.607  -9.636  4.666   1.00 33.97 ? 81  LEU A CG  1 
ATOM   554  C  CD1 . LEU A 1 65 ? -1.481  -10.292 5.715   1.00 32.65 ? 81  LEU A CD1 1 
ATOM   555  C  CD2 . LEU A 1 65 ? 0.832   -9.596  5.142   1.00 30.77 ? 81  LEU A CD2 1 
ATOM   556  N  N   . LEU A 1 66 ? -2.333  -8.671  1.278   1.00 23.37 ? 82  LEU A N   1 
ATOM   557  C  CA  . LEU A 1 66 ? -2.888  -7.351  0.874   1.00 21.42 ? 82  LEU A CA  1 
ATOM   558  C  C   . LEU A 1 66 ? -4.391  -7.464  0.597   1.00 29.04 ? 82  LEU A C   1 
ATOM   559  O  O   . LEU A 1 66 ? -5.123  -6.539  0.948   1.00 24.25 ? 82  LEU A O   1 
ATOM   560  C  CB  . LEU A 1 66 ? -2.134  -6.836  -0.356  1.00 23.03 ? 82  LEU A CB  1 
ATOM   561  C  CG  . LEU A 1 66 ? -2.513  -5.433  -0.825  1.00 25.27 ? 82  LEU A CG  1 
ATOM   562  C  CD1 . LEU A 1 66 ? -2.329  -4.414  0.288   1.00 39.63 ? 82  LEU A CD1 1 
ATOM   563  C  CD2 . LEU A 1 66 ? -1.706  -5.033  -2.047  1.00 27.61 ? 82  LEU A CD2 1 
ATOM   564  N  N   . GLY A 1 67 ? -4.833  -8.548  -0.036  1.00 24.56 ? 83  GLY A N   1 
ATOM   565  C  CA  . GLY A 1 67 ? -6.279  -8.725  -0.250  1.00 27.23 ? 83  GLY A CA  1 
ATOM   566  C  C   . GLY A 1 67 ? -6.999  -8.983  1.054   1.00 29.22 ? 83  GLY A C   1 
ATOM   567  O  O   . GLY A 1 67 ? -8.169  -8.599  1.159   1.00 29.66 ? 83  GLY A O   1 
ATOM   568  N  N   . ASP A 1 68 ? -6.379  -9.682  1.989   1.00 27.82 ? 84  ASP A N   1 
ATOM   569  C  CA  . ASP A 1 68 ? -7.039  -9.948  3.251   1.00 32.80 ? 84  ASP A CA  1 
ATOM   570  C  C   . ASP A 1 68 ? -7.219  -8.625  3.969   1.00 40.76 ? 84  ASP A C   1 
ATOM   571  O  O   . ASP A 1 68 ? -8.225  -8.375  4.616   1.00 35.63 ? 84  ASP A O   1 
ATOM   572  C  CB  . ASP A 1 68 ? -6.208  -10.910 4.086   1.00 31.27 ? 84  ASP A CB  1 
ATOM   573  C  CG  . ASP A 1 68 ? -5.992  -12.235 3.393   1.00 53.65 ? 84  ASP A CG  1 
ATOM   574  O  OD1 . ASP A 1 68 ? -5.052  -12.957 3.762   1.00 63.32 ? 84  ASP A OD1 1 
ATOM   575  O  OD2 . ASP A 1 68 ? -6.761  -12.556 2.470   1.00 58.32 ? 84  ASP A OD2 1 
ATOM   576  N  N   . LEU A 1 69 ? -6.216  -7.778  3.810   1.00 26.56 ? 85  LEU A N   1 
ATOM   577  C  CA  . LEU A 1 69 ? -6.161  -6.455  4.387   1.00 32.13 ? 85  LEU A CA  1 
ATOM   578  C  C   . LEU A 1 69 ? -7.209  -5.528  3.816   1.00 28.98 ? 85  LEU A C   1 
ATOM   579  O  O   . LEU A 1 69 ? -8.020  -4.957  4.533   1.00 31.03 ? 85  LEU A O   1 
ATOM   580  C  CB  . LEU A 1 69 ? -4.812  -5.856  4.009   1.00 40.86 ? 85  LEU A CB  1 
ATOM   581  C  CG  . LEU A 1 69 ? -3.895  -5.236  5.036   1.00 42.17 ? 85  LEU A CG  1 
ATOM   582  C  CD1 . LEU A 1 69 ? -2.535  -5.889  4.871   1.00 40.04 ? 85  LEU A CD1 1 
ATOM   583  C  CD2 . LEU A 1 69 ? -3.812  -3.750  4.745   1.00 42.31 ? 85  LEU A CD2 1 
ATOM   584  N  N   . PHE A 1 70 ? -7.157  -5.369  2.503   1.00 27.87 ? 86  PHE A N   1 
ATOM   585  C  CA  . PHE A 1 70 ? -8.038  -4.465  1.784   1.00 26.01 ? 86  PHE A CA  1 
ATOM   586  C  C   . PHE A 1 70 ? -9.469  -4.945  1.562   1.00 34.63 ? 86  PHE A C   1 
ATOM   587  O  O   . PHE A 1 70 ? -10.367 -4.128  1.419   1.00 31.80 ? 86  PHE A O   1 
ATOM   588  C  CB  . PHE A 1 70 ? -7.417  -4.116  0.430   1.00 30.36 ? 86  PHE A CB  1 
ATOM   589  C  CG  . PHE A 1 70 ? -6.359  -3.050  0.496   1.00 24.61 ? 86  PHE A CG  1 
ATOM   590  C  CD1 . PHE A 1 70 ? -5.953  -2.530  1.704   1.00 26.72 ? 86  PHE A CD1 1 
ATOM   591  C  CD2 . PHE A 1 70 ? -5.777  -2.569  -0.661  1.00 26.00 ? 86  PHE A CD2 1 
ATOM   592  C  CE1 . PHE A 1 70 ? -4.983  -1.553  1.761   1.00 28.80 ? 86  PHE A CE1 1 
ATOM   593  C  CE2 . PHE A 1 70 ? -4.811  -1.591  -0.614  1.00 27.18 ? 86  PHE A CE2 1 
ATOM   594  C  CZ  . PHE A 1 70 ? -4.410  -1.082  0.601   1.00 26.91 ? 86  PHE A CZ  1 
ATOM   595  N  N   . GLY A 1 71 ? -9.681  -6.256  1.534   1.00 28.85 ? 87  GLY A N   1 
ATOM   596  C  CA  . GLY A 1 71 ? -10.999 -6.801  1.268   1.00 31.20 ? 87  GLY A CA  1 
ATOM   597  C  C   . GLY A 1 71 ? -11.452 -6.645  -0.166  1.00 41.71 ? 87  GLY A C   1 
ATOM   598  O  O   . GLY A 1 71 ? -12.660 -6.634  -0.433  1.00 37.50 ? 87  GLY A O   1 
ATOM   599  N  N   . VAL A 1 72 ? -10.517 -6.499  -1.099  1.00 32.18 ? 88  VAL A N   1 
ATOM   600  C  CA  . VAL A 1 72 ? -10.854 -6.469  -2.520  1.00 30.70 ? 88  VAL A CA  1 
ATOM   601  C  C   . VAL A 1 72 ? -9.921  -7.417  -3.257  1.00 27.25 ? 88  VAL A C   1 
ATOM   602  O  O   . VAL A 1 72 ? -8.818  -7.732  -2.780  1.00 26.75 ? 88  VAL A O   1 
ATOM   603  C  CB  . VAL A 1 72 ? -10.763 -5.040  -3.108  1.00 32.29 ? 88  VAL A CB  1 
ATOM   604  C  CG1 . VAL A 1 72 ? -11.733 -4.099  -2.396  1.00 35.74 ? 88  VAL A CG1 1 
ATOM   605  C  CG2 . VAL A 1 72 ? -9.340  -4.514  -3.038  1.00 31.29 ? 88  VAL A CG2 1 
ATOM   606  N  N   . PRO A 1 73 ? -10.355 -7.921  -4.414  1.00 24.59 ? 89  PRO A N   1 
ATOM   607  C  CA  . PRO A 1 73 ? -9.479  -8.790  -5.208  1.00 24.89 ? 89  PRO A CA  1 
ATOM   608  C  C   . PRO A 1 73 ? -8.458  -8.040  -6.037  1.00 27.42 ? 89  PRO A C   1 
ATOM   609  O  O   . PRO A 1 73 ? -7.431  -8.630  -6.398  1.00 25.98 ? 89  PRO A O   1 
ATOM   610  C  CB  . PRO A 1 73 ? -10.465 -9.529  -6.118  1.00 31.46 ? 89  PRO A CB  1 
ATOM   611  C  CG  . PRO A 1 73 ? -11.560 -8.542  -6.312  1.00 27.68 ? 89  PRO A CG  1 
ATOM   612  C  CD  . PRO A 1 73 ? -11.715 -7.860  -4.977  1.00 38.05 ? 89  PRO A CD  1 
ATOM   613  N  N   . SER A 1 74 ? -8.710  -6.774  -6.364  1.00 24.55 ? 90  SER A N   1 
ATOM   614  C  CA  . SER A 1 74 ? -7.832  -6.020  -7.249  1.00 24.67 ? 90  SER A CA  1 
ATOM   615  C  C   . SER A 1 74 ? -8.164  -4.541  -7.126  1.00 25.05 ? 90  SER A C   1 
ATOM   616  O  O   . SER A 1 74 ? -9.209  -4.157  -6.595  1.00 29.83 ? 90  SER A O   1 
ATOM   617  C  CB  . SER A 1 74 ? -7.971  -6.477  -8.704  1.00 32.55 ? 90  SER A CB  1 
ATOM   618  O  OG  . SER A 1 74 ? -9.295  -6.277  -9.166  1.00 35.24 ? 90  SER A OG  1 
ATOM   619  N  N   . PHE A 1 75 ? -7.250  -3.717  -7.630  1.00 26.10 ? 91  PHE A N   1 
ATOM   620  C  CA  . PHE A 1 75 ? -7.461  -2.276  -7.694  1.00 23.64 ? 91  PHE A CA  1 
ATOM   621  C  C   . PHE A 1 75 ? -6.434  -1.668  -8.633  1.00 29.60 ? 91  PHE A C   1 
ATOM   622  O  O   . PHE A 1 75 ? -5.379  -2.248  -8.886  1.00 27.02 ? 91  PHE A O   1 
ATOM   623  C  CB  . PHE A 1 75 ? -7.380  -1.627  -6.307  1.00 26.27 ? 91  PHE A CB  1 
ATOM   624  C  CG  . PHE A 1 75 ? -6.030  -1.747  -5.657  1.00 22.78 ? 91  PHE A CG  1 
ATOM   625  C  CD1 . PHE A 1 75 ? -5.061  -0.772  -5.832  1.00 23.05 ? 91  PHE A CD1 1 
ATOM   626  C  CD2 . PHE A 1 75 ? -5.739  -2.838  -4.852  1.00 24.11 ? 91  PHE A CD2 1 
ATOM   627  C  CE1 . PHE A 1 75 ? -3.823  -0.893  -5.229  1.00 28.55 ? 91  PHE A CE1 1 
ATOM   628  C  CE2 . PHE A 1 75 ? -4.505  -2.963  -4.245  1.00 27.41 ? 91  PHE A CE2 1 
ATOM   629  C  CZ  . PHE A 1 75 ? -3.546  -1.989  -4.434  1.00 24.75 ? 91  PHE A CZ  1 
ATOM   630  N  N   . SER A 1 76 ? -6.749  -0.484  -9.142  1.00 26.42 ? 92  SER A N   1 
ATOM   631  C  CA  . SER A 1 76 ? -5.787  0.277   -9.920  1.00 27.96 ? 92  SER A CA  1 
ATOM   632  C  C   . SER A 1 76 ? -5.076  1.271   -9.012  1.00 26.15 ? 92  SER A C   1 
ATOM   633  O  O   . SER A 1 76 ? -5.687  1.857   -8.113  1.00 27.87 ? 92  SER A O   1 
ATOM   634  C  CB  . SER A 1 76 ? -6.471  1.005   -11.079 1.00 34.68 ? 92  SER A CB  1 
ATOM   635  O  OG  . SER A 1 76 ? -5.624  2.000   -11.628 1.00 31.87 ? 92  SER A OG  1 
ATOM   636  N  N   . VAL A 1 77 ? -3.772  1.446   -9.247  1.00 29.77 ? 93  VAL A N   1 
ATOM   637  C  CA  . VAL A 1 77 ? -2.985  2.390   -8.462  1.00 22.58 ? 93  VAL A CA  1 
ATOM   638  C  C   . VAL A 1 77 ? -3.510  3.807   -8.637  1.00 27.59 ? 93  VAL A C   1 
ATOM   639  O  O   . VAL A 1 77 ? -3.211  4.687   -7.826  1.00 29.94 ? 93  VAL A O   1 
ATOM   640  C  CB  . VAL A 1 77 ? -1.496  2.306   -8.859  1.00 26.24 ? 93  VAL A CB  1 
ATOM   641  C  CG1 . VAL A 1 77 ? -0.983  0.881   -8.710  1.00 27.78 ? 93  VAL A CG1 1 
ATOM   642  C  CG2 . VAL A 1 77 ? -1.283  2.816   -10.273 1.00 31.15 ? 93  VAL A CG2 1 
ATOM   643  N  N   . LYS A 1 78 ? -4.293  4.043   -9.687  1.00 28.58 ? 94  LYS A N   1 
ATOM   644  C  CA  . LYS A 1 78 ? -4.884  5.339   -9.981  1.00 27.86 ? 94  LYS A CA  1 
ATOM   645  C  C   . LYS A 1 78 ? -6.143  5.605   -9.173  1.00 32.43 ? 94  LYS A C   1 
ATOM   646  O  O   . LYS A 1 78 ? -6.664  6.726   -9.214  1.00 32.56 ? 94  LYS A O   1 
ATOM   647  C  CB  . LYS A 1 78 ? -5.218  5.406   -11.468 1.00 31.43 ? 94  LYS A CB  1 
ATOM   648  C  CG  . LYS A 1 78 ? -4.027  5.268   -12.411 1.00 35.42 ? 94  LYS A CG  1 
ATOM   649  C  CD  . LYS A 1 78 ? -3.103  6.478   -12.341 1.00 51.02 ? 94  LYS A CD  1 
ATOM   650  C  CE  . LYS A 1 78 ? -1.914  6.313   -13.285 1.00 43.09 ? 94  LYS A CE  1 
ATOM   651  N  NZ  . LYS A 1 78 ? -2.326  6.345   -14.725 1.00 41.15 ? 94  LYS A NZ  1 
ATOM   652  N  N   . GLU A 1 79 ? -6.644  4.603   -8.457  1.00 30.41 ? 95  GLU A N   1 
ATOM   653  C  CA  . GLU A 1 79 ? -7.863  4.738   -7.656  1.00 25.47 ? 95  GLU A CA  1 
ATOM   654  C  C   . GLU A 1 79 ? -7.557  5.261   -6.243  1.00 30.43 ? 95  GLU A C   1 
ATOM   655  O  O   . GLU A 1 79 ? -7.771  4.561   -5.254  1.00 30.89 ? 95  GLU A O   1 
ATOM   656  C  CB  . GLU A 1 79 ? -8.592  3.397   -7.587  1.00 27.82 ? 95  GLU A CB  1 
ATOM   657  C  CG  . GLU A 1 79 ? -9.129  2.852   -8.898  1.00 31.34 ? 95  GLU A CG  1 
ATOM   658  C  CD  . GLU A 1 79 ? -9.934  1.584   -8.687  1.00 40.51 ? 95  GLU A CD  1 
ATOM   659  O  OE1 . GLU A 1 79 ? -9.318  0.518   -8.485  1.00 37.64 ? 95  GLU A OE1 1 
ATOM   660  O  OE2 . GLU A 1 79 ? -11.181 1.650   -8.722  1.00 42.86 ? 95  GLU A OE2 1 
ATOM   661  N  N   . HIS A 1 80 ? -6.976  6.452   -6.182  1.00 29.86 ? 96  HIS A N   1 
ATOM   662  C  CA  . HIS A 1 80 ? -6.529  7.026   -4.919  1.00 25.23 ? 96  HIS A CA  1 
ATOM   663  C  C   . HIS A 1 80 ? -7.555  7.135   -3.800  1.00 30.93 ? 96  HIS A C   1 
ATOM   664  O  O   . HIS A 1 80 ? -7.233  6.877   -2.656  1.00 29.34 ? 96  HIS A O   1 
ATOM   665  C  CB  . HIS A 1 80 ? -5.771  8.342   -5.135  1.00 31.80 ? 96  HIS A CB  1 
ATOM   666  C  CG  . HIS A 1 80 ? -6.494  9.335   -5.984  1.00 37.36 ? 96  HIS A CG  1 
ATOM   667  N  ND1 . HIS A 1 80 ? -7.453  10.184  -5.481  1.00 33.79 ? 96  HIS A ND1 1 
ATOM   668  C  CD2 . HIS A 1 80 ? -6.382  9.631   -7.299  1.00 38.29 ? 96  HIS A CD2 1 
ATOM   669  C  CE1 . HIS A 1 80 ? -7.911  10.950  -6.453  1.00 50.43 ? 96  HIS A CE1 1 
ATOM   670  N  NE2 . HIS A 1 80 ? -7.278  10.635  -7.566  1.00 37.97 ? 96  HIS A NE2 1 
ATOM   671  N  N   . ARG A 1 81 ? -8.778  7.519   -4.123  1.00 30.66 ? 97  ARG A N   1 
ATOM   672  C  CA  . ARG A 1 81 ? -9.809  7.635   -3.105  1.00 33.95 ? 97  ARG A CA  1 
ATOM   673  C  C   . ARG A 1 81 ? -10.078 6.281   -2.459  1.00 33.95 ? 97  ARG A C   1 
ATOM   674  O  O   . ARG A 1 81 ? -10.146 6.169   -1.242  1.00 31.79 ? 97  ARG A O   1 
ATOM   675  C  CB  . ARG A 1 81 ? -11.095 8.200   -3.708  1.00 39.99 ? 97  ARG A CB  1 
ATOM   676  C  CG  . ARG A 1 81 ? -11.786 9.244   -2.854  1.00 48.38 ? 97  ARG A CG  1 
ATOM   677  C  CD  . ARG A 1 81 ? -10.948 10.500  -2.702  1.00 62.89 ? 97  ARG A CD  1 
ATOM   678  N  NE  . ARG A 1 81 ? -11.640 11.683  -3.205  1.00 74.38 ? 97  ARG A NE  1 
ATOM   679  C  CZ  . ARG A 1 81 ? -11.032 12.715  -3.780  1.00 67.03 ? 97  ARG A CZ  1 
ATOM   680  N  NH1 . ARG A 1 81 ? -9.715  12.716  -3.927  1.00 55.27 ? 97  ARG A NH1 1 
ATOM   681  N  NH2 . ARG A 1 81 ? -11.746 13.743  -4.212  1.00 67.90 ? 97  ARG A NH2 1 
ATOM   682  N  N   . LYS A 1 82 ? -10.235 5.256   -3.289  1.00 28.57 ? 98  LYS A N   1 
ATOM   683  C  CA  . LYS A 1 82 ? -10.496 3.908   -2.804  1.00 32.95 ? 98  LYS A CA  1 
ATOM   684  C  C   . LYS A 1 82 ? -9.306  3.366   -2.019  1.00 28.83 ? 98  LYS A C   1 
ATOM   685  O  O   . LYS A 1 82 ? -9.478  2.775   -0.967  1.00 29.12 ? 98  LYS A O   1 
ATOM   686  C  CB  . LYS A 1 82 ? -10.837 2.973   -3.962  1.00 31.93 ? 98  LYS A CB  1 
ATOM   687  C  CG  . LYS A 1 82 ? -11.171 1.553   -3.540  1.00 39.13 ? 98  LYS A CG  1 
ATOM   688  C  CD  . LYS A 1 82 ? -12.081 0.871   -4.548  1.00 43.90 ? 98  LYS A CD  1 
ATOM   689  C  CE  . LYS A 1 82 ? -12.698 -0.397  -3.976  1.00 56.29 ? 98  LYS A CE  1 
ATOM   690  N  NZ  . LYS A 1 82 ? -13.872 -0.134  -3.093  1.00 64.59 ? 98  LYS A NZ  1 
ATOM   691  N  N   . ILE A 1 83 ? -8.101  3.559   -2.540  1.00 24.91 ? 99  ILE A N   1 
ATOM   692  C  CA  . ILE A 1 83 ? -6.909  3.092   -1.852  1.00 25.01 ? 99  ILE A CA  1 
ATOM   693  C  C   . ILE A 1 83 ? -6.748  3.782   -0.511  1.00 25.50 ? 99  ILE A C   1 
ATOM   694  O  O   . ILE A 1 83 ? -6.426  3.131   0.490   1.00 27.52 ? 99  ILE A O   1 
ATOM   695  C  CB  . ILE A 1 83 ? -5.654  3.266   -2.728  1.00 24.06 ? 99  ILE A CB  1 
ATOM   696  C  CG1 . ILE A 1 83 ? -5.735  2.428   -4.004  1.00 28.40 ? 99  ILE A CG1 1 
ATOM   697  C  CG2 . ILE A 1 83 ? -4.399  2.904   -1.936  1.00 27.62 ? 99  ILE A CG2 1 
ATOM   698  C  CD1 . ILE A 1 83 ? -4.711  2.819   -5.041  1.00 29.63 ? 99  ILE A CD1 1 
ATOM   699  N  N   . TYR A 1 84 ? -6.962  5.099   -0.458  1.00 27.80 ? 100 TYR A N   1 
ATOM   700  C  CA  . TYR A 1 84 ? -6.814  5.782   0.819   1.00 26.09 ? 100 TYR A CA  1 
ATOM   701  C  C   . TYR A 1 84 ? -7.849  5.290   1.817   1.00 25.36 ? 100 TYR A C   1 
ATOM   702  O  O   . TYR A 1 84 ? -7.547  5.150   3.005   1.00 24.47 ? 100 TYR A O   1 
ATOM   703  C  CB  . TYR A 1 84 ? -6.919  7.298   0.671   1.00 27.73 ? 100 TYR A CB  1 
ATOM   704  C  CG  . TYR A 1 84 ? -6.667  7.961   2.005   1.00 32.24 ? 100 TYR A CG  1 
ATOM   705  C  CD1 . TYR A 1 84 ? -5.376  8.086   2.498   1.00 36.74 ? 100 TYR A CD1 1 
ATOM   706  C  CD2 . TYR A 1 84 ? -7.719  8.382   2.810   1.00 30.22 ? 100 TYR A CD2 1 
ATOM   707  C  CE1 . TYR A 1 84 ? -5.133  8.660   3.730   1.00 40.11 ? 100 TYR A CE1 1 
ATOM   708  C  CE2 . TYR A 1 84 ? -7.486  8.954   4.046   1.00 37.89 ? 100 TYR A CE2 1 
ATOM   709  C  CZ  . TYR A 1 84 ? -6.192  9.091   4.500   1.00 42.56 ? 100 TYR A CZ  1 
ATOM   710  O  OH  . TYR A 1 84 ? -5.957  9.661   5.729   1.00 50.97 ? 100 TYR A OH  1 
ATOM   711  N  N   . THR A 1 85 ? -9.073  5.021   1.360   1.00 25.55 ? 101 THR A N   1 
ATOM   712  C  CA  . THR A 1 85 ? -10.079 4.468   2.262   1.00 24.28 ? 101 THR A CA  1 
ATOM   713  C  C   . THR A 1 85 ? -9.636  3.120   2.825   1.00 28.25 ? 101 THR A C   1 
ATOM   714  O  O   . THR A 1 85 ? -9.715  2.875   4.038   1.00 26.05 ? 101 THR A O   1 
ATOM   715  C  CB  . THR A 1 85 ? -11.417 4.335   1.535   1.00 29.45 ? 101 THR A CB  1 
ATOM   716  O  OG1 . THR A 1 85 ? -11.921 5.638   1.222   1.00 30.47 ? 101 THR A OG1 1 
ATOM   717  C  CG2 . THR A 1 85 ? -12.421 3.602   2.400   1.00 29.89 ? 101 THR A CG2 1 
ATOM   718  N  N   . MET A 1 86 ? -9.164  2.228   1.949   1.00 23.19 ? 102 MET A N   1 
ATOM   719  C  CA  . MET A 1 86 ? -8.754  0.899   2.392   1.00 23.53 ? 102 MET A CA  1 
ATOM   720  C  C   . MET A 1 86 ? -7.569  0.961   3.348   1.00 24.22 ? 102 MET A C   1 
ATOM   721  O  O   . MET A 1 86 ? -7.481  0.154   4.280   1.00 23.55 ? 102 MET A O   1 
ATOM   722  C  CB  . MET A 1 86 ? -8.434  0.020   1.180   1.00 26.18 ? 102 MET A CB  1 
ATOM   723  C  CG  . MET A 1 86 ? -9.669  -0.363  0.382   1.00 28.54 ? 102 MET A CG  1 
ATOM   724  S  SD  . MET A 1 86 ? -9.361  -1.416  -1.050  1.00 28.83 ? 102 MET A SD  1 
ATOM   725  C  CE  . MET A 1 86 ? -8.226  -0.401  -1.990  1.00 33.77 ? 102 MET A CE  1 
ATOM   726  N  N   . ILE A 1 87 ? -6.657  1.909   3.138   1.00 24.71 ? 103 ILE A N   1 
ATOM   727  C  CA  . ILE A 1 87 ? -5.532  2.081   4.052   1.00 20.87 ? 103 ILE A CA  1 
ATOM   728  C  C   . ILE A 1 87 ? -6.007  2.636   5.386   1.00 21.38 ? 103 ILE A C   1 
ATOM   729  O  O   . ILE A 1 87 ? -5.623  2.148   6.455   1.00 25.49 ? 103 ILE A O   1 
ATOM   730  C  CB  . ILE A 1 87 ? -4.479  2.991   3.408   1.00 24.29 ? 103 ILE A CB  1 
ATOM   731  C  CG1 . ILE A 1 87 ? -3.904  2.283   2.190   1.00 31.00 ? 103 ILE A CG1 1 
ATOM   732  C  CG2 . ILE A 1 87 ? -3.409  3.371   4.424   1.00 32.63 ? 103 ILE A CG2 1 
ATOM   733  C  CD1 . ILE A 1 87 ? -3.106  3.159   1.330   1.00 31.07 ? 103 ILE A CD1 1 
ATOM   734  N  N   . TYR A 1 88 ? -6.847  3.671   5.338   1.00 23.98 ? 104 TYR A N   1 
ATOM   735  C  CA  . TYR A 1 88 ? -7.353  4.291   6.555   1.00 25.75 ? 104 TYR A CA  1 
ATOM   736  C  C   . TYR A 1 88 ? -8.042  3.275   7.451   1.00 26.59 ? 104 TYR A C   1 
ATOM   737  O  O   . TYR A 1 88 ? -7.904  3.319   8.681   1.00 30.37 ? 104 TYR A O   1 
ATOM   738  C  CB  . TYR A 1 88 ? -8.310  5.422   6.198   1.00 25.08 ? 104 TYR A CB  1 
ATOM   739  C  CG  . TYR A 1 88 ? -8.837  6.131   7.410   1.00 30.05 ? 104 TYR A CG  1 
ATOM   740  C  CD1 . TYR A 1 88 ? -10.042 5.757   7.985   1.00 27.75 ? 104 TYR A CD1 1 
ATOM   741  C  CD2 . TYR A 1 88 ? -8.122  7.165   7.992   1.00 39.55 ? 104 TYR A CD2 1 
ATOM   742  C  CE1 . TYR A 1 88 ? -10.526 6.398   9.101   1.00 32.17 ? 104 TYR A CE1 1 
ATOM   743  C  CE2 . TYR A 1 88 ? -8.598  7.815   9.108   1.00 37.20 ? 104 TYR A CE2 1 
ATOM   744  C  CZ  . TYR A 1 88 ? -9.799  7.427   9.657   1.00 38.58 ? 104 TYR A CZ  1 
ATOM   745  O  OH  . TYR A 1 88 ? -10.275 8.069   10.773  1.00 36.12 ? 104 TYR A OH  1 
ATOM   746  N  N   . ARG A 1 89 ? -8.774  2.342   6.845   1.00 23.86 ? 105 ARG A N   1 
ATOM   747  C  CA  . ARG A 1 89 ? -9.529  1.338   7.640   1.00 24.20 ? 105 ARG A CA  1 
ATOM   748  C  C   . ARG A 1 89 ? -8.559  0.345   8.281   1.00 29.87 ? 105 ARG A C   1 
ATOM   749  O  O   . ARG A 1 89 ? -9.017  -0.514  9.044   1.00 34.25 ? 105 ARG A O   1 
ATOM   750  C  CB  . ARG A 1 89 ? -10.512 0.595   6.733   1.00 27.39 ? 105 ARG A CB  1 
ATOM   751  C  CG  . ARG A 1 89 ? -11.786 1.374   6.450   1.00 33.45 ? 105 ARG A CG  1 
ATOM   752  C  CD  . ARG A 1 89 ? -12.601 0.735   5.348   1.00 30.73 ? 105 ARG A CD  1 
ATOM   753  N  NE  . ARG A 1 89 ? -13.764 1.549   5.036   1.00 27.58 ? 105 ARG A NE  1 
ATOM   754  C  CZ  . ARG A 1 89 ? -14.623 1.290   4.059   1.00 34.66 ? 105 ARG A CZ  1 
ATOM   755  N  NH1 . ARG A 1 89 ? -14.449 0.232   3.288   1.00 37.62 ? 105 ARG A NH1 1 
ATOM   756  N  NH2 . ARG A 1 89 ? -15.648 2.096   3.853   1.00 34.40 ? 105 ARG A NH2 1 
ATOM   757  N  N   . ASN A 1 90 ? -7.268  0.469   7.986   1.00 26.57 ? 106 ASN A N   1 
ATOM   758  C  CA  . ASN A 1 90 ? -6.296  -0.536  8.484   1.00 24.73 ? 106 ASN A CA  1 
ATOM   759  C  C   . ASN A 1 90 ? -5.249  0.135   9.370   1.00 22.29 ? 106 ASN A C   1 
ATOM   760  O  O   . ASN A 1 90 ? -4.180  -0.461  9.552   1.00 26.25 ? 106 ASN A O   1 
ATOM   761  C  CB  . ASN A 1 90 ? -5.651  -1.277  7.316   1.00 26.42 ? 106 ASN A CB  1 
ATOM   762  C  CG  . ASN A 1 90 ? -6.508  -2.427  6.836   1.00 34.97 ? 106 ASN A CG  1 
ATOM   763  O  OD1 . ASN A 1 90 ? -6.499  -3.489  7.444   1.00 41.78 ? 106 ASN A OD1 1 
ATOM   764  N  ND2 . ASN A 1 90 ? -7.248  -2.226  5.759   1.00 26.24 ? 106 ASN A ND2 1 
ATOM   765  N  N   . LEU A 1 91 ? -5.559  1.316   9.904   1.00 21.03 ? 107 LEU A N   1 
ATOM   766  C  CA  . LEU A 1 91 ? -4.617  1.988   10.836  1.00 24.95 ? 107 LEU A CA  1 
ATOM   767  C  C   . LEU A 1 91 ? -5.363  2.948   11.766  1.00 35.25 ? 107 LEU A C   1 
ATOM   768  O  O   . LEU A 1 91 ? -6.593  3.032   11.645  1.00 35.62 ? 107 LEU A O   1 
ATOM   769  C  CB  . LEU A 1 91 ? -3.442  2.610   10.056  1.00 28.07 ? 107 LEU A CB  1 
ATOM   770  C  CG  . LEU A 1 91 ? -3.621  3.591   8.889   1.00 29.94 ? 107 LEU A CG  1 
ATOM   771  C  CD1 . LEU A 1 91 ? -4.386  4.817   9.360   1.00 37.09 ? 107 LEU A CD1 1 
ATOM   772  C  CD2 . LEU A 1 91 ? -2.350  4.033   8.193   1.00 31.28 ? 107 LEU A CD2 1 
ATOM   773  N  N   . VAL A 1 92 ? -4.650  3.600   12.684  1.00 41.79 ? 108 VAL A N   1 
ATOM   774  C  CA  . VAL A 1 92 ? -5.292  4.640   13.537  1.00 34.00 ? 108 VAL A CA  1 
ATOM   775  C  C   . VAL A 1 92 ? -4.413  5.893   13.463  1.00 41.75 ? 108 VAL A C   1 
ATOM   776  O  O   . VAL A 1 92 ? -3.196  5.775   13.684  1.00 34.11 ? 108 VAL A O   1 
ATOM   777  C  CB  . VAL A 1 92 ? -5.532  4.145   14.979  1.00 34.41 ? 108 VAL A CB  1 
ATOM   778  C  CG1 . VAL A 1 92 ? -4.258  3.656   15.651  1.00 43.46 ? 108 VAL A CG1 1 
ATOM   779  C  CG2 . VAL A 1 92 ? -6.251  5.170   15.841  1.00 40.24 ? 108 VAL A CG2 1 
ATOM   780  N  N   . VAL A 1 93 ? -5.001  7.031   13.093  1.00 37.63 ? 109 VAL A N   1 
ATOM   781  C  CA  . VAL A 1 93 ? -4.232  8.309   13.064  1.00 36.70 ? 109 VAL A CA  1 
ATOM   782  C  C   . VAL A 1 93 ? -4.054  8.776   14.510  1.00 40.92 ? 109 VAL A C   1 
ATOM   783  O  O   . VAL A 1 93 ? -5.072  8.926   15.210  1.00 41.85 ? 109 VAL A O   1 
ATOM   784  C  CB  . VAL A 1 93 ? -4.934  9.369   12.196  1.00 39.40 ? 109 VAL A CB  1 
ATOM   785  C  CG1 . VAL A 1 93 ? -4.187  10.693  12.200  1.00 41.67 ? 109 VAL A CG1 1 
ATOM   786  C  CG2 . VAL A 1 93 ? -5.141  8.875   10.772  1.00 43.72 ? 109 VAL A CG2 1 
ATOM   787  N  N   . VAL A 1 94 ? -2.808  8.969   14.943  1.00 36.51 ? 110 VAL A N   1 
ATOM   788  C  CA  . VAL A 1 94 ? -2.535  9.359   16.357  1.00 41.07 ? 110 VAL A CA  1 
ATOM   789  C  C   . VAL A 1 94 ? -1.893  10.752  16.371  1.00 45.89 ? 110 VAL A C   1 
ATOM   790  O  O   . VAL A 1 94 ? -2.447  11.640  15.699  1.00 49.42 ? 110 VAL A O   1 
ATOM   791  C  CB  . VAL A 1 94 ? -1.638  8.315   17.052  1.00 42.27 ? 110 VAL A CB  1 
ATOM   792  C  CG1 . VAL A 1 94 ? -2.337  6.973   17.204  1.00 38.38 ? 110 VAL A CG1 1 
ATOM   793  C  CG2 . VAL A 1 94 ? -0.305  8.149   16.341  1.00 36.12 ? 110 VAL A CG2 1 
HETATM 794  N  N   . DPR B 2 3  ? 12.401  5.730   -13.122 1.00 47.44 ? 2   DPR B N   1 
HETATM 795  C  CA  . DPR B 2 3  ? 10.989  6.122   -13.213 1.00 42.08 ? 2   DPR B CA  1 
HETATM 796  C  CB  . DPR B 2 3  ? 10.342  5.571   -11.936 1.00 37.50 ? 2   DPR B CB  1 
HETATM 797  C  CG  . DPR B 2 3  ? 11.490  5.433   -10.974 1.00 55.00 ? 2   DPR B CG  1 
HETATM 798  C  CD  . DPR B 2 3  ? 12.659  5.044   -11.852 1.00 52.54 ? 2   DPR B CD  1 
HETATM 799  C  C   . DPR B 2 3  ? 10.310  5.509   -14.446 1.00 49.06 ? 2   DPR B C   1 
HETATM 800  O  O   . DPR B 2 3  ? 10.697  4.432   -14.849 1.00 42.46 ? 2   DPR B O   1 
HETATM 801  N  N   . DAL B 2 4  ? 9.312   6.204   -15.001 1.00 33.19 ? 3   DAL B N   1 
HETATM 802  C  CA  . DAL B 2 4  ? 8.595   5.699   -16.195 1.00 32.84 ? 3   DAL B CA  1 
HETATM 803  C  CB  . DAL B 2 4  ? 7.671   6.766   -16.726 1.00 35.23 ? 3   DAL B CB  1 
HETATM 804  C  C   . DAL B 2 4  ? 7.821   4.440   -15.809 1.00 36.64 ? 3   DAL B C   1 
HETATM 805  O  O   . DAL B 2 4  ? 7.735   3.522   -16.641 1.00 40.27 ? 3   DAL B O   1 
HETATM 806  N  N   . DHI B 2 5  ? 7.277   4.418   -14.593 1.00 31.65 ? 4   DHI B N   1 
HETATM 807  C  CA  . DHI B 2 5  ? 6.531   3.233   -14.101 1.00 30.73 ? 4   DHI B CA  1 
HETATM 808  C  C   . DHI B 2 5  ? 6.947   2.953   -12.657 1.00 39.50 ? 4   DHI B C   1 
HETATM 809  O  O   . DHI B 2 5  ? 7.405   3.893   -11.991 1.00 38.51 ? 4   DHI B O   1 
HETATM 810  C  CB  . DHI B 2 5  ? 5.027   3.501   -14.144 1.00 35.43 ? 4   DHI B CB  1 
HETATM 811  C  CG  . DHI B 2 5  ? 4.540   4.170   -15.382 1.00 37.23 ? 4   DHI B CG  1 
HETATM 812  N  ND1 . DHI B 2 5  ? 4.216   5.510   -15.417 1.00 51.34 ? 4   DHI B ND1 1 
HETATM 813  C  CD2 . DHI B 2 5  ? 4.295   3.693   -16.620 1.00 44.57 ? 4   DHI B CD2 1 
HETATM 814  C  CE1 . DHI B 2 5  ? 3.596   5.774   -16.547 1.00 60.45 ? 4   DHI B CE1 1 
HETATM 815  N  NE2 . DHI B 2 5  ? 3.617   4.667   -17.298 1.00 62.33 ? 4   DHI B NE2 1 
HETATM 816  N  N   . DTR B 2 6  ? 6.788   1.710   -12.197 1.00 29.23 ? 5   DTR B N   1 
HETATM 817  C  CA  . DTR B 2 6  ? 7.160   1.353   -10.843 1.00 34.87 ? 5   DTR B CA  1 
HETATM 818  C  CB  . DTR B 2 6  ? 6.945   -0.144  -10.598 1.00 32.70 ? 5   DTR B CB  1 
HETATM 819  C  CG  . DTR B 2 6  ? 5.502   -0.576  -10.508 1.00 30.82 ? 5   DTR B CG  1 
HETATM 820  C  CD1 . DTR B 2 6  ? 4.759   -1.171  -11.488 1.00 34.03 ? 5   DTR B CD1 1 
HETATM 821  N  NE1 . DTR B 2 6  ? 3.488   -1.429  -11.030 1.00 28.20 ? 5   DTR B NE1 1 
HETATM 822  C  CE2 . DTR B 2 6  ? 3.391   -1.002  -9.731  1.00 27.65 ? 5   DTR B CE2 1 
HETATM 823  C  CZ2 . DTR B 2 6  ? 2.316   -1.045  -8.850  1.00 29.80 ? 5   DTR B CZ2 1 
HETATM 824  C  CH2 . DTR B 2 6  ? 2.511   -0.537  -7.595  1.00 26.35 ? 5   DTR B CH2 1 
HETATM 825  C  CZ3 . DTR B 2 6  ? 3.741   0.002   -7.208  1.00 27.84 ? 5   DTR B CZ3 1 
HETATM 826  C  CE3 . DTR B 2 6  ? 4.802   0.049   -8.078  1.00 30.54 ? 5   DTR B CE3 1 
HETATM 827  C  CD2 . DTR B 2 6  ? 4.641   -0.464  -9.367  1.00 28.58 ? 5   DTR B CD2 1 
HETATM 828  C  C   . DTR B 2 6  ? 6.383   2.175   -9.817  1.00 30.13 ? 5   DTR B C   1 
HETATM 829  O  O   . DTR B 2 6  ? 6.878   2.426   -8.722  1.00 32.51 ? 5   DTR B O   1 
HETATM 830  N  N   . DTY B 2 7  ? 5.173   2.595   -10.177 1.00 28.45 ? 6   DTY B N   1 
HETATM 831  C  CA  . DTY B 2 7  ? 4.249   3.196   -9.217  1.00 30.18 ? 6   DTY B CA  1 
HETATM 832  C  C   . DTY B 2 7  ? 4.222   4.714   -9.249  1.00 26.19 ? 6   DTY B C   1 
HETATM 833  O  O   . DTY B 2 7  ? 3.303   5.318   -8.694  1.00 28.38 ? 6   DTY B O   1 
HETATM 834  C  CB  . DTY B 2 7  ? 2.833   2.689   -9.482  1.00 28.77 ? 6   DTY B CB  1 
HETATM 835  C  CG  . DTY B 2 7  ? 2.403   2.916   -10.909 1.00 28.21 ? 6   DTY B CG  1 
HETATM 836  C  CD1 . DTY B 2 7  ? 2.000   4.174   -11.344 1.00 35.63 ? 6   DTY B CD1 1 
HETATM 837  C  CD2 . DTY B 2 7  ? 2.420   1.881   -11.828 1.00 32.32 ? 6   DTY B CD2 1 
HETATM 838  C  CE1 . DTY B 2 7  ? 1.624   4.390   -12.647 1.00 27.81 ? 6   DTY B CE1 1 
HETATM 839  C  CE2 . DTY B 2 7  ? 2.039   2.086   -13.136 1.00 32.72 ? 6   DTY B CE2 1 
HETATM 840  C  CZ  . DTY B 2 7  ? 1.643   3.342   -13.541 1.00 31.86 ? 6   DTY B CZ  1 
HETATM 841  O  OH  . DTY B 2 7  ? 1.264   3.550   -14.845 1.00 42.81 ? 6   DTY B OH  1 
HETATM 842  N  N   . DCY B 2 8  ? 5.189   5.326   -9.923  1.00 27.49 ? 7   DCY B N   1 
HETATM 843  C  CA  . DCY B 2 8  ? 5.208   6.778   -10.048 1.00 27.01 ? 7   DCY B CA  1 
HETATM 844  C  C   . DCY B 2 8  ? 5.104   7.442   -8.681  1.00 35.90 ? 7   DCY B C   1 
HETATM 845  O  O   . DCY B 2 8  ? 4.236   8.284   -8.455  1.00 30.50 ? 7   DCY B O   1 
HETATM 846  C  CB  . DCY B 2 8  ? 6.462   7.251   -10.786 1.00 29.48 ? 7   DCY B CB  1 
HETATM 847  S  SG  . DCY B 2 8  ? 6.428   6.944   -12.569 1.00 31.78 ? 7   DCY B SG  1 
HETATM 848  N  N   . DAS B 2 9  ? 5.971   7.029   -7.763  1.00 33.28 ? 8   DAS B N   1 
HETATM 849  C  CA  . DAS B 2 9  ? 5.962   7.579   -6.415  1.00 25.00 ? 8   DAS B CA  1 
HETATM 850  C  C   . DAS B 2 9  ? 4.716   7.169   -5.647  1.00 32.85 ? 8   DAS B C   1 
HETATM 851  O  O   . DAS B 2 9  ? 4.047   8.009   -5.046  1.00 32.64 ? 8   DAS B O   1 
HETATM 852  C  CB  . DAS B 2 9  ? 7.230   7.178   -5.664  1.00 37.01 ? 8   DAS B CB  1 
HETATM 853  C  CG  . DAS B 2 9  ? 8.470   7.823   -6.248  1.00 78.67 ? 8   DAS B CG  1 
HETATM 854  O  OD1 . DAS B 2 9  ? 8.343   8.524   -7.274  1.00 66.96 ? 8   DAS B OD1 1 
HETATM 855  O  OD2 . DAS B 2 9  ? 9.567   7.636   -5.684  1.00 93.43 ? 8   DAS B OD2 1 
HETATM 856  N  N   . DPN B 2 10 ? 4.398   5.880   -5.691  1.00 28.02 ? 9   DPN B N   1 
HETATM 857  C  CA  . DPN B 2 10 ? 3.247   5.345   -4.976  1.00 27.51 ? 9   DPN B CA  1 
HETATM 858  C  C   . DPN B 2 10 ? 1.933   6.019   -5.367  1.00 28.88 ? 9   DPN B C   1 
HETATM 859  O  O   . DPN B 2 10 ? 1.187   6.481   -4.503  1.00 26.87 ? 9   DPN B O   1 
HETATM 860  C  CB  . DPN B 2 10 ? 3.136   3.838   -5.202  1.00 26.60 ? 9   DPN B CB  1 
HETATM 861  C  CG  . DPN B 2 10 ? 1.945   3.223   -4.539  1.00 25.99 ? 9   DPN B CG  1 
HETATM 862  C  CD1 . DPN B 2 10 ? 1.923   3.043   -3.167  1.00 25.33 ? 9   DPN B CD1 1 
HETATM 863  C  CD2 . DPN B 2 10 ? 0.842   2.835   -5.283  1.00 27.13 ? 9   DPN B CD2 1 
HETATM 864  C  CE1 . DPN B 2 10 ? 0.827   2.482   -2.549  1.00 26.31 ? 9   DPN B CE1 1 
HETATM 865  C  CE2 . DPN B 2 10 ? -0.260  2.273   -4.670  1.00 27.31 ? 9   DPN B CE2 1 
HETATM 866  C  CZ  . DPN B 2 10 ? -0.267  2.095   -3.299  1.00 25.70 ? 9   DPN B CZ  1 
HETATM 867  N  N   . DAL B 2 11 ? 1.654   6.068   -6.665  1.00 26.59 ? 10  DAL B N   1 
HETATM 868  C  CA  . DAL B 2 11 ? 0.409   6.646   -7.158  1.00 29.18 ? 10  DAL B CA  1 
HETATM 869  C  CB  . DAL B 2 11 ? 0.286   6.442   -8.656  1.00 26.47 ? 10  DAL B CB  1 
HETATM 870  C  C   . DAL B 2 11 ? 0.320   8.126   -6.815  1.00 24.36 ? 10  DAL B C   1 
HETATM 871  O  O   . DAL B 2 11 ? -0.746  8.628   -6.458  1.00 26.06 ? 10  DAL B O   1 
HETATM 872  N  N   . DAL B 2 12 ? 1.447   8.820   -6.926  1.00 27.21 ? 11  DAL B N   1 
HETATM 873  C  CA  . DAL B 2 12 ? 1.497   10.237  -6.600  1.00 24.51 ? 11  DAL B CA  1 
HETATM 874  C  CB  . DAL B 2 12 ? 2.844   10.828  -6.985  1.00 29.91 ? 11  DAL B CB  1 
HETATM 875  C  C   . DAL B 2 12 ? 1.212   10.461  -5.119  1.00 28.05 ? 11  DAL B C   1 
HETATM 876  O  O   . DAL B 2 12 ? 0.447   11.356  -4.760  1.00 33.56 ? 11  DAL B O   1 
HETATM 877  N  N   . DGN B 2 13 ? 1.809   9.642   -4.260  1.00 25.64 ? 12  DGN B N   1 
HETATM 878  C  CA  . DGN B 2 13 ? 1.621   9.829   -2.824  1.00 26.56 ? 12  DGN B CA  1 
HETATM 879  C  C   . DGN B 2 13 ? 0.220   9.492   -2.314  1.00 31.36 ? 12  DGN B C   1 
HETATM 880  O  O   . DGN B 2 13 ? -0.288  10.188  -1.442  1.00 34.09 ? 12  DGN B O   1 
HETATM 881  C  CB  . DGN B 2 13 ? 2.694   9.111   -1.996  1.00 32.03 ? 12  DGN B CB  1 
HETATM 882  C  CG  . DGN B 2 13 ? 4.030   9.849   -1.909  1.00 44.39 ? 12  DGN B CG  1 
HETATM 883  C  CD  . DGN B 2 13 ? 3.952   11.180  -1.163  1.00 61.42 ? 12  DGN B CD  1 
HETATM 884  O  OE1 . DGN B 2 13 ? 2.874   11.655  -0.803  1.00 50.27 ? 12  DGN B OE1 1 
HETATM 885  N  NE2 . DGN B 2 13 ? 5.108   11.785  -0.930  1.00 68.95 ? 12  DGN B NE2 1 
HETATM 886  N  N   . DVA B 2 14 ? -0.411  8.443   -2.833  1.00 26.55 ? 13  DVA B N   1 
HETATM 887  C  CA  . DVA B 2 14 ? -1.772  8.146   -2.389  1.00 26.13 ? 13  DVA B CA  1 
HETATM 888  C  CB  . DVA B 2 14 ? -2.262  6.738   -2.799  1.00 30.06 ? 13  DVA B CB  1 
HETATM 889  C  CG1 . DVA B 2 14 ? -3.553  6.406   -2.061  1.00 36.24 ? 13  DVA B CG1 1 
HETATM 890  C  CG2 . DVA B 2 14 ? -2.477  6.647   -4.303  1.00 34.31 ? 13  DVA B CG2 1 
HETATM 891  C  C   . DVA B 2 14 ? -2.725  9.238   -2.858  1.00 39.47 ? 13  DVA B C   1 
HETATM 892  O  O   . DVA B 2 14 ? -3.703  9.556   -2.184  1.00 33.56 ? 13  DVA B O   1 
HETATM 893  N  N   . DCY B 2 15 ? -2.417  9.816   -4.014  1.00 31.58 ? 14  DCY B N   1 
HETATM 894  C  CA  . DCY B 2 15 ? -3.219  10.885  -4.587  1.00 34.55 ? 14  DCY B CA  1 
HETATM 895  C  C   . DCY B 2 15 ? -3.161  12.105  -3.673  1.00 37.80 ? 14  DCY B C   1 
HETATM 896  O  O   . DCY B 2 15 ? -4.140  12.837  -3.521  1.00 32.60 ? 14  DCY B O   1 
HETATM 897  C  CB  . DCY B 2 15 ? -2.697  11.222  -5.987  1.00 32.59 ? 14  DCY B CB  1 
HETATM 898  S  SG  . DCY B 2 15 ? -3.568  12.547  -6.841  1.00 32.74 ? 14  DCY B SG  1 
HETATM 899  N  N   . DSG B 2 16 ? -1.999  12.289  -3.052  1.00 30.78 ? 15  DSG B N   1 
HETATM 900  C  CA  . DSG B 2 16 ? -1.754  13.374  -2.110  1.00 34.29 ? 15  DSG B CA  1 
HETATM 901  C  C   . DSG B 2 16 ? -2.647  13.296  -0.881  1.00 41.04 ? 15  DSG B C   1 
HETATM 902  O  O   . DSG B 2 16 ? -3.185  14.305  -0.427  1.00 41.83 ? 15  DSG B O   1 
HETATM 903  C  CB  . DSG B 2 16 ? -0.304  13.315  -1.641  1.00 40.17 ? 15  DSG B CB  1 
HETATM 904  C  CG  . DSG B 2 16 ? 0.401   14.640  -1.765  1.00 61.04 ? 15  DSG B CG  1 
HETATM 905  O  OD1 . DSG B 2 16 ? 0.009   15.628  -1.145  1.00 60.87 ? 15  DSG B OD1 1 
HETATM 906  N  ND2 . DSG B 2 16 ? 1.464   14.667  -2.558  1.00 65.71 ? 15  DSG B ND2 1 
HETATM 907  N  N   . DPN B 2 17 ? -2.785  12.098  -0.329  1.00 35.36 ? 16  DPN B N   1 
HETATM 908  C  CA  . DPN B 2 17 ? -3.501  11.935  0.926   1.00 39.53 ? 16  DPN B CA  1 
HETATM 909  C  C   . DPN B 2 17 ? -4.976  11.754  0.708   1.00 37.51 ? 16  DPN B C   1 
HETATM 910  O  O   . DPN B 2 17 ? -5.790  12.056  1.579   1.00 50.57 ? 16  DPN B O   1 
HETATM 911  C  CB  . DPN B 2 17 ? -2.902  10.792  1.722   1.00 36.35 ? 16  DPN B CB  1 
HETATM 912  C  CG  . DPN B 2 17 ? -1.610  11.156  2.335   1.00 35.11 ? 16  DPN B CG  1 
HETATM 913  C  CD1 . DPN B 2 17 ? -1.581  11.783  3.563   1.00 36.29 ? 16  DPN B CD1 1 
HETATM 914  C  CD2 . DPN B 2 17 ? -0.427  10.961  1.649   1.00 34.64 ? 16  DPN B CD2 1 
HETATM 915  C  CE1 . DPN B 2 17 ? -0.391  12.162  4.126   1.00 34.06 ? 16  DPN B CE1 1 
HETATM 916  C  CE2 . DPN B 2 17 ? 0.770   11.338  2.205   1.00 40.32 ? 16  DPN B CE2 1 
HETATM 917  C  CZ  . DPN B 2 17 ? 0.789   11.940  3.449   1.00 39.77 ? 16  DPN B CZ  1 
HETATM 918  N  N   . DSN B 2 18 ? -5.311  11.270  -0.474  1.00 30.60 ? 17  DSN B N   1 
HETATM 919  C  CA  . DSN B 2 18 ? -6.688  11.185  -0.887  1.00 34.41 ? 17  DSN B CA  1 
HETATM 920  C  C   . DSN B 2 18 ? -7.229  12.586  -1.137  1.00 38.59 ? 17  DSN B C   1 
HETATM 921  O  O   . DSN B 2 18 ? -8.324  12.919  -0.683  1.00 33.96 ? 17  DSN B O   1 
HETATM 922  C  CB  . DSN B 2 18 ? -6.768  10.353  -2.152  1.00 33.74 ? 17  DSN B CB  1 
HETATM 923  O  OG  . DSN B 2 18 ? -8.046  10.406  -2.698  1.00 32.78 ? 17  DSN B OG  1 
HETATM 924  N  N   . NH2 B 2 19 ? -6.284  13.465  -1.757  1.00 42.29 ? 18  NH2 B N   1 
HETATM 925  CL CL  . CL  C 3 .  ? -5.862  -6.200  11.035  1.00 42.67 ? 201 CL  A CL  1 
HETATM 926  C  CA  . WHL D 4 .  ? 2.243   10.946  -10.677 1.00 28.92 ? 101 WHL B CA  1 
HETATM 927  C  CB  . WHL D 4 .  ? 1.018   11.297  -10.140 1.00 30.09 ? 101 WHL B CB  1 
HETATM 928  N  NB  . WHL D 4 .  ? -1.369  10.754  -9.762  1.00 27.07 ? 101 WHL B NB  1 
HETATM 929  O  OB  . WHL D 4 .  ? 3.281   7.658   -13.273 1.00 32.64 ? 101 WHL B OB  1 
HETATM 930  C  CG  . WHL D 4 .  ? 4.091   8.413   -12.854 1.00 32.58 ? 101 WHL B CG  1 
HETATM 931  C  CD  . WHL D 4 .  ? 0.115   9.249   -10.992 1.00 25.70 ? 101 WHL B CD  1 
HETATM 932  C  CE  . WHL D 4 .  ? 1.346   8.898   -11.529 1.00 29.63 ? 101 WHL B CE  1 
HETATM 933  C  CH  . WHL D 4 .  ? 5.546   8.282   -13.303 1.00 42.22 ? 101 WHL B CH  1 
HETATM 934  C  CC  . WHL D 4 .  ? -0.052  10.438  -10.295 1.00 27.56 ? 101 WHL B CC  1 
HETATM 935  C  CF  . WHL D 4 .  ? 2.421   9.755   -11.370 1.00 28.47 ? 101 WHL B CF  1 
HETATM 936  C  CJ  . WHL D 4 .  ? -1.713  11.866  -8.888  1.00 28.98 ? 101 WHL B CJ  1 
HETATM 937  C  CK  . WHL D 4 .  ? -3.175  11.999  -8.469  1.00 32.66 ? 101 WHL B CK  1 
HETATM 938  N  NA  . WHL D 4 .  ? 3.749   9.469   -11.904 1.00 26.60 ? 101 WHL B NA  1 
HETATM 939  O  OA  . WHL D 4 .  ? -0.913  12.652  -8.497  1.00 30.13 ? 101 WHL B OA  1 
HETATM 940  O  O   . HOH E 5 .  ? 2.684   -9.770  -11.740 1.00 30.80 ? 301 HOH A O   1 
HETATM 941  O  O   . HOH E 5 .  ? -7.655  11.010  6.810   1.00 44.48 ? 302 HOH A O   1 
HETATM 942  O  O   . HOH E 5 .  ? 4.212   -12.916 -5.635  1.00 54.52 ? 303 HOH A O   1 
HETATM 943  O  O   . HOH E 5 .  ? 6.366   -0.223  -14.530 1.00 40.59 ? 304 HOH A O   1 
HETATM 944  O  O   . HOH E 5 .  ? 7.708   10.369  6.271   1.00 44.95 ? 305 HOH A O   1 
HETATM 945  O  O   . HOH E 5 .  ? -6.801  2.897   -13.650 1.00 48.65 ? 306 HOH A O   1 
HETATM 946  O  O   . HOH E 5 .  ? 11.065  3.520   7.928   1.00 40.75 ? 307 HOH A O   1 
HETATM 947  O  O   . HOH E 5 .  ? -7.605  -12.563 0.101   1.00 44.32 ? 308 HOH A O   1 
HETATM 948  O  O   . HOH E 5 .  ? 4.609   -12.394 6.017   1.00 50.71 ? 309 HOH A O   1 
HETATM 949  O  O   . HOH E 5 .  ? -5.048  -6.702  -15.903 1.00 54.18 ? 310 HOH A O   1 
HETATM 950  O  O   . HOH E 5 .  ? -8.339  -5.279  7.513   1.00 37.67 ? 311 HOH A O   1 
HETATM 951  O  O   . HOH E 5 .  ? -8.947  4.054   10.988  1.00 47.02 ? 312 HOH A O   1 
HETATM 952  O  O   . HOH E 5 .  ? 12.805  -0.476  2.236   1.00 35.86 ? 313 HOH A O   1 
HETATM 953  O  O   . HOH E 5 .  ? -9.887  -16.043 -3.403  1.00 31.24 ? 314 HOH A O   1 
HETATM 954  O  O   . HOH E 5 .  ? 8.629   -4.072  -9.837  1.00 49.31 ? 315 HOH A O   1 
HETATM 955  O  O   . HOH E 5 .  ? -11.493 -0.316  10.103  1.00 49.97 ? 316 HOH A O   1 
HETATM 956  O  O   . HOH E 5 .  ? 12.840  -1.943  4.750   1.00 39.92 ? 317 HOH A O   1 
HETATM 957  O  O   . HOH E 5 .  ? -3.156  7.412   -7.514  1.00 29.18 ? 318 HOH A O   1 
HETATM 958  O  O   . HOH E 5 .  ? -3.581  4.109   -15.726 1.00 50.15 ? 319 HOH A O   1 
HETATM 959  O  O   . HOH E 5 .  ? -7.914  -11.388 -8.416  0.60 40.06 ? 320 HOH A O   1 
HETATM 960  O  O   . HOH E 5 .  ? -4.561  -4.280  9.254   1.00 45.25 ? 321 HOH A O   1 
HETATM 961  O  O   . HOH E 5 .  ? 1.096   -7.993  13.113  1.00 47.01 ? 322 HOH A O   1 
HETATM 962  O  O   . HOH E 5 .  ? 1.026   -13.795 -3.010  1.00 45.77 ? 323 HOH A O   1 
HETATM 963  O  O   . HOH E 5 .  ? -6.126  -15.509 4.142   1.00 60.89 ? 324 HOH A O   1 
HETATM 964  O  O   . HOH E 5 .  ? -3.541  -14.943 2.466   1.00 50.27 ? 325 HOH A O   1 
HETATM 965  O  O   . HOH E 5 .  ? 12.350  -1.129  11.591  1.00 52.10 ? 326 HOH A O   1 
HETATM 966  O  O   . HOH E 5 .  ? 11.444  7.519   7.064   1.00 41.72 ? 327 HOH A O   1 
HETATM 967  O  O   . HOH E 5 .  ? -7.512  0.267   -16.137 1.00 54.37 ? 328 HOH A O   1 
HETATM 968  O  O   . HOH E 5 .  ? 3.500   -12.433 -8.471  1.00 35.53 ? 329 HOH A O   1 
HETATM 969  O  O   . HOH E 5 .  ? 6.372   2.965   -2.825  1.00 37.09 ? 330 HOH A O   1 
HETATM 970  O  O   . HOH E 5 .  ? 0.271   -13.465 1.627   1.00 33.64 ? 331 HOH A O   1 
HETATM 971  O  O   . HOH E 5 .  ? -0.646  12.737  13.517  1.00 52.04 ? 332 HOH A O   1 
HETATM 972  O  O   . HOH E 5 .  ? -8.903  -13.719 -2.131  1.00 42.89 ? 333 HOH A O   1 
HETATM 973  O  O   . HOH E 5 .  ? -9.071  -10.388 -1.485  1.00 43.59 ? 334 HOH A O   1 
HETATM 974  O  O   . HOH E 5 .  ? 5.365   7.590   -0.105  1.00 38.54 ? 335 HOH A O   1 
HETATM 975  O  O   . HOH E 5 .  ? -10.341 -11.849 -3.227  1.00 41.81 ? 336 HOH A O   1 
HETATM 976  O  O   . HOH E 5 .  ? -14.134 5.566   -0.836  1.00 49.61 ? 337 HOH A O   1 
HETATM 977  O  O   . HOH E 5 .  ? 1.738   -10.521 -13.801 1.00 46.52 ? 338 HOH A O   1 
HETATM 978  O  O   . HOH E 5 .  ? -10.982 5.879   -6.238  1.00 31.32 ? 339 HOH A O   1 
HETATM 979  O  O   . HOH E 5 .  ? 0.338   -10.372 -10.971 1.00 48.40 ? 340 HOH A O   1 
HETATM 980  O  O   . HOH E 5 .  ? 2.534   -3.732  19.471  1.00 56.29 ? 341 HOH A O   1 
HETATM 981  O  O   . HOH E 5 .  ? -7.014  -6.966  -18.353 1.00 55.06 ? 342 HOH A O   1 
HETATM 982  O  O   . HOH E 5 .  ? -1.324  -13.789 7.269   1.00 54.65 ? 343 HOH A O   1 
HETATM 983  O  O   . HOH E 5 .  ? 7.972   7.416   13.383  1.00 57.62 ? 344 HOH A O   1 
HETATM 984  O  O   . HOH E 5 .  ? -10.133 -2.161  3.950   1.00 43.63 ? 345 HOH A O   1 
HETATM 985  O  O   . HOH E 5 .  ? -12.774 6.432   12.046  1.00 38.06 ? 346 HOH A O   1 
HETATM 986  O  O   . HOH E 5 .  ? 7.468   -12.461 5.386   1.00 51.92 ? 347 HOH A O   1 
HETATM 987  O  O   . HOH E 5 .  ? 3.343   -11.857 2.912   1.00 49.18 ? 348 HOH A O   1 
HETATM 988  O  O   . HOH E 5 .  ? -9.182  -3.529  -11.036 1.00 49.15 ? 349 HOH A O   1 
HETATM 989  O  O   . HOH E 5 .  ? 3.999   -11.740 -11.594 1.00 52.12 ? 350 HOH A O   1 
HETATM 990  O  O   . HOH E 5 .  ? 3.047   11.772  6.447   1.00 36.42 ? 351 HOH A O   1 
HETATM 991  O  O   . HOH E 5 .  ? -6.162  7.920   18.357  1.00 48.59 ? 352 HOH A O   1 
HETATM 992  O  O   . HOH E 5 .  ? 11.513  1.135   9.529   1.00 44.68 ? 353 HOH A O   1 
HETATM 993  O  O   . HOH E 5 .  ? -10.766 -3.407  6.026   1.00 48.34 ? 354 HOH A O   1 
HETATM 994  O  O   . HOH E 5 .  ? 6.995   -13.041 -4.015  1.00 50.52 ? 355 HOH A O   1 
HETATM 995  O  O   . HOH E 5 .  ? -9.582  -10.062 -9.948  0.61 42.62 ? 356 HOH A O   1 
HETATM 996  O  O   . HOH E 5 .  ? -11.451 2.718   10.365  1.00 43.66 ? 357 HOH A O   1 
HETATM 997  O  O   . HOH E 5 .  ? -6.132  4.102   -15.805 1.00 51.25 ? 358 HOH A O   1 
HETATM 998  O  O   . HOH F 5 .  ? 2.963   14.567  -4.346  1.00 46.26 ? 201 HOH B O   1 
HETATM 999  O  O   . HOH F 5 .  ? 6.332   3.858   -6.593  1.00 30.50 ? 202 HOH B O   1 
HETATM 1000 O  O   . HOH F 5 .  ? -6.062  12.518  4.179   1.00 44.54 ? 203 HOH B O   1 
HETATM 1001 O  O   . HOH F 5 .  ? 6.268   10.236  -7.906  1.00 48.61 ? 204 HOH B O   1 
HETATM 1002 O  O   . HOH F 5 .  ? -3.196  8.648   -9.890  1.00 31.52 ? 205 HOH B O   1 
HETATM 1003 O  O   . HOH F 5 .  ? 0.557   1.333   -16.577 1.00 48.08 ? 206 HOH B O   1 
HETATM 1004 O  O   . HOH F 5 .  ? 9.875   1.836   -13.827 1.00 42.99 ? 207 HOH B O   1 
HETATM 1005 O  O   . HOH F 5 .  ? 5.480   5.860   -2.411  1.00 38.77 ? 208 HOH B O   1 
HETATM 1006 O  O   . HOH F 5 .  ? 8.898   0.298   -15.641 1.00 52.79 ? 209 HOH B O   1 
# 
